data_4WSW
#
_entry.id   4WSW
#
_cell.length_a   71.917
_cell.length_b   144.629
_cell.length_c   209.662
_cell.angle_alpha   90.00
_cell.angle_beta   90.00
_cell.angle_gamma   90.00
#
_symmetry.space_group_name_H-M   'P 21 21 21'
#
loop_
_entity.id
_entity.type
_entity.pdbx_description
1 polymer 'Hemagglutinin HA1 chain'
2 polymer 'Hemagglutinin HA2 chain'
3 non-polymer 2-acetamido-2-deoxy-beta-D-glucopyranose
#
loop_
_entity_poly.entity_id
_entity_poly.type
_entity_poly.pdbx_seq_one_letter_code
_entity_poly.pdbx_strand_id
1 'polypeptide(L)'
;ADPGDKICLGHHAVSNGTIVKTLTNEKEEVTNATETVESKSLDKLCMKSRNYKDLGSCHPIGMVIGTPACDLHLTGTWDT
LIERDNSIAYCYPGATVNEEALRQKIMESGGIDKISTGFTYGSSINSAGTTKACMRNGGNSFYAELKWLVSKSKGQNFPQ
TTNTYRNTDSAEHLIIWGIHHPSSTQEKNDLYGTQSLSISVGSSTYQNNFVPVVGARPQVNGQSGRIDFHWTMVQPGDNI
TFSHNGGLIAPSRVSKLKGRGLGIQSGASVDNDCESKCFWKGGSINTKLPFQNLSPRTVGQCPKYVNKKSLLLATGMRNV
PEVVQGR
;
A,C,E
2 'polypeptide(L)'
;GLFGAIAGFIENGWEGMVDGWYGFRHQNAQGTGQAADYKSTQAAIDQITGKLNRLIEKTNTEFESIESEFSEIEHQIGNI
INWTKDSITDIWTYQAELLVAMENQHTIDMADSEMLNLYERVRKQLRQNAEEDGKGCFEIYHKCDDNCMESIRNNTYDHT
QYREEALLNRLNINSGRLVPRG
;
B,D,F
#
# COMPACT_ATOMS: atom_id res chain seq x y z
N GLY A 4 -14.09 -38.38 52.01
CA GLY A 4 -14.43 -36.93 52.13
C GLY A 4 -15.48 -36.48 51.14
N ASP A 5 -16.23 -35.44 51.50
CA ASP A 5 -17.17 -34.79 50.58
C ASP A 5 -16.34 -33.98 49.60
N LYS A 6 -16.87 -33.78 48.40
CA LYS A 6 -16.08 -33.17 47.32
C LYS A 6 -16.78 -32.02 46.61
N ILE A 7 -15.99 -31.03 46.22
CA ILE A 7 -16.47 -30.01 45.35
C ILE A 7 -15.50 -29.90 44.21
N CYS A 8 -16.05 -29.90 43.00
CA CYS A 8 -15.26 -29.95 41.77
C CYS A 8 -15.51 -28.72 40.93
N LEU A 9 -14.45 -28.18 40.33
CA LEU A 9 -14.60 -27.01 39.44
C LEU A 9 -14.44 -27.43 38.01
N GLY A 10 -15.23 -26.82 37.13
CA GLY A 10 -15.24 -27.20 35.73
C GLY A 10 -15.81 -26.14 34.80
N HIS A 11 -15.68 -26.40 33.51
CA HIS A 11 -16.21 -25.52 32.47
C HIS A 11 -17.19 -26.27 31.61
N HIS A 12 -17.89 -25.53 30.74
CA HIS A 12 -18.89 -26.13 29.88
C HIS A 12 -18.27 -26.66 28.59
N ALA A 13 -19.07 -27.42 27.85
CA ALA A 13 -18.70 -27.86 26.50
C ALA A 13 -19.96 -28.02 25.67
N VAL A 14 -19.76 -28.23 24.38
CA VAL A 14 -20.89 -28.47 23.49
C VAL A 14 -20.56 -29.62 22.59
N SER A 15 -21.63 -30.30 22.16
CA SER A 15 -21.50 -31.37 21.21
C SER A 15 -21.31 -30.79 19.80
N ASN A 16 -21.84 -29.59 19.56
CA ASN A 16 -21.78 -28.95 18.17
C ASN A 16 -20.60 -27.97 17.97
N GLY A 17 -19.40 -28.54 17.99
CA GLY A 17 -18.17 -27.75 18.06
C GLY A 17 -17.79 -26.99 16.79
N THR A 18 -16.91 -25.99 16.92
CA THR A 18 -16.49 -25.22 15.76
C THR A 18 -14.98 -25.13 15.66
N ILE A 19 -14.48 -25.05 14.45
CA ILE A 19 -13.04 -25.00 14.23
C ILE A 19 -12.53 -23.61 13.86
N VAL A 20 -11.42 -23.20 14.44
CA VAL A 20 -10.80 -21.90 14.13
C VAL A 20 -9.29 -22.04 14.09
N LYS A 21 -8.61 -20.95 13.77
CA LYS A 21 -7.17 -20.95 13.63
C LYS A 21 -6.59 -20.06 14.73
N THR A 22 -5.43 -20.47 15.23
CA THR A 22 -4.65 -19.70 16.19
C THR A 22 -3.23 -19.60 15.68
N LEU A 23 -2.33 -19.13 16.52
CA LEU A 23 -0.91 -18.98 16.17
C LEU A 23 -0.21 -20.32 16.11
N THR A 24 -0.77 -21.26 16.85
CA THR A 24 -0.17 -22.53 17.11
C THR A 24 -0.81 -23.61 16.29
N ASN A 25 -2.09 -23.44 16.02
CA ASN A 25 -2.91 -24.54 15.58
C ASN A 25 -3.86 -24.05 14.52
N GLU A 26 -3.99 -24.83 13.45
CA GLU A 26 -4.87 -24.47 12.36
C GLU A 26 -6.28 -25.06 12.50
N LYS A 27 -6.45 -26.00 13.43
CA LYS A 27 -7.77 -26.56 13.79
C LYS A 27 -8.03 -26.60 15.29
N GLU A 28 -8.46 -25.50 15.91
CA GLU A 28 -8.86 -25.55 17.32
C GLU A 28 -10.38 -25.59 17.45
N GLU A 29 -10.93 -26.63 18.11
CA GLU A 29 -12.37 -26.68 18.41
C GLU A 29 -12.62 -25.63 19.48
N VAL A 30 -13.59 -24.76 19.25
CA VAL A 30 -14.05 -23.90 20.28
C VAL A 30 -15.56 -24.06 20.33
N THR A 31 -16.16 -23.52 21.38
CA THR A 31 -17.57 -23.69 21.62
C THR A 31 -18.38 -22.88 20.64
N ASN A 32 -17.92 -21.70 20.24
CA ASN A 32 -18.66 -20.86 19.30
C ASN A 32 -17.68 -19.98 18.56
N ALA A 33 -18.12 -19.46 17.42
CA ALA A 33 -17.27 -18.54 16.67
C ALA A 33 -18.13 -17.76 15.71
N THR A 34 -17.61 -16.64 15.23
CA THR A 34 -18.36 -15.79 14.35
C THR A 34 -17.53 -15.37 13.11
N GLU A 35 -18.22 -15.24 11.97
CA GLU A 35 -17.58 -14.89 10.72
C GLU A 35 -17.12 -13.41 10.71
N THR A 36 -15.91 -13.13 10.20
CA THR A 36 -15.41 -11.75 10.04
C THR A 36 -15.33 -11.29 8.59
N VAL A 37 -15.43 -12.22 7.65
CA VAL A 37 -15.41 -11.88 6.22
C VAL A 37 -16.80 -11.97 5.59
N GLU A 38 -17.32 -10.82 5.17
CA GLU A 38 -18.58 -10.74 4.47
C GLU A 38 -18.50 -11.39 3.10
N SER A 39 -19.46 -12.27 2.79
CA SER A 39 -19.47 -12.95 1.49
C SER A 39 -20.74 -12.71 0.70
N LYS A 40 -21.72 -12.07 1.29
CA LYS A 40 -22.99 -11.88 0.65
C LYS A 40 -23.07 -10.46 0.15
N SER A 41 -23.63 -10.31 -1.05
CA SER A 41 -23.87 -9.03 -1.66
C SER A 41 -25.31 -9.01 -2.13
N LEU A 42 -25.86 -7.83 -2.24
CA LEU A 42 -27.16 -7.70 -2.85
C LEU A 42 -27.03 -7.40 -4.35
N ASP A 43 -27.82 -8.13 -5.13
CA ASP A 43 -27.91 -8.06 -6.60
C ASP A 43 -28.43 -6.72 -7.17
N LYS A 44 -28.49 -5.69 -6.34
CA LYS A 44 -29.19 -4.45 -6.67
C LYS A 44 -28.38 -3.26 -6.20
N LEU A 45 -28.73 -2.05 -6.64
CA LEU A 45 -28.07 -0.83 -6.17
C LEU A 45 -28.97 -0.14 -5.18
N CYS A 46 -28.63 -0.25 -3.90
CA CYS A 46 -29.46 0.27 -2.81
C CYS A 46 -29.37 1.77 -2.75
N MET A 47 -30.37 2.43 -3.30
CA MET A 47 -30.37 3.88 -3.39
C MET A 47 -31.24 4.62 -2.37
N LYS A 48 -31.82 3.93 -1.39
CA LYS A 48 -32.67 4.64 -0.44
C LYS A 48 -31.99 5.86 0.16
N SER A 49 -32.75 6.94 0.24
CA SER A 49 -32.27 8.21 0.76
C SER A 49 -30.96 8.70 0.13
N ARG A 50 -30.86 8.59 -1.19
CA ARG A 50 -29.84 9.28 -1.96
C ARG A 50 -30.48 9.99 -3.16
N ASN A 51 -30.05 11.22 -3.46
CA ASN A 51 -30.35 11.84 -4.73
C ASN A 51 -29.55 11.24 -5.84
N TYR A 52 -30.03 10.14 -6.40
CA TYR A 52 -29.28 9.49 -7.42
C TYR A 52 -29.71 9.93 -8.77
N LYS A 53 -28.83 9.66 -9.72
CA LYS A 53 -29.11 9.88 -11.10
C LYS A 53 -28.68 8.62 -11.83
N ASP A 54 -29.64 7.93 -12.44
CA ASP A 54 -29.35 6.78 -13.25
C ASP A 54 -29.24 7.27 -14.67
N LEU A 55 -28.06 7.17 -15.29
CA LEU A 55 -27.88 7.66 -16.65
C LEU A 55 -28.46 6.75 -17.75
N GLY A 56 -28.82 5.50 -17.41
CA GLY A 56 -29.39 4.59 -18.40
C GLY A 56 -28.44 4.46 -19.59
N SER A 57 -28.91 4.88 -20.76
CA SER A 57 -28.14 4.80 -21.98
C SER A 57 -27.20 5.99 -22.16
N CYS A 58 -27.30 7.02 -21.33
CA CYS A 58 -26.40 8.14 -21.44
C CYS A 58 -25.00 7.90 -20.81
N HIS A 59 -23.94 8.22 -21.57
CA HIS A 59 -22.57 8.21 -21.07
C HIS A 59 -22.23 9.61 -20.51
N PRO A 60 -21.60 9.65 -19.34
CA PRO A 60 -21.27 10.92 -18.68
C PRO A 60 -20.74 12.02 -19.59
N ILE A 61 -19.91 11.66 -20.55
CA ILE A 61 -19.40 12.64 -21.51
C ILE A 61 -20.49 13.24 -22.40
N GLY A 62 -21.47 12.44 -22.80
CA GLY A 62 -22.62 12.95 -23.53
C GLY A 62 -23.41 14.01 -22.77
N MET A 63 -23.28 14.06 -21.44
CA MET A 63 -23.95 15.11 -20.66
C MET A 63 -23.38 16.49 -20.88
N VAL A 64 -22.13 16.53 -21.32
CA VAL A 64 -21.33 17.73 -21.39
C VAL A 64 -21.32 18.32 -22.80
N ILE A 65 -21.42 17.44 -23.80
CA ILE A 65 -21.59 17.86 -25.19
C ILE A 65 -23.05 17.84 -25.71
N GLY A 66 -23.93 17.11 -25.04
CA GLY A 66 -25.35 17.17 -25.39
C GLY A 66 -25.71 16.21 -26.50
N THR A 67 -25.39 14.94 -26.33
CA THR A 67 -25.85 13.91 -27.22
C THR A 67 -27.33 13.68 -26.96
N PRO A 68 -28.11 13.34 -28.00
CA PRO A 68 -29.55 13.05 -27.85
C PRO A 68 -29.88 12.09 -26.70
N ALA A 69 -29.21 10.95 -26.65
CA ALA A 69 -29.37 10.04 -25.51
C ALA A 69 -29.23 10.69 -24.11
N CYS A 70 -28.60 11.85 -24.03
CA CYS A 70 -28.35 12.48 -22.73
C CYS A 70 -29.24 13.70 -22.45
N ASP A 71 -30.26 13.93 -23.26
CA ASP A 71 -31.13 15.10 -23.07
C ASP A 71 -31.75 15.27 -21.68
N LEU A 72 -32.07 14.17 -21.02
CA LEU A 72 -32.66 14.26 -19.68
C LEU A 72 -31.61 14.60 -18.63
N HIS A 73 -30.33 14.51 -18.99
CA HIS A 73 -29.25 14.62 -18.04
C HIS A 73 -28.25 15.77 -18.34
N LEU A 74 -28.71 16.82 -19.00
CA LEU A 74 -27.79 17.92 -19.35
C LEU A 74 -27.52 18.81 -18.18
N THR A 75 -28.43 18.83 -17.22
CA THR A 75 -28.22 19.53 -15.95
C THR A 75 -28.78 18.68 -14.83
N GLY A 76 -28.51 19.10 -13.60
CA GLY A 76 -28.99 18.38 -12.45
C GLY A 76 -28.07 18.49 -11.27
N THR A 77 -28.60 18.05 -10.13
CA THR A 77 -27.77 17.82 -8.94
C THR A 77 -28.06 16.40 -8.47
N TRP A 78 -27.07 15.79 -7.84
CA TRP A 78 -27.18 14.42 -7.37
C TRP A 78 -26.07 14.23 -6.38
N ASP A 79 -26.24 13.27 -5.48
CA ASP A 79 -25.12 12.81 -4.65
C ASP A 79 -24.57 11.49 -5.13
N THR A 80 -25.18 10.90 -6.16
CA THR A 80 -24.78 9.59 -6.66
C THR A 80 -25.09 9.52 -8.14
N LEU A 81 -24.09 9.15 -8.95
CA LEU A 81 -24.25 8.98 -10.41
C LEU A 81 -24.05 7.54 -10.81
N ILE A 82 -24.95 7.00 -11.61
CA ILE A 82 -24.83 5.62 -12.08
C ILE A 82 -24.60 5.56 -13.59
N GLU A 83 -23.47 4.96 -14.00
CA GLU A 83 -23.12 4.63 -15.39
C GLU A 83 -23.49 3.17 -15.69
N ARG A 84 -24.01 2.89 -16.91
CA ARG A 84 -24.18 1.52 -17.43
C ARG A 84 -23.19 1.25 -18.57
N ASP A 85 -23.05 -0.04 -18.99
CA ASP A 85 -21.87 -0.45 -19.83
C ASP A 85 -21.91 -0.15 -21.33
N ASN A 86 -23.05 -0.02 -21.98
CA ASN A 86 -22.94 0.34 -23.40
C ASN A 86 -23.67 1.63 -23.67
N SER A 87 -23.37 2.59 -22.80
CA SER A 87 -23.98 3.88 -22.83
C SER A 87 -23.39 4.59 -24.03
N ILE A 88 -24.15 5.57 -24.53
CA ILE A 88 -23.81 6.29 -25.74
C ILE A 88 -23.21 7.63 -25.37
N ALA A 89 -22.08 7.96 -25.98
CA ALA A 89 -21.42 9.26 -25.78
C ALA A 89 -21.52 10.12 -27.03
N TYR A 90 -21.36 9.50 -28.19
CA TYR A 90 -21.26 10.22 -29.45
C TYR A 90 -22.38 9.87 -30.39
N CYS A 91 -22.92 10.88 -31.08
CA CYS A 91 -23.80 10.65 -32.23
C CYS A 91 -22.98 10.76 -33.55
N TYR A 92 -22.45 11.94 -33.88
CA TYR A 92 -21.44 12.08 -34.94
C TYR A 92 -20.12 11.54 -34.41
N PRO A 93 -19.51 10.60 -35.15
CA PRO A 93 -18.41 9.83 -34.58
C PRO A 93 -17.21 10.69 -34.22
N GLY A 94 -16.57 10.35 -33.11
CA GLY A 94 -15.41 11.06 -32.68
C GLY A 94 -14.85 10.49 -31.40
N ALA A 95 -13.95 11.25 -30.81
CA ALA A 95 -13.24 10.86 -29.60
C ALA A 95 -12.82 12.13 -28.86
N THR A 96 -12.77 12.07 -27.54
CA THR A 96 -12.31 13.22 -26.81
C THR A 96 -10.93 12.92 -26.20
N VAL A 97 -10.07 13.94 -26.19
CA VAL A 97 -8.75 13.82 -25.65
C VAL A 97 -8.89 13.75 -24.16
N ASN A 98 -8.12 12.88 -23.51
CA ASN A 98 -8.25 12.58 -22.09
C ASN A 98 -9.72 12.31 -21.72
N GLU A 99 -10.39 11.47 -22.48
CA GLU A 99 -11.76 11.00 -22.14
C GLU A 99 -11.87 10.49 -20.74
N GLU A 100 -10.90 9.69 -20.29
CA GLU A 100 -11.02 9.04 -19.00
C GLU A 100 -10.99 10.07 -17.86
N ALA A 101 -10.08 11.04 -17.93
CA ALA A 101 -10.07 12.09 -16.92
C ALA A 101 -11.43 12.83 -16.90
N LEU A 102 -11.94 13.11 -18.09
CA LEU A 102 -13.18 13.84 -18.17
C LEU A 102 -14.30 12.99 -17.58
N ARG A 103 -14.35 11.72 -17.97
CA ARG A 103 -15.36 10.82 -17.42
C ARG A 103 -15.28 10.80 -15.92
N GLN A 104 -14.07 10.78 -15.36
CA GLN A 104 -13.91 10.75 -13.91
C GLN A 104 -14.35 12.03 -13.22
N LYS A 105 -13.92 13.20 -13.72
CA LYS A 105 -14.34 14.45 -13.12
C LYS A 105 -15.86 14.52 -12.98
N ILE A 106 -16.58 14.07 -14.01
CA ILE A 106 -18.04 14.10 -13.96
C ILE A 106 -18.60 13.10 -12.95
N MET A 107 -18.10 11.88 -12.94
CA MET A 107 -18.57 10.89 -11.97
C MET A 107 -18.30 11.23 -10.48
N GLU A 108 -17.46 12.22 -10.24
CA GLU A 108 -17.17 12.60 -8.88
C GLU A 108 -17.82 13.94 -8.54
N SER A 109 -18.76 14.40 -9.37
CA SER A 109 -19.13 15.80 -9.40
C SER A 109 -20.35 16.17 -8.61
N GLY A 110 -21.25 15.25 -8.39
CA GLY A 110 -22.48 15.72 -7.72
C GLY A 110 -23.33 16.85 -8.35
N GLY A 111 -23.20 17.09 -9.65
CA GLY A 111 -24.14 17.95 -10.34
C GLY A 111 -23.49 18.78 -11.41
N ILE A 112 -24.25 19.12 -12.44
CA ILE A 112 -23.71 20.01 -13.49
C ILE A 112 -24.70 21.09 -13.85
N ASP A 113 -24.20 22.30 -13.97
CA ASP A 113 -24.96 23.38 -14.54
C ASP A 113 -24.36 23.85 -15.87
N LYS A 114 -25.21 24.29 -16.78
CA LYS A 114 -24.80 24.75 -18.09
C LYS A 114 -24.93 26.25 -18.18
N ILE A 115 -23.85 26.92 -18.55
CA ILE A 115 -23.82 28.37 -18.67
C ILE A 115 -23.59 28.70 -20.11
N SER A 116 -24.33 29.66 -20.64
CA SER A 116 -24.24 29.96 -22.06
C SER A 116 -22.94 30.75 -22.43
N THR A 117 -22.37 30.47 -23.60
CA THR A 117 -21.15 31.16 -24.05
C THR A 117 -21.45 32.51 -24.66
N GLY A 118 -22.66 32.67 -25.20
CA GLY A 118 -23.02 33.91 -25.89
C GLY A 118 -22.32 34.17 -27.22
N PHE A 119 -21.68 33.16 -27.81
CA PHE A 119 -20.97 33.36 -29.07
C PHE A 119 -21.96 33.64 -30.19
N THR A 120 -21.72 34.73 -30.92
CA THR A 120 -22.50 35.07 -32.10
C THR A 120 -21.57 35.10 -33.28
N TYR A 121 -22.10 34.93 -34.47
CA TYR A 121 -21.25 34.65 -35.63
C TYR A 121 -21.32 35.65 -36.80
N GLY A 122 -22.51 36.16 -37.08
CA GLY A 122 -22.66 37.09 -38.19
C GLY A 122 -22.78 36.34 -39.50
N SER A 123 -23.33 36.99 -40.52
CA SER A 123 -23.72 36.27 -41.73
C SER A 123 -22.49 35.80 -42.45
N SER A 124 -22.70 35.06 -43.53
CA SER A 124 -21.66 34.24 -44.17
C SER A 124 -21.28 32.99 -43.34
N ILE A 125 -21.59 32.99 -42.05
CA ILE A 125 -21.55 31.76 -41.26
C ILE A 125 -22.96 31.24 -41.00
N ASN A 126 -23.21 29.97 -41.36
CA ASN A 126 -24.38 29.26 -40.90
C ASN A 126 -23.99 28.41 -39.71
N SER A 127 -24.51 28.80 -38.54
CA SER A 127 -24.09 28.21 -37.29
C SER A 127 -25.01 27.11 -36.79
N ALA A 128 -25.83 26.54 -37.65
CA ALA A 128 -26.82 25.53 -37.23
C ALA A 128 -26.72 24.27 -38.07
N GLY A 129 -25.51 23.87 -38.40
CA GLY A 129 -25.32 22.63 -39.12
C GLY A 129 -25.94 21.48 -38.36
N THR A 130 -26.61 20.59 -39.09
CA THR A 130 -27.17 19.37 -38.53
C THR A 130 -26.80 18.18 -39.37
N THR A 131 -27.02 16.99 -38.84
CA THR A 131 -26.66 15.76 -39.51
C THR A 131 -27.65 14.64 -39.12
N LYS A 132 -27.83 13.67 -40.01
CA LYS A 132 -28.58 12.48 -39.68
C LYS A 132 -27.96 11.58 -38.63
N ALA A 133 -26.70 11.80 -38.29
CA ALA A 133 -26.06 11.03 -37.23
C ALA A 133 -26.55 11.41 -35.85
N CYS A 134 -27.09 12.62 -35.67
CA CYS A 134 -27.58 13.11 -34.37
C CYS A 134 -29.07 13.46 -34.49
N MET A 135 -29.93 12.45 -34.49
CA MET A 135 -31.39 12.68 -34.67
C MET A 135 -32.10 12.99 -33.36
N ARG A 136 -33.08 13.90 -33.42
CA ARG A 136 -33.98 14.19 -32.27
C ARG A 136 -35.47 14.09 -32.67
N ASN A 137 -36.10 15.21 -32.98
CA ASN A 137 -37.51 15.29 -33.20
C ASN A 137 -37.77 16.74 -33.65
N GLY A 138 -38.17 17.00 -34.90
CA GLY A 138 -38.02 16.13 -36.02
C GLY A 138 -36.73 16.39 -36.72
N GLY A 139 -36.19 15.38 -37.35
CA GLY A 139 -35.08 15.57 -38.26
C GLY A 139 -33.70 15.64 -37.68
N ASN A 140 -32.79 16.03 -38.55
CA ASN A 140 -31.41 16.14 -38.23
C ASN A 140 -31.19 17.15 -37.10
N SER A 141 -30.20 16.89 -36.25
CA SER A 141 -29.88 17.76 -35.17
C SER A 141 -28.36 17.79 -35.02
N PHE A 142 -27.92 18.29 -33.88
CA PHE A 142 -26.53 18.21 -33.49
C PHE A 142 -26.42 18.17 -31.98
N TYR A 143 -25.21 17.97 -31.49
CA TYR A 143 -24.96 18.06 -30.06
C TYR A 143 -25.57 19.35 -29.49
N ALA A 144 -26.32 19.23 -28.41
CA ALA A 144 -27.02 20.38 -27.85
C ALA A 144 -26.11 21.48 -27.34
N GLU A 145 -24.88 21.16 -26.96
CA GLU A 145 -23.98 22.14 -26.32
C GLU A 145 -22.97 22.73 -27.26
N LEU A 146 -23.01 22.30 -28.52
CA LEU A 146 -22.10 22.77 -29.52
C LEU A 146 -22.83 23.20 -30.79
N LYS A 147 -22.11 23.92 -31.63
CA LYS A 147 -22.61 24.38 -32.90
C LYS A 147 -21.64 24.01 -34.01
N TRP A 148 -22.15 23.33 -35.02
CA TRP A 148 -21.38 23.07 -36.20
C TRP A 148 -21.46 24.25 -37.13
N LEU A 149 -20.43 25.10 -37.10
CA LEU A 149 -20.32 26.28 -37.96
C LEU A 149 -19.83 25.89 -39.32
N VAL A 150 -20.39 26.54 -40.33
CA VAL A 150 -20.24 26.16 -41.73
C VAL A 150 -20.41 27.42 -42.58
N SER A 151 -19.72 27.52 -43.72
CA SER A 151 -19.97 28.61 -44.66
C SER A 151 -21.44 28.59 -45.05
N LYS A 152 -22.09 29.75 -44.95
CA LYS A 152 -23.49 29.89 -45.33
C LYS A 152 -23.70 29.57 -46.82
N SER A 153 -22.71 29.86 -47.65
CA SER A 153 -22.77 29.51 -49.08
C SER A 153 -21.84 28.35 -49.36
N LYS A 154 -22.34 27.34 -50.08
CA LYS A 154 -21.66 26.04 -50.19
C LYS A 154 -20.18 26.13 -50.49
N GLY A 155 -19.78 26.80 -51.56
CA GLY A 155 -18.34 26.77 -51.88
C GLY A 155 -17.47 27.79 -51.19
N GLN A 156 -18.10 28.75 -50.51
CA GLN A 156 -17.39 29.95 -50.08
C GLN A 156 -16.39 29.71 -48.97
N ASN A 157 -15.32 30.49 -48.98
CA ASN A 157 -14.38 30.45 -47.88
C ASN A 157 -15.03 30.90 -46.60
N PHE A 158 -14.67 30.22 -45.53
CA PHE A 158 -15.23 30.49 -44.24
C PHE A 158 -14.46 31.70 -43.72
N PRO A 159 -15.16 32.70 -43.20
CA PRO A 159 -14.51 33.90 -42.66
C PRO A 159 -13.62 33.66 -41.44
N GLN A 160 -12.49 34.34 -41.38
CA GLN A 160 -11.70 34.44 -40.16
C GLN A 160 -12.58 35.03 -39.05
N THR A 161 -12.65 34.34 -37.92
CA THR A 161 -13.59 34.67 -36.90
C THR A 161 -12.92 34.56 -35.55
N THR A 162 -13.45 35.28 -34.58
CA THR A 162 -12.88 35.28 -33.26
C THR A 162 -14.00 35.36 -32.22
N ASN A 163 -13.95 34.45 -31.27
CA ASN A 163 -14.93 34.41 -30.23
C ASN A 163 -14.16 34.20 -28.94
N THR A 164 -14.48 34.96 -27.91
CA THR A 164 -13.88 34.68 -26.64
C THR A 164 -14.99 34.56 -25.60
N TYR A 165 -14.82 33.60 -24.68
CA TYR A 165 -15.72 33.36 -23.59
C TYR A 165 -15.04 33.81 -22.33
N ARG A 166 -15.78 34.50 -21.46
CA ARG A 166 -15.24 35.02 -20.24
C ARG A 166 -15.97 34.42 -19.07
N ASN A 167 -15.23 33.80 -18.16
CA ASN A 167 -15.79 33.28 -16.93
C ASN A 167 -16.00 34.41 -15.93
N THR A 168 -17.27 34.77 -15.71
CA THR A 168 -17.62 35.79 -14.71
C THR A 168 -18.16 35.21 -13.40
N ASP A 169 -18.15 33.89 -13.28
CA ASP A 169 -18.46 33.21 -12.03
C ASP A 169 -17.23 33.18 -11.15
N SER A 170 -17.41 32.70 -9.93
CA SER A 170 -16.34 32.45 -9.01
C SER A 170 -15.95 30.96 -8.92
N ALA A 171 -16.40 30.14 -9.87
CA ALA A 171 -15.94 28.75 -9.99
C ALA A 171 -15.43 28.50 -11.42
N GLU A 172 -14.44 27.61 -11.55
CA GLU A 172 -13.93 27.19 -12.86
C GLU A 172 -15.04 26.50 -13.67
N HIS A 173 -15.01 26.76 -14.98
CA HIS A 173 -15.96 26.18 -15.91
C HIS A 173 -15.25 25.29 -16.90
N LEU A 174 -15.93 24.24 -17.33
CA LEU A 174 -15.36 23.28 -18.28
C LEU A 174 -15.83 23.63 -19.70
N ILE A 175 -14.91 23.87 -20.63
CA ILE A 175 -15.26 24.21 -22.05
C ILE A 175 -14.87 23.03 -22.90
N ILE A 176 -15.78 22.56 -23.75
CA ILE A 176 -15.46 21.52 -24.69
C ILE A 176 -15.62 22.13 -26.03
N TRP A 177 -14.86 21.68 -26.97
CA TRP A 177 -15.06 22.09 -28.34
C TRP A 177 -14.61 20.96 -29.18
N GLY A 178 -14.91 21.04 -30.46
CA GLY A 178 -14.61 19.97 -31.36
C GLY A 178 -13.83 20.51 -32.52
N ILE A 179 -13.18 19.63 -33.23
CA ILE A 179 -12.54 19.98 -34.48
C ILE A 179 -12.97 18.97 -35.50
N HIS A 180 -13.53 19.45 -36.59
CA HIS A 180 -14.06 18.54 -37.61
C HIS A 180 -12.96 18.09 -38.56
N HIS A 181 -12.77 16.77 -38.65
CA HIS A 181 -11.89 16.14 -39.63
C HIS A 181 -12.77 15.55 -40.74
N PRO A 182 -12.86 16.24 -41.87
CA PRO A 182 -13.83 15.80 -42.89
C PRO A 182 -13.34 14.62 -43.71
N SER A 183 -14.27 13.96 -44.39
CA SER A 183 -13.99 12.72 -45.10
C SER A 183 -13.39 12.91 -46.47
N SER A 184 -13.67 14.02 -47.12
CA SER A 184 -13.18 14.26 -48.49
C SER A 184 -12.77 15.72 -48.63
N THR A 185 -11.82 15.96 -49.52
CA THR A 185 -11.50 17.31 -49.93
C THR A 185 -12.75 18.01 -50.46
N GLN A 186 -13.66 17.26 -51.05
CA GLN A 186 -14.91 17.84 -51.51
C GLN A 186 -15.73 18.37 -50.35
N GLU A 187 -15.93 17.52 -49.36
CA GLU A 187 -16.68 17.89 -48.17
C GLU A 187 -16.04 19.08 -47.44
N LYS A 188 -14.71 19.10 -47.30
CA LYS A 188 -14.03 20.26 -46.72
C LYS A 188 -14.35 21.51 -47.51
N ASN A 189 -14.13 21.45 -48.83
CA ASN A 189 -14.43 22.59 -49.70
C ASN A 189 -15.86 23.09 -49.57
N ASP A 190 -16.81 22.19 -49.44
CA ASP A 190 -18.19 22.61 -49.34
C ASP A 190 -18.58 23.19 -47.98
N LEU A 191 -17.99 22.70 -46.90
CA LEU A 191 -18.33 23.21 -45.59
C LEU A 191 -17.53 24.50 -45.28
N TYR A 192 -16.27 24.53 -45.69
CA TYR A 192 -15.41 25.64 -45.38
C TYR A 192 -14.76 26.11 -46.69
N GLY A 193 -13.70 26.88 -46.61
CA GLY A 193 -13.06 27.30 -47.87
C GLY A 193 -12.41 26.20 -48.70
N THR A 194 -11.60 26.65 -49.65
CA THR A 194 -10.59 25.80 -50.29
C THR A 194 -9.22 26.24 -49.75
N GLN A 195 -9.19 26.69 -48.51
CA GLN A 195 -8.11 27.48 -47.99
C GLN A 195 -7.52 26.67 -46.88
N SER A 196 -6.30 26.98 -46.47
CA SER A 196 -5.72 26.32 -45.30
C SER A 196 -6.56 26.65 -44.07
N LEU A 197 -6.97 25.62 -43.35
CA LEU A 197 -7.75 25.81 -42.13
C LEU A 197 -6.82 25.78 -40.95
N SER A 198 -7.18 26.54 -39.94
CA SER A 198 -6.37 26.66 -38.76
C SER A 198 -7.23 27.20 -37.65
N ILE A 199 -7.07 26.62 -36.48
CA ILE A 199 -7.89 26.96 -35.32
C ILE A 199 -6.94 27.07 -34.17
N SER A 200 -6.93 28.20 -33.48
CA SER A 200 -6.10 28.35 -32.29
C SER A 200 -6.96 28.70 -31.09
N VAL A 201 -6.61 28.15 -29.93
CA VAL A 201 -7.39 28.32 -28.72
C VAL A 201 -6.41 28.77 -27.67
N GLY A 202 -6.76 29.82 -26.92
CA GLY A 202 -5.85 30.40 -25.96
C GLY A 202 -6.54 31.10 -24.81
N SER A 203 -6.05 30.83 -23.61
CA SER A 203 -6.51 31.48 -22.39
C SER A 203 -5.25 32.02 -21.75
N SER A 204 -5.28 32.27 -20.45
CA SER A 204 -4.06 32.71 -19.78
C SER A 204 -3.23 31.51 -19.31
N THR A 205 -3.91 30.38 -19.11
CA THR A 205 -3.32 29.15 -18.56
C THR A 205 -3.40 27.94 -19.53
N TYR A 206 -3.73 28.21 -20.79
CA TYR A 206 -3.94 27.16 -21.79
C TYR A 206 -3.71 27.73 -23.18
N GLN A 207 -3.19 26.91 -24.07
CA GLN A 207 -2.84 27.41 -25.38
C GLN A 207 -2.60 26.19 -26.28
N ASN A 208 -3.23 26.18 -27.45
CA ASN A 208 -3.11 25.07 -28.36
C ASN A 208 -3.60 25.46 -29.73
N ASN A 209 -3.11 24.75 -30.74
CA ASN A 209 -3.47 24.99 -32.17
C ASN A 209 -3.88 23.68 -32.84
N PHE A 210 -4.82 23.76 -33.79
CA PHE A 210 -5.40 22.60 -34.42
C PHE A 210 -5.57 22.81 -35.90
N VAL A 211 -5.57 21.71 -36.62
CA VAL A 211 -5.68 21.71 -38.05
C VAL A 211 -6.63 20.59 -38.47
N PRO A 212 -7.76 20.93 -39.10
CA PRO A 212 -8.59 19.82 -39.53
C PRO A 212 -7.92 19.04 -40.65
N VAL A 213 -8.00 17.71 -40.58
CA VAL A 213 -7.35 16.81 -41.50
C VAL A 213 -8.34 15.96 -42.30
N VAL A 214 -8.28 16.08 -43.61
CA VAL A 214 -9.17 15.37 -44.52
C VAL A 214 -8.72 13.95 -44.74
N GLY A 215 -9.69 13.03 -44.80
CA GLY A 215 -9.37 11.60 -44.96
C GLY A 215 -10.53 10.67 -44.73
N ALA A 216 -10.44 9.44 -45.26
CA ALA A 216 -11.55 8.48 -45.20
C ALA A 216 -11.39 7.52 -44.04
N ARG A 217 -12.49 7.32 -43.33
CA ARG A 217 -12.53 6.43 -42.15
C ARG A 217 -13.84 5.69 -42.14
N PRO A 218 -13.87 4.52 -41.52
CA PRO A 218 -15.07 3.68 -41.63
C PRO A 218 -16.31 4.44 -41.25
N GLN A 219 -17.41 4.18 -41.94
CA GLN A 219 -18.65 4.84 -41.63
C GLN A 219 -19.13 4.39 -40.27
N VAL A 220 -19.39 5.38 -39.42
CA VAL A 220 -20.03 5.22 -38.12
C VAL A 220 -20.99 6.40 -38.12
N ASN A 221 -22.29 6.18 -38.30
CA ASN A 221 -22.74 4.93 -38.83
C ASN A 221 -23.62 4.99 -40.11
N GLY A 222 -23.92 6.16 -40.69
CA GLY A 222 -23.41 7.46 -40.36
C GLY A 222 -22.32 7.92 -41.34
N GLN A 223 -21.20 8.37 -40.77
CA GLN A 223 -20.24 9.25 -41.44
C GLN A 223 -18.84 8.74 -41.47
N SER A 224 -18.05 9.26 -42.40
CA SER A 224 -16.64 8.91 -42.49
C SER A 224 -15.80 10.07 -42.00
N GLY A 225 -16.42 11.19 -41.70
CA GLY A 225 -15.71 12.24 -41.02
C GLY A 225 -15.63 11.94 -39.54
N ARG A 226 -14.90 12.79 -38.83
CA ARG A 226 -14.79 12.65 -37.38
C ARG A 226 -14.65 14.00 -36.69
N ILE A 227 -14.88 13.99 -35.38
CA ILE A 227 -14.70 15.16 -34.56
C ILE A 227 -13.76 14.80 -33.44
N ASP A 228 -12.72 15.63 -33.25
CA ASP A 228 -11.86 15.50 -32.09
C ASP A 228 -12.34 16.50 -31.01
N PHE A 229 -12.86 16.03 -29.89
CA PHE A 229 -13.20 16.93 -28.79
C PHE A 229 -12.01 17.22 -27.87
N HIS A 230 -11.88 18.48 -27.49
CA HIS A 230 -10.83 18.96 -26.62
C HIS A 230 -11.50 19.76 -25.52
N TRP A 231 -10.90 19.80 -24.33
CA TRP A 231 -11.47 20.58 -23.22
C TRP A 231 -10.42 21.22 -22.29
N THR A 232 -10.80 22.27 -21.57
CA THR A 232 -10.04 22.78 -20.44
C THR A 232 -11.00 23.31 -19.40
N MET A 233 -10.42 23.61 -18.26
CA MET A 233 -11.04 24.41 -17.25
C MET A 233 -10.68 25.87 -17.48
N VAL A 234 -11.66 26.75 -17.46
CA VAL A 234 -11.42 28.19 -17.49
C VAL A 234 -11.52 28.68 -16.09
N GLN A 235 -10.47 29.30 -15.60
CA GLN A 235 -10.49 29.84 -14.25
C GLN A 235 -11.45 31.05 -14.13
N PRO A 236 -11.94 31.32 -12.91
CA PRO A 236 -12.76 32.52 -12.68
C PRO A 236 -12.02 33.81 -13.08
N GLY A 237 -12.68 34.65 -13.87
CA GLY A 237 -12.07 35.88 -14.33
C GLY A 237 -11.26 35.75 -15.59
N ASP A 238 -10.98 34.51 -16.05
CA ASP A 238 -10.15 34.30 -17.24
C ASP A 238 -10.96 34.28 -18.53
N ASN A 239 -10.31 34.58 -19.64
CA ASN A 239 -10.95 34.59 -20.94
C ASN A 239 -10.33 33.51 -21.79
N ILE A 240 -11.13 32.89 -22.65
CA ILE A 240 -10.62 31.90 -23.59
C ILE A 240 -11.05 32.32 -24.99
N THR A 241 -10.10 32.46 -25.90
CA THR A 241 -10.39 32.93 -27.24
C THR A 241 -10.20 31.84 -28.27
N PHE A 242 -11.08 31.82 -29.24
CA PHE A 242 -11.04 30.89 -30.36
C PHE A 242 -10.82 31.72 -31.61
N SER A 243 -9.77 31.41 -32.34
CA SER A 243 -9.49 32.02 -33.62
C SER A 243 -9.57 30.93 -34.61
N HIS A 244 -10.42 31.13 -35.60
CA HIS A 244 -10.70 30.06 -36.52
C HIS A 244 -11.18 30.55 -37.89
N ASN A 245 -11.03 29.71 -38.90
CA ASN A 245 -11.48 30.03 -40.25
C ASN A 245 -12.10 28.80 -40.90
N GLY A 246 -12.71 27.95 -40.09
CA GLY A 246 -13.36 26.74 -40.59
C GLY A 246 -12.81 25.51 -39.94
N GLY A 247 -13.71 24.65 -39.46
CA GLY A 247 -13.29 23.42 -38.79
C GLY A 247 -13.59 23.39 -37.31
N LEU A 248 -13.75 24.54 -36.69
CA LEU A 248 -14.17 24.55 -35.29
C LEU A 248 -15.63 24.11 -35.10
N ILE A 249 -15.84 23.28 -34.08
CA ILE A 249 -17.17 22.93 -33.60
C ILE A 249 -17.27 23.67 -32.27
N ALA A 250 -17.99 24.76 -32.26
CA ALA A 250 -17.88 25.73 -31.20
C ALA A 250 -18.79 25.42 -30.03
N PRO A 251 -18.38 25.77 -28.81
CA PRO A 251 -19.29 25.62 -27.66
C PRO A 251 -20.40 26.67 -27.64
N SER A 252 -21.64 26.24 -27.43
CA SER A 252 -22.73 27.17 -27.15
C SER A 252 -22.96 27.26 -25.64
N ARG A 253 -22.75 26.18 -24.91
CA ARG A 253 -22.79 26.21 -23.46
C ARG A 253 -21.58 25.58 -22.86
N VAL A 254 -21.12 26.11 -21.73
CA VAL A 254 -20.06 25.45 -20.94
C VAL A 254 -20.66 24.78 -19.74
N SER A 255 -19.85 24.03 -18.99
CA SER A 255 -20.37 23.28 -17.84
C SER A 255 -19.68 23.68 -16.56
N LYS A 256 -20.46 23.75 -15.50
CA LYS A 256 -19.90 23.89 -14.19
C LYS A 256 -20.24 22.63 -13.40
N LEU A 257 -19.21 21.94 -12.92
CA LEU A 257 -19.39 20.76 -12.08
C LEU A 257 -19.49 21.25 -10.67
N LYS A 258 -20.41 20.71 -9.88
CA LYS A 258 -20.86 21.43 -8.69
C LYS A 258 -20.24 21.06 -7.34
N GLY A 259 -20.20 19.80 -6.98
CA GLY A 259 -19.69 19.50 -5.65
C GLY A 259 -19.12 18.13 -5.66
N ARG A 260 -19.68 17.24 -4.85
CA ARG A 260 -19.16 15.91 -4.73
C ARG A 260 -20.25 14.88 -4.81
N GLY A 261 -19.91 13.74 -5.39
CA GLY A 261 -20.86 12.67 -5.47
C GLY A 261 -20.13 11.38 -5.65
N LEU A 262 -20.81 10.30 -5.40
CA LEU A 262 -20.28 8.99 -5.62
C LEU A 262 -20.70 8.48 -7.02
N GLY A 263 -19.73 8.11 -7.83
CA GLY A 263 -19.97 7.54 -9.15
C GLY A 263 -19.90 6.03 -9.13
N ILE A 264 -20.96 5.39 -9.59
CA ILE A 264 -21.06 3.96 -9.58
C ILE A 264 -21.15 3.48 -11.00
N GLN A 265 -20.32 2.52 -11.37
CA GLN A 265 -20.44 1.79 -12.62
C GLN A 265 -20.96 0.39 -12.32
N SER A 266 -22.13 0.07 -12.82
CA SER A 266 -22.80 -1.19 -12.52
C SER A 266 -23.91 -1.41 -13.51
N GLY A 267 -24.24 -2.67 -13.77
CA GLY A 267 -25.43 -3.02 -14.53
C GLY A 267 -26.60 -3.40 -13.63
N ALA A 268 -26.39 -3.43 -12.31
CA ALA A 268 -27.44 -3.86 -11.39
C ALA A 268 -28.59 -2.86 -11.39
N SER A 269 -29.81 -3.34 -11.18
CA SER A 269 -30.94 -2.44 -11.20
C SER A 269 -31.14 -1.80 -9.83
N VAL A 270 -31.76 -0.62 -9.84
CA VAL A 270 -31.88 0.20 -8.66
C VAL A 270 -33.02 -0.29 -7.75
N ASP A 271 -32.84 -0.12 -6.44
CA ASP A 271 -33.83 -0.47 -5.47
C ASP A 271 -33.90 0.64 -4.46
N ASN A 272 -35.08 1.23 -4.30
CA ASN A 272 -35.25 2.36 -3.40
C ASN A 272 -35.64 2.05 -1.99
N ASP A 273 -35.61 0.77 -1.61
CA ASP A 273 -36.00 0.38 -0.26
C ASP A 273 -34.89 -0.09 0.65
N CYS A 274 -33.69 -0.31 0.13
CA CYS A 274 -32.54 -0.63 0.97
C CYS A 274 -31.56 0.53 0.87
N GLU A 275 -30.71 0.66 1.88
CA GLU A 275 -29.69 1.69 1.96
C GLU A 275 -28.34 1.01 1.92
N SER A 276 -27.30 1.72 1.53
CA SER A 276 -25.98 1.13 1.49
C SER A 276 -24.95 2.21 1.33
N LYS A 277 -23.74 1.95 1.80
CA LYS A 277 -22.65 2.87 1.63
C LYS A 277 -21.56 2.29 0.74
N CYS A 278 -21.81 1.10 0.24
CA CYS A 278 -20.78 0.37 -0.48
C CYS A 278 -21.38 -0.28 -1.72
N PHE A 279 -20.68 -0.17 -2.85
CA PHE A 279 -21.18 -0.64 -4.14
C PHE A 279 -20.05 -1.21 -4.96
N TRP A 280 -20.40 -2.12 -5.87
CA TRP A 280 -19.47 -2.66 -6.85
C TRP A 280 -20.24 -2.97 -8.11
N LYS A 281 -19.57 -3.49 -9.12
CA LYS A 281 -20.25 -3.81 -10.38
C LYS A 281 -21.47 -4.72 -10.12
N GLY A 282 -21.27 -5.74 -9.28
CA GLY A 282 -22.33 -6.70 -8.96
C GLY A 282 -23.44 -6.21 -8.04
N GLY A 283 -23.38 -4.96 -7.59
CA GLY A 283 -24.47 -4.42 -6.82
C GLY A 283 -23.99 -3.74 -5.56
N SER A 284 -24.53 -4.16 -4.44
CA SER A 284 -24.42 -3.39 -3.22
C SER A 284 -24.09 -4.28 -1.99
N ILE A 285 -23.27 -3.78 -1.07
CA ILE A 285 -22.72 -4.58 0.04
C ILE A 285 -22.99 -3.90 1.35
N ASN A 286 -23.74 -4.54 2.25
CA ASN A 286 -24.15 -3.86 3.47
C ASN A 286 -23.94 -4.68 4.76
N THR A 287 -22.89 -4.34 5.50
CA THR A 287 -22.41 -5.21 6.55
C THR A 287 -21.62 -4.45 7.62
N LYS A 288 -21.60 -4.99 8.82
CA LYS A 288 -20.79 -4.42 9.86
C LYS A 288 -19.44 -5.11 9.96
N LEU A 289 -19.22 -6.17 9.19
CA LEU A 289 -17.96 -6.88 9.25
C LEU A 289 -16.84 -6.10 8.61
N PRO A 290 -15.63 -6.23 9.16
CA PRO A 290 -14.53 -5.39 8.71
C PRO A 290 -13.97 -5.76 7.36
N PHE A 291 -14.19 -7.01 6.92
CA PHE A 291 -13.68 -7.48 5.62
C PHE A 291 -14.77 -8.03 4.72
N GLN A 292 -14.48 -8.09 3.44
CA GLN A 292 -15.41 -8.68 2.48
C GLN A 292 -14.66 -9.47 1.42
N ASN A 293 -15.41 -10.29 0.71
CA ASN A 293 -14.98 -11.40 -0.13
C ASN A 293 -15.19 -11.14 -1.62
N LEU A 294 -15.84 -10.03 -1.95
CA LEU A 294 -16.59 -9.96 -3.20
C LEU A 294 -15.85 -9.28 -4.35
N SER A 295 -15.07 -8.26 -4.05
CA SER A 295 -14.35 -7.54 -5.07
C SER A 295 -13.36 -6.55 -4.48
N PRO A 296 -12.18 -6.45 -5.07
CA PRO A 296 -11.27 -5.34 -4.78
C PRO A 296 -11.78 -4.04 -5.40
N ARG A 297 -12.58 -4.13 -6.47
CA ARG A 297 -13.08 -2.97 -7.15
C ARG A 297 -14.43 -2.59 -6.55
N THR A 298 -14.42 -1.73 -5.54
CA THR A 298 -15.63 -1.21 -4.89
C THR A 298 -15.53 0.29 -4.66
N VAL A 299 -16.69 0.92 -4.39
CA VAL A 299 -16.73 2.36 -4.19
C VAL A 299 -17.62 2.70 -3.01
N GLY A 300 -17.27 3.78 -2.32
CA GLY A 300 -17.97 4.20 -1.13
C GLY A 300 -17.22 3.83 0.12
N GLN A 301 -17.95 3.53 1.18
CA GLN A 301 -17.36 3.16 2.46
C GLN A 301 -17.48 1.66 2.67
N CYS A 302 -16.41 0.96 2.38
CA CYS A 302 -16.44 -0.44 2.12
C CYS A 302 -15.56 -1.18 3.08
N PRO A 303 -15.94 -2.42 3.40
CA PRO A 303 -14.97 -3.24 4.12
C PRO A 303 -13.83 -3.61 3.18
N LYS A 304 -12.68 -3.98 3.73
CA LYS A 304 -11.48 -4.21 2.92
C LYS A 304 -11.57 -5.57 2.28
N TYR A 305 -11.15 -5.66 1.03
CA TYR A 305 -11.25 -6.89 0.27
C TYR A 305 -10.16 -7.85 0.75
N VAL A 306 -10.51 -9.13 0.92
CA VAL A 306 -9.54 -10.20 1.29
C VAL A 306 -9.73 -11.45 0.45
N ASN A 307 -8.68 -12.25 0.31
CA ASN A 307 -8.70 -13.48 -0.45
C ASN A 307 -9.01 -14.69 0.39
N LYS A 308 -9.93 -14.58 1.31
CA LYS A 308 -10.25 -15.72 2.12
C LYS A 308 -11.70 -15.97 1.91
N LYS A 309 -12.09 -17.23 1.86
CA LYS A 309 -13.50 -17.58 1.92
C LYS A 309 -14.09 -17.28 3.30
N SER A 310 -13.33 -17.53 4.35
CA SER A 310 -13.85 -17.47 5.70
C SER A 310 -12.75 -17.22 6.70
N LEU A 311 -13.04 -16.41 7.72
CA LEU A 311 -12.15 -16.19 8.85
C LEU A 311 -12.97 -16.13 10.11
N LEU A 312 -12.93 -17.19 10.90
CA LEU A 312 -13.76 -17.31 12.07
C LEU A 312 -13.06 -16.74 13.25
N LEU A 313 -13.74 -15.87 13.97
CA LEU A 313 -13.26 -15.36 15.26
C LEU A 313 -13.89 -16.15 16.39
N ALA A 314 -13.07 -16.71 17.26
CA ALA A 314 -13.55 -17.46 18.43
C ALA A 314 -14.32 -16.60 19.38
N THR A 315 -15.50 -17.05 19.76
CA THR A 315 -16.31 -16.33 20.73
C THR A 315 -16.64 -17.24 21.91
N GLY A 316 -15.84 -18.28 22.09
CA GLY A 316 -15.93 -19.17 23.21
C GLY A 316 -14.59 -19.81 23.51
N MET A 317 -14.57 -20.65 24.53
CA MET A 317 -13.36 -21.30 24.99
C MET A 317 -13.07 -22.55 24.16
N ARG A 318 -11.96 -23.19 24.45
CA ARG A 318 -11.58 -24.42 23.80
C ARG A 318 -12.64 -25.46 24.15
N ASN A 319 -13.05 -26.27 23.18
CA ASN A 319 -14.18 -27.20 23.41
C ASN A 319 -13.70 -28.58 23.68
N VAL A 320 -13.95 -29.08 24.89
CA VAL A 320 -13.47 -30.40 25.29
C VAL A 320 -14.67 -31.23 25.72
N PRO A 321 -15.22 -32.07 24.80
CA PRO A 321 -16.50 -32.80 25.08
C PRO A 321 -16.32 -34.01 25.99
N GLU A 322 -17.43 -34.59 26.48
CA GLU A 322 -17.37 -35.68 27.50
C GLU A 322 -17.19 -37.09 26.90
N GLY B 1 -3.76 -25.57 28.47
CA GLY B 1 -2.97 -24.68 27.56
C GLY B 1 -2.01 -23.81 28.36
N LEU B 2 -2.07 -22.48 28.15
CA LEU B 2 -1.14 -21.57 28.85
C LEU B 2 -1.27 -21.65 30.37
N PHE B 3 -2.51 -21.65 30.86
CA PHE B 3 -2.77 -21.70 32.29
C PHE B 3 -3.08 -23.09 32.80
N GLY B 4 -2.99 -24.09 31.95
CA GLY B 4 -2.95 -25.48 32.37
C GLY B 4 -4.23 -26.07 32.93
N ALA B 5 -5.36 -25.38 32.78
CA ALA B 5 -6.62 -25.82 33.36
C ALA B 5 -7.54 -26.44 32.31
N ILE B 6 -8.08 -25.61 31.41
CA ILE B 6 -8.87 -26.10 30.28
C ILE B 6 -7.94 -26.88 29.37
N ALA B 7 -8.36 -28.12 29.08
CA ALA B 7 -7.54 -29.14 28.39
C ALA B 7 -6.18 -29.32 29.08
N GLY B 8 -6.18 -29.14 30.41
CA GLY B 8 -5.01 -29.36 31.24
C GLY B 8 -5.41 -30.36 32.31
N PHE B 9 -5.46 -29.90 33.56
CA PHE B 9 -5.72 -30.79 34.67
C PHE B 9 -7.22 -31.10 34.84
N ILE B 10 -8.08 -30.24 34.31
CA ILE B 10 -9.49 -30.56 34.18
C ILE B 10 -9.61 -31.30 32.86
N GLU B 11 -10.00 -32.57 32.94
CA GLU B 11 -10.02 -33.54 31.85
C GLU B 11 -10.93 -33.13 30.71
N ASN B 12 -12.08 -32.59 31.04
CA ASN B 12 -13.05 -32.23 30.01
C ASN B 12 -14.12 -31.30 30.51
N GLY B 13 -14.86 -30.74 29.55
CA GLY B 13 -15.99 -29.88 29.84
C GLY B 13 -17.22 -30.64 30.29
N TRP B 14 -18.19 -29.91 30.82
CA TRP B 14 -19.48 -30.44 31.17
C TRP B 14 -20.51 -29.97 30.15
N GLU B 15 -21.12 -30.90 29.43
CA GLU B 15 -22.15 -30.53 28.45
C GLU B 15 -23.48 -30.27 29.14
N GLY B 16 -23.69 -30.86 30.31
CA GLY B 16 -24.86 -30.59 31.11
C GLY B 16 -24.93 -29.16 31.64
N MET B 17 -23.79 -28.49 31.77
CA MET B 17 -23.81 -27.11 32.24
C MET B 17 -24.21 -26.15 31.14
N VAL B 18 -25.39 -25.57 31.28
CA VAL B 18 -25.94 -24.66 30.27
C VAL B 18 -26.33 -23.32 30.86
N ASP B 19 -26.13 -23.15 32.16
CA ASP B 19 -26.48 -21.90 32.83
C ASP B 19 -25.34 -20.91 32.70
N GLY B 20 -24.13 -21.41 32.50
CA GLY B 20 -22.95 -20.56 32.46
C GLY B 20 -21.75 -21.26 31.84
N TRP B 21 -20.59 -20.61 31.88
CA TRP B 21 -19.40 -21.11 31.24
C TRP B 21 -18.51 -21.89 32.19
N TYR B 22 -18.45 -21.44 33.44
CA TYR B 22 -17.70 -22.12 34.47
C TYR B 22 -18.67 -22.37 35.60
N GLY B 23 -18.34 -23.31 36.48
CA GLY B 23 -19.29 -23.68 37.51
C GLY B 23 -18.81 -24.76 38.47
N PHE B 24 -19.72 -25.14 39.36
CA PHE B 24 -19.43 -26.02 40.46
C PHE B 24 -20.24 -27.28 40.33
N ARG B 25 -19.75 -28.32 40.98
CA ARG B 25 -20.41 -29.60 40.99
C ARG B 25 -19.94 -30.32 42.23
N HIS B 26 -20.88 -30.79 43.05
CA HIS B 26 -20.53 -31.30 44.37
C HIS B 26 -21.06 -32.71 44.66
N GLN B 27 -20.54 -33.32 45.71
CA GLN B 27 -21.03 -34.59 46.18
C GLN B 27 -20.81 -34.68 47.68
N ASN B 28 -21.92 -34.86 48.41
CA ASN B 28 -21.90 -35.02 49.86
C ASN B 28 -22.94 -36.05 50.28
N ALA B 29 -23.17 -36.20 51.58
CA ALA B 29 -24.16 -37.16 52.10
C ALA B 29 -25.56 -37.02 51.46
N GLN B 30 -25.97 -35.81 51.10
CA GLN B 30 -27.30 -35.57 50.55
C GLN B 30 -27.39 -35.76 49.03
N GLY B 31 -26.28 -36.11 48.40
CA GLY B 31 -26.27 -36.39 46.96
C GLY B 31 -25.34 -35.46 46.21
N THR B 32 -25.65 -35.25 44.94
CA THR B 32 -24.86 -34.41 44.06
C THR B 32 -25.62 -33.15 43.63
N GLY B 33 -24.87 -32.16 43.16
CA GLY B 33 -25.46 -30.94 42.60
C GLY B 33 -24.58 -30.32 41.54
N GLN B 34 -25.17 -29.42 40.75
CA GLN B 34 -24.44 -28.65 39.77
C GLN B 34 -24.89 -27.20 39.80
N ALA B 35 -23.97 -26.26 39.65
CA ALA B 35 -24.34 -24.84 39.59
C ALA B 35 -23.26 -23.98 38.91
N ALA B 36 -23.67 -22.97 38.16
CA ALA B 36 -22.75 -22.08 37.45
C ALA B 36 -22.24 -20.92 38.31
N ASP B 37 -21.02 -20.44 38.01
CA ASP B 37 -20.48 -19.26 38.63
C ASP B 37 -20.78 -18.06 37.74
N TYR B 38 -21.45 -17.07 38.32
CA TYR B 38 -21.76 -15.83 37.61
C TYR B 38 -20.52 -14.98 37.34
N LYS B 39 -19.71 -14.70 38.38
CA LYS B 39 -18.69 -13.65 38.28
C LYS B 39 -17.63 -14.07 37.20
N SER B 40 -17.22 -15.33 37.20
CA SER B 40 -16.25 -15.82 36.23
C SER B 40 -16.80 -15.92 34.81
N THR B 41 -18.05 -16.36 34.69
CA THR B 41 -18.70 -16.46 33.40
C THR B 41 -18.86 -15.08 32.77
N GLN B 42 -19.25 -14.11 33.59
CA GLN B 42 -19.43 -12.76 33.11
C GLN B 42 -18.11 -12.12 32.72
N ALA B 43 -17.07 -12.40 33.50
CA ALA B 43 -15.73 -11.89 33.21
C ALA B 43 -15.30 -12.32 31.83
N ALA B 44 -15.50 -13.59 31.50
CA ALA B 44 -15.09 -14.08 30.18
C ALA B 44 -15.95 -13.50 29.06
N ILE B 45 -17.26 -13.46 29.24
CA ILE B 45 -18.14 -13.00 28.19
C ILE B 45 -17.90 -11.53 27.85
N ASP B 46 -17.64 -10.73 28.86
CA ASP B 46 -17.47 -9.28 28.67
C ASP B 46 -16.25 -8.96 27.82
N GLN B 47 -15.20 -9.76 27.94
CA GLN B 47 -13.99 -9.52 27.18
C GLN B 47 -14.12 -9.99 25.75
N ILE B 48 -14.87 -11.05 25.52
CA ILE B 48 -15.22 -11.42 24.15
C ILE B 48 -16.09 -10.32 23.51
N THR B 49 -17.05 -9.79 24.26
CA THR B 49 -17.87 -8.69 23.74
C THR B 49 -17.02 -7.47 23.39
N GLY B 50 -16.04 -7.20 24.23
CA GLY B 50 -15.12 -6.10 23.98
C GLY B 50 -14.39 -6.25 22.67
N LYS B 51 -13.87 -7.46 22.43
CA LYS B 51 -13.23 -7.80 21.18
C LYS B 51 -14.18 -7.60 20.00
N LEU B 52 -15.40 -8.11 20.12
CA LEU B 52 -16.36 -7.97 19.03
C LEU B 52 -16.72 -6.52 18.78
N ASN B 53 -16.86 -5.72 19.82
CA ASN B 53 -17.15 -4.31 19.61
C ASN B 53 -16.03 -3.55 18.92
N ARG B 54 -14.79 -4.01 19.00
CA ARG B 54 -13.70 -3.34 18.30
C ARG B 54 -13.64 -3.69 16.82
N LEU B 55 -13.99 -4.91 16.46
CA LEU B 55 -13.83 -5.35 15.09
C LEU B 55 -15.07 -5.02 14.27
N ILE B 56 -16.24 -5.12 14.88
CA ILE B 56 -17.50 -4.88 14.21
C ILE B 56 -17.83 -3.39 14.28
N GLU B 57 -18.63 -2.91 13.32
CA GLU B 57 -19.12 -1.51 13.30
C GLU B 57 -18.02 -0.43 13.44
N LYS B 58 -16.82 -0.69 12.88
CA LYS B 58 -15.83 0.35 12.62
C LYS B 58 -16.35 1.18 11.44
N THR B 59 -16.01 2.47 11.39
CA THR B 59 -16.36 3.29 10.24
C THR B 59 -15.25 3.27 9.17
N ASN B 60 -15.64 3.02 7.92
CA ASN B 60 -14.69 2.94 6.81
C ASN B 60 -14.54 4.29 6.10
N THR B 61 -13.46 4.44 5.33
CA THR B 61 -13.20 5.67 4.62
C THR B 61 -13.66 5.49 3.16
N GLU B 62 -13.92 6.61 2.48
CA GLU B 62 -14.50 6.59 1.16
C GLU B 62 -13.44 6.33 0.12
N PHE B 63 -13.73 5.45 -0.83
CA PHE B 63 -12.88 5.29 -1.98
C PHE B 63 -13.71 5.44 -3.24
N GLU B 64 -13.14 6.10 -4.24
CA GLU B 64 -13.76 6.22 -5.53
C GLU B 64 -13.09 5.25 -6.50
N SER B 65 -13.75 4.99 -7.62
CA SER B 65 -13.19 4.21 -8.68
C SER B 65 -12.02 4.97 -9.26
N ILE B 66 -10.90 4.29 -9.42
CA ILE B 66 -9.77 4.85 -10.16
C ILE B 66 -9.64 4.17 -11.52
N GLU B 67 -10.38 3.07 -11.72
CA GLU B 67 -10.44 2.36 -13.00
C GLU B 67 -11.82 2.53 -13.58
N SER B 68 -11.98 2.03 -14.80
CA SER B 68 -13.26 1.94 -15.42
C SER B 68 -13.60 0.44 -15.55
N GLU B 69 -14.81 0.07 -15.14
CA GLU B 69 -15.31 -1.29 -15.36
C GLU B 69 -15.62 -1.55 -16.81
N PHE B 70 -15.79 -0.51 -17.62
CA PHE B 70 -16.43 -0.65 -18.92
C PHE B 70 -15.55 -0.30 -20.10
N SER B 71 -14.74 0.74 -19.96
CA SER B 71 -13.83 1.17 -21.01
C SER B 71 -12.43 0.80 -20.60
N GLU B 72 -11.84 -0.20 -21.24
CA GLU B 72 -10.42 -0.47 -20.95
C GLU B 72 -9.53 0.78 -21.11
N ILE B 73 -8.55 0.83 -20.24
CA ILE B 73 -7.73 2.00 -20.03
C ILE B 73 -6.33 1.71 -20.50
N GLU B 74 -5.56 2.77 -20.72
CA GLU B 74 -4.16 2.67 -21.07
C GLU B 74 -3.46 1.55 -20.27
N HIS B 75 -2.70 0.74 -21.00
CA HIS B 75 -2.29 -0.55 -20.49
C HIS B 75 -1.21 -0.41 -19.41
N GLN B 76 -0.35 0.58 -19.60
CA GLN B 76 0.74 0.85 -18.68
C GLN B 76 0.22 1.29 -17.29
N ILE B 77 -0.73 2.21 -17.30
CA ILE B 77 -1.35 2.72 -16.09
C ILE B 77 -2.26 1.66 -15.46
N GLY B 78 -2.88 0.82 -16.29
CA GLY B 78 -3.64 -0.30 -15.81
C GLY B 78 -2.78 -1.25 -15.00
N ASN B 79 -1.59 -1.55 -15.51
CA ASN B 79 -0.75 -2.54 -14.86
C ASN B 79 -0.28 -2.02 -13.54
N ILE B 80 -0.08 -0.73 -13.46
CA ILE B 80 0.34 -0.10 -12.22
C ILE B 80 -0.75 -0.15 -11.19
N ILE B 81 -1.99 0.06 -11.64
CA ILE B 81 -3.12 -0.13 -10.75
C ILE B 81 -3.28 -1.58 -10.29
N ASN B 82 -3.29 -2.55 -11.23
CA ASN B 82 -3.48 -3.94 -10.82
C ASN B 82 -2.46 -4.31 -9.77
N TRP B 83 -1.23 -3.86 -9.99
CA TRP B 83 -0.10 -4.21 -9.13
C TRP B 83 -0.32 -3.66 -7.74
N THR B 84 -0.63 -2.38 -7.66
CA THR B 84 -0.90 -1.73 -6.41
C THR B 84 -2.09 -2.36 -5.71
N LYS B 85 -3.17 -2.65 -6.42
CA LYS B 85 -4.35 -3.29 -5.80
C LYS B 85 -4.03 -4.68 -5.26
N ASP B 86 -3.36 -5.50 -6.04
CA ASP B 86 -3.06 -6.83 -5.57
C ASP B 86 -2.11 -6.76 -4.38
N SER B 87 -1.25 -5.77 -4.41
CA SER B 87 -0.28 -5.59 -3.36
C SER B 87 -1.00 -5.23 -2.05
N ILE B 88 -2.09 -4.50 -2.18
CA ILE B 88 -2.88 -4.13 -1.04
C ILE B 88 -3.81 -5.23 -0.53
N THR B 89 -4.37 -6.00 -1.43
CA THR B 89 -5.09 -7.18 -1.05
C THR B 89 -4.21 -8.14 -0.25
N ASP B 90 -2.97 -8.37 -0.69
CA ASP B 90 -2.04 -9.24 0.05
C ASP B 90 -1.83 -8.74 1.46
N ILE B 91 -1.66 -7.43 1.59
CA ILE B 91 -1.53 -6.84 2.90
C ILE B 91 -2.77 -7.06 3.76
N TRP B 92 -3.98 -6.77 3.23
CA TRP B 92 -5.17 -6.93 4.08
C TRP B 92 -5.46 -8.40 4.39
N THR B 93 -5.16 -9.32 3.49
CA THR B 93 -5.56 -10.68 3.77
C THR B 93 -4.64 -11.17 4.85
N TYR B 94 -3.34 -10.85 4.73
CA TYR B 94 -2.36 -11.25 5.73
C TYR B 94 -2.72 -10.68 7.12
N GLN B 95 -3.09 -9.42 7.18
CA GLN B 95 -3.43 -8.82 8.44
C GLN B 95 -4.62 -9.43 9.05
N ALA B 96 -5.59 -9.75 8.23
CA ALA B 96 -6.82 -10.28 8.72
C ALA B 96 -6.48 -11.65 9.30
N GLU B 97 -5.73 -12.43 8.55
CA GLU B 97 -5.35 -13.73 8.99
C GLU B 97 -4.57 -13.61 10.32
N LEU B 98 -3.73 -12.60 10.45
CA LEU B 98 -2.97 -12.38 11.69
C LEU B 98 -3.84 -11.93 12.86
N LEU B 99 -4.70 -10.97 12.57
CA LEU B 99 -5.62 -10.46 13.55
C LEU B 99 -6.41 -11.59 14.19
N VAL B 100 -7.05 -12.39 13.36
CA VAL B 100 -7.95 -13.42 13.87
C VAL B 100 -7.17 -14.50 14.63
N ALA B 101 -6.05 -14.90 14.07
CA ALA B 101 -5.15 -15.85 14.70
C ALA B 101 -4.78 -15.42 16.10
N MET B 102 -4.36 -14.18 16.26
CA MET B 102 -3.84 -13.77 17.52
C MET B 102 -4.95 -13.49 18.52
N GLU B 103 -6.09 -12.95 18.04
CA GLU B 103 -7.25 -12.70 18.91
C GLU B 103 -7.77 -14.01 19.44
N ASN B 104 -7.71 -15.04 18.59
CA ASN B 104 -8.22 -16.36 18.97
C ASN B 104 -7.33 -17.03 19.97
N GLN B 105 -6.02 -16.92 19.74
CA GLN B 105 -5.04 -17.38 20.69
C GLN B 105 -5.33 -16.76 22.05
N HIS B 106 -5.63 -15.47 22.04
CA HIS B 106 -5.85 -14.73 23.26
C HIS B 106 -7.17 -15.12 23.91
N THR B 107 -8.25 -15.18 23.13
CA THR B 107 -9.57 -15.60 23.65
C THR B 107 -9.50 -16.97 24.35
N ILE B 108 -8.90 -17.93 23.69
CA ILE B 108 -8.77 -19.25 24.28
C ILE B 108 -7.99 -19.20 25.59
N ASP B 109 -6.87 -18.49 25.58
CA ASP B 109 -6.00 -18.42 26.77
C ASP B 109 -6.61 -17.59 27.91
N MET B 110 -7.38 -16.58 27.56
CA MET B 110 -8.21 -15.85 28.49
C MET B 110 -9.19 -16.78 29.20
N ALA B 111 -9.89 -17.60 28.43
CA ALA B 111 -10.93 -18.45 28.97
C ALA B 111 -10.33 -19.46 29.95
N ASP B 112 -9.16 -19.99 29.61
CA ASP B 112 -8.34 -20.88 30.45
C ASP B 112 -8.00 -20.18 31.78
N SER B 113 -7.62 -18.92 31.68
CA SER B 113 -7.27 -18.09 32.83
C SER B 113 -8.43 -17.90 33.80
N GLU B 114 -9.62 -17.63 33.29
CA GLU B 114 -10.77 -17.41 34.16
C GLU B 114 -11.11 -18.66 34.89
N MET B 115 -10.94 -19.81 34.23
CA MET B 115 -11.12 -21.10 34.90
C MET B 115 -10.11 -21.28 36.02
N LEU B 116 -8.84 -21.01 35.76
CA LEU B 116 -7.82 -21.09 36.80
C LEU B 116 -8.17 -20.13 37.95
N ASN B 117 -8.54 -18.89 37.64
CA ASN B 117 -8.86 -17.94 38.70
C ASN B 117 -9.97 -18.47 39.63
N LEU B 118 -10.94 -19.17 39.06
CA LEU B 118 -12.05 -19.70 39.84
C LEU B 118 -11.58 -20.81 40.74
N TYR B 119 -10.73 -21.67 40.21
CA TYR B 119 -10.01 -22.66 41.03
C TYR B 119 -9.28 -22.03 42.19
N GLU B 120 -8.45 -21.02 41.90
CA GLU B 120 -7.61 -20.41 42.91
C GLU B 120 -8.47 -19.74 43.98
N ARG B 121 -9.60 -19.21 43.57
CA ARG B 121 -10.52 -18.53 44.48
C ARG B 121 -10.98 -19.48 45.56
N VAL B 122 -11.50 -20.61 45.10
CA VAL B 122 -12.06 -21.60 45.98
C VAL B 122 -10.97 -22.22 46.84
N ARG B 123 -9.81 -22.44 46.26
CA ARG B 123 -8.73 -23.01 47.03
C ARG B 123 -8.40 -22.16 48.26
N LYS B 124 -8.29 -20.85 48.04
CA LYS B 124 -7.98 -19.96 49.11
C LYS B 124 -9.11 -19.86 50.13
N GLN B 125 -10.33 -20.06 49.69
CA GLN B 125 -11.50 -19.97 50.60
C GLN B 125 -11.50 -21.09 51.60
N LEU B 126 -11.18 -22.28 51.15
CA LEU B 126 -11.17 -23.45 51.99
C LEU B 126 -9.97 -23.55 52.90
N ARG B 127 -8.96 -22.67 52.75
CA ARG B 127 -7.78 -22.64 53.65
C ARG B 127 -7.26 -24.07 53.85
N GLN B 128 -7.16 -24.54 55.09
CA GLN B 128 -6.53 -25.80 55.42
C GLN B 128 -7.56 -26.90 55.55
N ASN B 129 -8.81 -26.60 55.17
CA ASN B 129 -9.93 -27.48 55.44
C ASN B 129 -10.18 -28.41 54.28
N ALA B 130 -9.32 -28.35 53.25
CA ALA B 130 -9.51 -29.17 52.07
C ALA B 130 -8.18 -29.45 51.39
N GLU B 131 -8.18 -30.40 50.47
CA GLU B 131 -7.00 -30.76 49.71
C GLU B 131 -7.35 -30.92 48.24
N GLU B 132 -6.40 -30.57 47.37
CA GLU B 132 -6.63 -30.65 45.94
C GLU B 132 -6.40 -32.07 45.45
N ASP B 133 -7.39 -32.56 44.71
CA ASP B 133 -7.40 -33.87 44.10
C ASP B 133 -6.38 -33.95 42.95
N GLY B 134 -6.23 -32.87 42.17
CA GLY B 134 -5.34 -32.87 41.01
C GLY B 134 -6.13 -32.95 39.70
N LYS B 135 -7.43 -33.17 39.83
CA LYS B 135 -8.33 -33.34 38.73
C LYS B 135 -9.29 -32.15 38.62
N GLY B 136 -9.14 -31.16 39.50
CA GLY B 136 -10.04 -30.02 39.54
C GLY B 136 -10.92 -30.02 40.76
N CYS B 137 -10.87 -31.08 41.57
CA CYS B 137 -11.70 -31.21 42.76
C CYS B 137 -10.96 -30.91 44.05
N PHE B 138 -11.74 -30.53 45.05
CA PHE B 138 -11.26 -30.34 46.39
C PHE B 138 -11.96 -31.37 47.25
N GLU B 139 -11.21 -32.12 48.03
CA GLU B 139 -11.81 -33.02 49.01
C GLU B 139 -11.87 -32.29 50.32
N ILE B 140 -13.07 -32.25 50.88
CA ILE B 140 -13.35 -31.49 52.07
C ILE B 140 -13.30 -32.43 53.26
N TYR B 141 -12.46 -32.11 54.23
CA TYR B 141 -12.20 -33.02 55.36
C TYR B 141 -13.11 -32.72 56.55
N HIS B 142 -14.26 -32.14 56.25
CA HIS B 142 -15.33 -31.97 57.21
C HIS B 142 -16.63 -32.31 56.49
N LYS B 143 -17.71 -32.46 57.23
CA LYS B 143 -19.00 -32.79 56.63
C LYS B 143 -19.62 -31.50 56.12
N CYS B 144 -19.80 -31.43 54.80
CA CYS B 144 -20.25 -30.20 54.18
C CYS B 144 -21.60 -30.41 53.50
N ASP B 145 -22.67 -30.12 54.25
CA ASP B 145 -24.06 -30.18 53.75
C ASP B 145 -24.36 -29.09 52.68
N ASP B 146 -25.57 -29.13 52.11
CA ASP B 146 -25.94 -28.24 50.99
C ASP B 146 -25.77 -26.75 51.30
N ASN B 147 -26.03 -26.34 52.54
CA ASN B 147 -25.84 -24.92 52.94
C ASN B 147 -24.38 -24.51 53.00
N CYS B 148 -23.56 -25.42 53.46
CA CYS B 148 -22.13 -25.25 53.43
C CYS B 148 -21.63 -25.12 51.96
N MET B 149 -22.11 -25.97 51.07
CA MET B 149 -21.75 -25.90 49.65
C MET B 149 -22.12 -24.58 49.00
N GLU B 150 -23.30 -24.07 49.37
CA GLU B 150 -23.72 -22.75 48.92
C GLU B 150 -22.81 -21.65 49.48
N SER B 151 -22.36 -21.79 50.71
CA SER B 151 -21.52 -20.79 51.33
C SER B 151 -20.21 -20.61 50.52
N ILE B 152 -19.70 -21.74 49.99
CA ILE B 152 -18.51 -21.73 49.16
C ILE B 152 -18.80 -21.04 47.84
N ARG B 153 -19.96 -21.33 47.27
CA ARG B 153 -20.35 -20.74 46.00
C ARG B 153 -20.65 -19.27 46.06
N ASN B 154 -21.10 -18.71 47.20
CA ASN B 154 -21.25 -17.23 47.31
C ASN B 154 -20.29 -16.52 48.23
N ASN B 155 -19.09 -17.08 48.32
CA ASN B 155 -18.01 -16.53 49.14
C ASN B 155 -18.45 -16.07 50.55
N THR B 156 -19.18 -16.93 51.26
CA THR B 156 -19.51 -16.66 52.67
C THR B 156 -18.99 -17.76 53.62
N TYR B 157 -18.37 -18.79 53.06
CA TYR B 157 -17.77 -19.87 53.82
C TYR B 157 -16.69 -19.38 54.80
N ASP B 158 -16.86 -19.66 56.09
CA ASP B 158 -15.86 -19.29 57.08
C ASP B 158 -15.06 -20.52 57.48
N HIS B 159 -13.80 -20.58 57.06
CA HIS B 159 -12.97 -21.76 57.32
C HIS B 159 -12.78 -22.01 58.82
N THR B 160 -12.80 -20.94 59.59
CA THR B 160 -12.58 -21.00 61.02
C THR B 160 -13.58 -21.92 61.70
N GLN B 161 -14.82 -21.83 61.23
CA GLN B 161 -15.93 -22.62 61.76
C GLN B 161 -15.78 -24.12 61.64
N TYR B 162 -15.02 -24.58 60.66
CA TYR B 162 -14.82 -26.00 60.42
C TYR B 162 -13.36 -26.43 60.55
N ARG B 163 -12.50 -25.53 61.01
CA ARG B 163 -11.07 -25.79 60.99
C ARG B 163 -10.69 -26.92 61.94
N GLU B 164 -11.12 -26.82 63.19
CA GLU B 164 -10.75 -27.85 64.18
C GLU B 164 -11.08 -29.31 63.73
N GLU B 165 -12.20 -29.51 63.03
CA GLU B 165 -12.57 -30.88 62.63
C GLU B 165 -11.81 -31.31 61.39
N ALA B 166 -11.71 -30.41 60.43
CA ALA B 166 -10.96 -30.62 59.22
C ALA B 166 -9.56 -31.11 59.56
N LEU B 167 -8.84 -30.35 60.37
CA LEU B 167 -7.45 -30.71 60.74
C LEU B 167 -7.41 -32.10 61.41
N LEU B 168 -8.38 -32.36 62.29
CA LEU B 168 -8.48 -33.67 62.94
C LEU B 168 -8.60 -34.84 61.96
N ASN B 169 -9.42 -34.68 60.93
CA ASN B 169 -9.60 -35.71 59.92
C ASN B 169 -8.41 -35.80 58.94
N ARG B 170 -7.70 -34.69 58.76
CA ARG B 170 -6.47 -34.70 57.99
C ARG B 170 -5.38 -35.47 58.73
N LEU B 171 -5.50 -35.55 60.07
CA LEU B 171 -4.51 -36.21 60.97
C LEU B 171 -4.94 -37.62 61.44
N ASN B 172 -5.01 -38.59 60.53
CA ASN B 172 -5.52 -39.94 60.78
C ASN B 172 -5.01 -40.96 59.76
N GLY C 4 15.79 -35.11 54.05
CA GLY C 4 14.72 -35.63 53.16
C GLY C 4 15.23 -35.97 51.77
N ASP C 5 14.59 -36.93 51.12
CA ASP C 5 14.83 -37.25 49.71
C ASP C 5 14.18 -36.14 48.87
N LYS C 6 14.65 -35.93 47.64
CA LYS C 6 14.06 -34.88 46.80
C LYS C 6 13.92 -35.16 45.31
N ILE C 7 12.92 -34.52 44.72
CA ILE C 7 12.78 -34.55 43.27
C ILE C 7 12.67 -33.12 42.78
N CYS C 8 13.48 -32.79 41.79
CA CYS C 8 13.63 -31.44 41.27
C CYS C 8 13.21 -31.37 39.82
N LEU C 9 12.50 -30.32 39.45
CA LEU C 9 12.07 -30.15 38.06
C LEU C 9 12.93 -29.09 37.38
N GLY C 10 13.23 -29.32 36.11
CA GLY C 10 14.07 -28.41 35.36
C GLY C 10 13.90 -28.51 33.86
N HIS C 11 14.47 -27.55 33.17
CA HIS C 11 14.46 -27.51 31.71
C HIS C 11 15.84 -27.61 31.17
N HIS C 12 15.94 -27.73 29.85
CA HIS C 12 17.24 -27.84 29.24
C HIS C 12 17.86 -26.45 28.94
N ALA C 13 19.14 -26.44 28.66
CA ALA C 13 19.84 -25.27 28.19
C ALA C 13 20.94 -25.69 27.26
N VAL C 14 21.53 -24.72 26.61
CA VAL C 14 22.68 -24.98 25.76
C VAL C 14 23.76 -23.92 26.01
N SER C 15 25.01 -24.28 25.81
CA SER C 15 26.09 -23.29 25.82
C SER C 15 26.08 -22.52 24.50
N ASN C 16 25.56 -23.19 23.47
CA ASN C 16 25.45 -22.78 22.06
C ASN C 16 24.21 -21.81 21.85
N GLY C 17 24.18 -20.69 22.59
CA GLY C 17 22.99 -19.80 22.63
C GLY C 17 22.73 -18.88 21.43
N THR C 18 21.49 -18.47 21.22
CA THR C 18 21.15 -17.62 20.05
C THR C 18 20.35 -16.41 20.46
N ILE C 19 20.57 -15.30 19.78
CA ILE C 19 19.96 -14.05 20.15
C ILE C 19 18.82 -13.62 19.19
N VAL C 20 17.69 -13.21 19.76
CA VAL C 20 16.54 -12.83 19.00
C VAL C 20 15.91 -11.62 19.66
N LYS C 21 14.87 -11.11 19.01
CA LYS C 21 14.23 -9.90 19.42
C LYS C 21 12.79 -10.21 19.83
N THR C 22 12.30 -9.53 20.86
CA THR C 22 10.92 -9.70 21.35
C THR C 22 10.31 -8.34 21.49
N LEU C 23 9.13 -8.29 22.10
CA LEU C 23 8.43 -7.04 22.30
C LEU C 23 9.08 -6.17 23.36
N THR C 24 9.80 -6.81 24.27
CA THR C 24 10.32 -6.18 25.48
C THR C 24 11.83 -6.11 25.45
N ASN C 25 12.48 -6.93 24.62
CA ASN C 25 13.92 -7.06 24.65
C ASN C 25 14.47 -7.22 23.26
N GLU C 26 15.59 -6.56 22.99
CA GLU C 26 16.27 -6.68 21.70
C GLU C 26 17.37 -7.73 21.66
N LYS C 27 17.80 -8.23 22.83
CA LYS C 27 18.73 -9.38 22.91
C LYS C 27 18.22 -10.47 23.85
N GLU C 28 17.38 -11.40 23.39
CA GLU C 28 17.01 -12.54 24.21
C GLU C 28 17.77 -13.78 23.75
N GLU C 29 18.52 -14.42 24.66
CA GLU C 29 19.14 -15.72 24.34
C GLU C 29 18.01 -16.73 24.32
N VAL C 30 17.94 -17.53 23.26
CA VAL C 30 17.08 -18.69 23.25
C VAL C 30 17.92 -19.83 22.83
N THR C 31 17.38 -21.02 22.98
CA THR C 31 18.14 -22.23 22.73
C THR C 31 18.36 -22.42 21.25
N ASN C 32 17.39 -22.07 20.41
CA ASN C 32 17.54 -22.21 18.95
C ASN C 32 16.66 -21.15 18.26
N ALA C 33 16.92 -20.92 16.99
CA ALA C 33 16.11 -20.01 16.23
C ALA C 33 16.34 -20.24 14.76
N THR C 34 15.42 -19.78 13.95
CA THR C 34 15.47 -20.03 12.51
C THR C 34 15.21 -18.75 11.72
N GLU C 35 15.89 -18.64 10.59
CA GLU C 35 15.80 -17.45 9.74
C GLU C 35 14.46 -17.38 9.01
N THR C 36 13.86 -16.19 8.93
CA THR C 36 12.60 -15.97 8.21
C THR C 36 12.76 -15.16 6.93
N VAL C 37 13.91 -14.50 6.79
CA VAL C 37 14.21 -13.72 5.61
C VAL C 37 15.20 -14.45 4.72
N GLU C 38 14.74 -14.84 3.53
CA GLU C 38 15.59 -15.47 2.52
C GLU C 38 16.61 -14.49 1.96
N SER C 39 17.87 -14.90 1.92
CA SER C 39 18.95 -14.04 1.39
C SER C 39 19.71 -14.67 0.23
N LYS C 40 19.44 -15.93 -0.05
CA LYS C 40 20.13 -16.64 -1.08
C LYS C 40 19.26 -16.71 -2.31
N SER C 41 19.89 -16.54 -3.46
CA SER C 41 19.23 -16.64 -4.76
C SER C 41 20.08 -17.53 -5.63
N LEU C 42 19.44 -18.16 -6.61
CA LEU C 42 20.18 -18.88 -7.61
C LEU C 42 20.50 -17.99 -8.80
N ASP C 43 21.76 -18.07 -9.22
CA ASP C 43 22.36 -17.30 -10.31
C ASP C 43 21.85 -17.72 -11.71
N LYS C 44 20.71 -18.41 -11.77
CA LYS C 44 20.17 -18.97 -13.00
C LYS C 44 18.67 -18.78 -13.08
N LEU C 45 18.09 -19.03 -14.24
CA LEU C 45 16.63 -18.97 -14.39
C LEU C 45 16.11 -20.37 -14.41
N CYS C 46 15.49 -20.78 -13.31
CA CYS C 46 14.93 -22.14 -13.17
C CYS C 46 13.68 -22.38 -14.00
N MET C 47 13.86 -22.98 -15.18
CA MET C 47 12.78 -23.16 -16.12
C MET C 47 12.16 -24.57 -16.17
N LYS C 48 12.52 -25.46 -15.26
CA LYS C 48 11.95 -26.81 -15.33
C LYS C 48 10.41 -26.79 -15.38
N SER C 49 9.87 -27.64 -16.22
CA SER C 49 8.44 -27.74 -16.45
C SER C 49 7.77 -26.40 -16.71
N ARG C 50 8.41 -25.58 -17.57
CA ARG C 50 7.76 -24.44 -18.24
C ARG C 50 8.03 -24.42 -19.74
N ASN C 51 7.02 -24.12 -20.56
CA ASN C 51 7.21 -23.75 -21.99
C ASN C 51 7.81 -22.35 -22.15
N TYR C 52 9.11 -22.23 -22.03
CA TYR C 52 9.69 -20.93 -22.04
C TYR C 52 10.12 -20.57 -23.43
N LYS C 53 10.30 -19.28 -23.64
CA LYS C 53 10.86 -18.74 -24.85
C LYS C 53 11.95 -17.77 -24.42
N ASP C 54 13.19 -18.08 -24.80
CA ASP C 54 14.31 -17.21 -24.53
C ASP C 54 14.52 -16.40 -25.79
N LEU C 55 14.29 -15.08 -25.71
CA LEU C 55 14.39 -14.22 -26.91
C LEU C 55 15.83 -13.93 -27.34
N GLY C 56 16.82 -14.22 -26.50
CA GLY C 56 18.21 -13.93 -26.85
C GLY C 56 18.35 -12.47 -27.21
N SER C 57 18.72 -12.23 -28.46
CA SER C 57 18.95 -10.88 -28.96
C SER C 57 17.67 -10.19 -29.41
N CYS C 58 16.56 -10.92 -29.48
CA CYS C 58 15.30 -10.31 -29.91
C CYS C 58 14.57 -9.53 -28.78
N HIS C 59 14.13 -8.32 -29.08
CA HIS C 59 13.31 -7.53 -28.18
C HIS C 59 11.83 -7.80 -28.52
N PRO C 60 10.99 -7.99 -27.49
CA PRO C 60 9.58 -8.29 -27.66
C PRO C 60 8.85 -7.53 -28.75
N ILE C 61 9.14 -6.25 -28.85
CA ILE C 61 8.55 -5.43 -29.90
C ILE C 61 8.98 -5.86 -31.29
N GLY C 62 10.23 -6.26 -31.47
CA GLY C 62 10.66 -6.81 -32.75
C GLY C 62 9.89 -8.03 -33.21
N MET C 63 9.22 -8.73 -32.29
CA MET C 63 8.41 -9.89 -32.64
C MET C 63 7.17 -9.51 -33.40
N VAL C 64 6.75 -8.27 -33.23
CA VAL C 64 5.46 -7.81 -33.70
C VAL C 64 5.60 -7.07 -35.01
N ILE C 65 6.76 -6.43 -35.20
CA ILE C 65 7.09 -5.77 -36.46
C ILE C 65 7.97 -6.61 -37.38
N GLY C 66 8.66 -7.59 -36.83
CA GLY C 66 9.45 -8.48 -37.67
C GLY C 66 10.84 -7.95 -38.01
N THR C 67 11.60 -7.60 -36.98
CA THR C 67 12.99 -7.28 -37.15
C THR C 67 13.74 -8.57 -37.45
N PRO C 68 14.79 -8.49 -38.28
CA PRO C 68 15.64 -9.67 -38.57
C PRO C 68 16.05 -10.48 -37.34
N ALA C 69 16.62 -9.83 -36.33
CA ALA C 69 16.94 -10.51 -35.06
C ALA C 69 15.79 -11.35 -34.43
N CYS C 70 14.54 -11.06 -34.81
CA CYS C 70 13.40 -11.74 -34.22
C CYS C 70 12.75 -12.78 -35.10
N ASP C 71 13.38 -13.14 -36.23
CA ASP C 71 12.78 -14.10 -37.19
C ASP C 71 12.35 -15.45 -36.60
N LEU C 72 13.05 -15.91 -35.57
CA LEU C 72 12.70 -17.17 -34.92
C LEU C 72 11.50 -17.03 -34.00
N HIS C 73 11.13 -15.80 -33.68
CA HIS C 73 10.15 -15.54 -32.65
C HIS C 73 8.95 -14.74 -33.16
N LEU C 74 8.64 -14.82 -34.44
CA LEU C 74 7.49 -14.10 -34.98
C LEU C 74 6.16 -14.73 -34.57
N THR C 75 6.17 -16.02 -34.27
CA THR C 75 5.00 -16.70 -33.76
C THR C 75 5.45 -17.68 -32.69
N GLY C 76 4.49 -18.23 -31.96
CA GLY C 76 4.78 -19.18 -30.91
C GLY C 76 3.77 -19.18 -29.78
N THR C 77 3.88 -20.18 -28.91
CA THR C 77 3.15 -20.20 -27.65
C THR C 77 4.17 -20.48 -26.57
N TRP C 78 3.94 -19.94 -25.39
CA TRP C 78 4.86 -20.08 -24.26
C TRP C 78 4.09 -19.71 -23.01
N ASP C 79 4.54 -20.19 -21.86
CA ASP C 79 4.00 -19.71 -20.59
C ASP C 79 4.96 -18.74 -19.92
N THR C 80 6.14 -18.56 -20.51
CA THR C 80 7.20 -17.75 -19.91
C THR C 80 8.03 -17.16 -21.03
N LEU C 81 8.18 -15.82 -21.00
CA LEU C 81 9.01 -15.10 -21.96
C LEU C 81 10.20 -14.45 -21.30
N ILE C 82 11.39 -14.62 -21.88
CA ILE C 82 12.59 -14.05 -21.29
C ILE C 82 13.17 -13.01 -22.21
N GLU C 83 13.30 -11.77 -21.70
CA GLU C 83 13.98 -10.65 -22.33
C GLU C 83 15.40 -10.51 -21.80
N ARG C 84 16.36 -10.18 -22.68
CA ARG C 84 17.74 -9.81 -22.30
C ARG C 84 18.03 -8.33 -22.56
N ASP C 85 19.16 -7.83 -22.06
CA ASP C 85 19.39 -6.41 -21.89
C ASP C 85 19.76 -5.56 -23.11
N ASN C 86 20.45 -6.11 -24.08
CA ASN C 86 20.73 -5.26 -25.25
C ASN C 86 20.11 -5.86 -26.47
N SER C 87 18.85 -6.25 -26.30
CA SER C 87 18.12 -6.92 -27.33
C SER C 87 17.77 -5.87 -28.35
N ILE C 88 17.56 -6.31 -29.58
CA ILE C 88 17.37 -5.44 -30.72
C ILE C 88 15.88 -5.40 -31.04
N ALA C 89 15.35 -4.19 -31.18
CA ALA C 89 13.97 -3.99 -31.55
C ALA C 89 13.88 -3.44 -32.95
N TYR C 90 14.78 -2.52 -33.28
CA TYR C 90 14.74 -1.77 -34.52
C TYR C 90 15.94 -2.00 -35.40
N CYS C 91 15.69 -2.15 -36.70
CA CYS C 91 16.78 -2.15 -37.67
C CYS C 91 16.91 -0.71 -38.25
N TYR C 92 15.89 -0.23 -38.97
CA TYR C 92 15.85 1.18 -39.38
C TYR C 92 15.52 1.98 -38.13
N PRO C 93 16.32 3.03 -37.79
CA PRO C 93 16.14 3.76 -36.52
C PRO C 93 14.75 4.37 -36.32
N GLY C 94 14.29 4.31 -35.08
CA GLY C 94 12.94 4.72 -34.80
C GLY C 94 12.56 4.37 -33.40
N ALA C 95 11.27 4.50 -33.15
CA ALA C 95 10.72 4.41 -31.80
C ALA C 95 9.23 4.13 -31.91
N THR C 96 8.65 3.49 -30.90
CA THR C 96 7.22 3.27 -30.93
C THR C 96 6.62 4.10 -29.81
N VAL C 97 5.44 4.62 -30.08
CA VAL C 97 4.72 5.38 -29.11
C VAL C 97 4.11 4.39 -28.15
N ASN C 98 4.14 4.72 -26.87
CA ASN C 98 3.73 3.80 -25.81
C ASN C 98 4.43 2.46 -26.00
N GLU C 99 5.74 2.53 -26.26
CA GLU C 99 6.61 1.36 -26.31
C GLU C 99 6.46 0.47 -25.06
N GLU C 100 6.42 1.09 -23.89
CA GLU C 100 6.43 0.34 -22.67
C GLU C 100 5.14 -0.46 -22.52
N ALA C 101 4.00 0.16 -22.81
CA ALA C 101 2.76 -0.58 -22.72
C ALA C 101 2.80 -1.77 -23.66
N LEU C 102 3.32 -1.52 -24.86
CA LEU C 102 3.34 -2.57 -25.86
C LEU C 102 4.27 -3.68 -25.38
N ARG C 103 5.45 -3.31 -24.89
CA ARG C 103 6.36 -4.28 -24.38
C ARG C 103 5.67 -5.12 -23.31
N GLN C 104 4.90 -4.47 -22.43
CA GLN C 104 4.25 -5.19 -21.34
C GLN C 104 3.16 -6.13 -21.80
N LYS C 105 2.30 -5.70 -22.71
CA LYS C 105 1.28 -6.60 -23.24
C LYS C 105 1.85 -7.89 -23.81
N ILE C 106 2.95 -7.78 -24.57
CA ILE C 106 3.60 -8.96 -25.11
C ILE C 106 4.19 -9.84 -24.00
N MET C 107 4.91 -9.25 -23.03
CA MET C 107 5.53 -10.02 -21.96
C MET C 107 4.51 -10.72 -21.03
N GLU C 108 3.24 -10.34 -21.10
CA GLU C 108 2.23 -11.00 -20.31
C GLU C 108 1.34 -11.93 -21.15
N SER C 109 1.77 -12.28 -22.37
CA SER C 109 0.86 -12.79 -23.38
C SER C 109 0.80 -14.28 -23.54
N GLY C 110 1.85 -14.97 -23.20
CA GLY C 110 1.80 -16.40 -23.48
C GLY C 110 1.61 -16.89 -24.94
N GLY C 111 1.88 -16.05 -25.93
CA GLY C 111 1.93 -16.52 -27.31
C GLY C 111 1.42 -15.51 -28.31
N ILE C 112 1.90 -15.59 -29.53
CA ILE C 112 1.48 -14.68 -30.60
C ILE C 112 1.22 -15.47 -31.86
N ASP C 113 0.10 -15.16 -32.51
CA ASP C 113 -0.13 -15.61 -33.88
C ASP C 113 -0.24 -14.41 -34.84
N LYS C 114 0.21 -14.62 -36.07
CA LYS C 114 0.21 -13.56 -37.09
C LYS C 114 -0.89 -13.83 -38.10
N ILE C 115 -1.74 -12.84 -38.34
CA ILE C 115 -2.82 -12.90 -39.30
C ILE C 115 -2.54 -11.88 -40.39
N SER C 116 -2.71 -12.27 -41.63
CA SER C 116 -2.39 -11.40 -42.76
C SER C 116 -3.47 -10.29 -42.95
N THR C 117 -3.03 -9.09 -43.34
CA THR C 117 -3.95 -7.96 -43.57
C THR C 117 -4.61 -8.04 -44.93
N GLY C 118 -3.95 -8.65 -45.91
CA GLY C 118 -4.44 -8.69 -47.28
C GLY C 118 -4.43 -7.36 -48.03
N PHE C 119 -3.70 -6.37 -47.54
CA PHE C 119 -3.62 -5.06 -48.25
C PHE C 119 -2.93 -5.19 -49.59
N THR C 120 -3.59 -4.72 -50.64
CA THR C 120 -2.99 -4.65 -51.96
C THR C 120 -2.95 -3.18 -52.39
N TYR C 121 -2.05 -2.84 -53.30
CA TYR C 121 -1.74 -1.43 -53.55
C TYR C 121 -1.97 -0.98 -55.00
N GLY C 122 -1.67 -1.83 -55.96
CA GLY C 122 -1.87 -1.45 -57.35
C GLY C 122 -0.71 -0.60 -57.81
N SER C 123 -0.56 -0.48 -59.13
CA SER C 123 0.65 0.13 -59.71
C SER C 123 0.71 1.60 -59.38
N SER C 124 1.82 2.23 -59.76
CA SER C 124 2.23 3.56 -59.23
C SER C 124 2.71 3.52 -57.76
N ILE C 125 2.35 2.49 -57.02
CA ILE C 125 2.96 2.22 -55.73
C ILE C 125 3.92 1.05 -55.83
N ASN C 126 5.16 1.27 -55.41
CA ASN C 126 6.08 0.17 -55.17
C ASN C 126 6.05 -0.13 -53.68
N SER C 127 5.53 -1.31 -53.34
CA SER C 127 5.29 -1.70 -51.97
C SER C 127 6.40 -2.59 -51.37
N ALA C 128 7.58 -2.60 -51.99
CA ALA C 128 8.66 -3.44 -51.53
C ALA C 128 9.98 -2.65 -51.34
N GLY C 129 9.87 -1.45 -50.78
CA GLY C 129 11.05 -0.73 -50.34
C GLY C 129 11.90 -1.55 -49.35
N THR C 130 13.23 -1.52 -49.53
CA THR C 130 14.18 -2.15 -48.63
C THR C 130 15.29 -1.20 -48.30
N THR C 131 16.11 -1.55 -47.33
CA THR C 131 17.22 -0.70 -46.88
C THR C 131 18.35 -1.55 -46.36
N LYS C 132 19.58 -1.06 -46.46
CA LYS C 132 20.67 -1.81 -45.83
C LYS C 132 20.71 -1.71 -44.28
N ALA C 133 19.83 -0.93 -43.67
CA ALA C 133 19.68 -0.99 -42.23
C ALA C 133 19.00 -2.27 -41.73
N CYS C 134 18.21 -2.94 -42.56
CA CYS C 134 17.49 -4.17 -42.19
C CYS C 134 17.93 -5.32 -43.08
N MET C 135 19.11 -5.87 -42.80
CA MET C 135 19.69 -6.91 -43.64
C MET C 135 19.15 -8.28 -43.25
N ARG C 136 18.93 -9.15 -44.25
CA ARG C 136 18.67 -10.58 -44.00
C ARG C 136 19.71 -11.40 -44.76
N ASN C 137 19.44 -11.72 -46.01
CA ASN C 137 20.48 -12.05 -46.95
C ASN C 137 19.94 -13.01 -47.99
N GLY C 138 20.20 -12.74 -49.26
CA GLY C 138 21.12 -11.68 -49.67
C GLY C 138 20.47 -10.32 -49.54
N GLY C 139 21.24 -9.33 -49.08
CA GLY C 139 20.91 -7.95 -49.32
C GLY C 139 19.91 -7.25 -48.41
N ASN C 140 19.48 -6.10 -48.90
CA ASN C 140 18.57 -5.26 -48.20
C ASN C 140 17.24 -5.91 -47.98
N SER C 141 16.62 -5.60 -46.84
CA SER C 141 15.32 -6.12 -46.51
C SER C 141 14.55 -5.05 -45.76
N PHE C 142 13.45 -5.47 -45.15
CA PHE C 142 12.66 -4.61 -44.31
C PHE C 142 11.98 -5.45 -43.24
N TYR C 143 11.39 -4.78 -42.26
CA TYR C 143 10.58 -5.47 -41.26
C TYR C 143 9.58 -6.47 -41.90
N ALA C 144 9.57 -7.69 -41.40
CA ALA C 144 8.76 -8.78 -42.02
C ALA C 144 7.26 -8.53 -41.97
N GLU C 145 6.80 -7.74 -41.02
CA GLU C 145 5.36 -7.55 -40.80
C GLU C 145 4.84 -6.26 -41.39
N LEU C 146 5.74 -5.47 -41.99
CA LEU C 146 5.37 -4.21 -42.59
C LEU C 146 5.90 -4.07 -44.01
N LYS C 147 5.37 -3.07 -44.72
CA LYS C 147 5.80 -2.74 -46.08
C LYS C 147 6.10 -1.25 -46.21
N TRP C 148 7.28 -0.92 -46.68
CA TRP C 148 7.62 0.45 -46.98
C TRP C 148 7.13 0.85 -48.36
N LEU C 149 5.97 1.50 -48.40
CA LEU C 149 5.31 1.92 -49.66
C LEU C 149 5.92 3.22 -50.13
N VAL C 150 6.08 3.32 -51.43
CA VAL C 150 6.89 4.35 -52.08
C VAL C 150 6.31 4.55 -53.48
N SER C 151 6.39 5.77 -54.01
CA SER C 151 6.05 5.98 -55.43
C SER C 151 6.91 5.08 -56.32
N LYS C 152 6.26 4.36 -57.23
CA LYS C 152 6.96 3.47 -58.16
C LYS C 152 7.91 4.25 -59.04
N SER C 153 7.55 5.48 -59.39
CA SER C 153 8.41 6.35 -60.17
C SER C 153 9.02 7.44 -59.26
N LYS C 154 10.33 7.65 -59.35
CA LYS C 154 11.10 8.43 -58.37
C LYS C 154 10.50 9.77 -57.96
N GLY C 155 10.24 10.66 -58.88
CA GLY C 155 9.72 11.96 -58.45
C GLY C 155 8.22 12.04 -58.24
N GLN C 156 7.48 11.01 -58.65
CA GLN C 156 6.02 11.13 -58.82
C GLN C 156 5.29 11.21 -57.49
N ASN C 157 4.16 11.91 -57.53
CA ASN C 157 3.31 11.98 -56.37
C ASN C 157 2.72 10.64 -56.06
N PHE C 158 2.65 10.37 -54.77
CA PHE C 158 2.18 9.12 -54.28
C PHE C 158 0.66 9.23 -54.34
N PRO C 159 -0.02 8.21 -54.86
CA PRO C 159 -1.47 8.22 -54.99
C PRO C 159 -2.18 8.20 -53.65
N GLN C 160 -3.26 8.96 -53.57
CA GLN C 160 -4.18 8.81 -52.47
C GLN C 160 -4.70 7.39 -52.45
N THR C 161 -4.60 6.74 -51.30
CA THR C 161 -4.84 5.33 -51.19
C THR C 161 -5.62 5.06 -49.94
N THR C 162 -6.35 3.96 -49.94
CA THR C 162 -7.15 3.59 -48.82
C THR C 162 -7.13 2.09 -48.67
N ASN C 163 -6.83 1.64 -47.46
CA ASN C 163 -6.78 0.24 -47.15
C ASN C 163 -7.48 0.10 -45.84
N THR C 164 -8.36 -0.90 -45.74
CA THR C 164 -8.95 -1.18 -44.46
C THR C 164 -8.76 -2.62 -44.15
N TYR C 165 -8.50 -2.92 -42.88
CA TYR C 165 -8.35 -4.29 -42.38
C TYR C 165 -9.57 -4.56 -41.53
N ARG C 166 -10.12 -5.77 -41.64
CA ARG C 166 -11.32 -6.14 -40.91
C ARG C 166 -11.08 -7.37 -40.06
N ASN C 167 -11.30 -7.23 -38.77
CA ASN C 167 -11.12 -8.30 -37.82
C ASN C 167 -12.33 -9.20 -37.92
N THR C 168 -12.14 -10.38 -38.51
CA THR C 168 -13.21 -11.36 -38.61
C THR C 168 -13.05 -12.48 -37.59
N ASP C 169 -12.06 -12.36 -36.71
CA ASP C 169 -11.92 -13.26 -35.57
C ASP C 169 -12.84 -12.82 -34.43
N SER C 170 -12.90 -13.63 -33.39
CA SER C 170 -13.61 -13.28 -32.17
C SER C 170 -12.67 -12.81 -31.04
N ALA C 171 -11.42 -12.50 -31.36
CA ALA C 171 -10.47 -11.89 -30.41
C ALA C 171 -9.87 -10.60 -31.00
N GLU C 172 -9.57 -9.63 -30.14
CA GLU C 172 -8.92 -8.39 -30.58
C GLU C 172 -7.55 -8.68 -31.17
N HIS C 173 -7.21 -7.93 -32.21
CA HIS C 173 -5.94 -8.04 -32.86
C HIS C 173 -5.15 -6.73 -32.66
N LEU C 174 -3.83 -6.86 -32.62
CA LEU C 174 -2.94 -5.73 -32.49
C LEU C 174 -2.41 -5.31 -33.87
N ILE C 175 -2.61 -4.05 -34.28
CA ILE C 175 -2.09 -3.54 -35.57
C ILE C 175 -1.00 -2.56 -35.26
N ILE C 176 0.14 -2.72 -35.92
CA ILE C 176 1.24 -1.74 -35.81
C ILE C 176 1.44 -1.15 -37.17
N TRP C 177 1.83 0.09 -37.21
CA TRP C 177 2.18 0.69 -38.47
C TRP C 177 3.23 1.69 -38.15
N GLY C 178 3.83 2.23 -39.19
CA GLY C 178 4.92 3.15 -39.01
C GLY C 178 4.62 4.37 -39.80
N ILE C 179 5.33 5.45 -39.48
CA ILE C 179 5.28 6.67 -40.25
C ILE C 179 6.72 7.09 -40.50
N HIS C 180 7.07 7.23 -41.76
CA HIS C 180 8.44 7.57 -42.10
C HIS C 180 8.69 9.07 -42.00
N HIS C 181 9.68 9.45 -41.20
CA HIS C 181 10.15 10.84 -41.12
C HIS C 181 11.47 10.98 -41.87
N PRO C 182 11.40 11.52 -43.08
CA PRO C 182 12.59 11.47 -43.91
C PRO C 182 13.57 12.55 -43.50
N SER C 183 14.82 12.38 -43.93
CA SER C 183 15.92 13.25 -43.50
C SER C 183 15.99 14.55 -44.30
N SER C 184 15.55 14.56 -45.56
CA SER C 184 15.65 15.74 -46.43
C SER C 184 14.37 15.92 -47.21
N THR C 185 14.07 17.16 -47.56
CA THR C 185 13.05 17.44 -48.54
C THR C 185 13.33 16.71 -49.88
N GLN C 186 14.62 16.49 -50.23
CA GLN C 186 14.89 15.72 -51.44
C GLN C 186 14.44 14.29 -51.28
N GLU C 187 14.77 13.67 -50.16
CA GLU C 187 14.38 12.30 -49.91
C GLU C 187 12.85 12.16 -49.91
N LYS C 188 12.16 13.11 -49.27
CA LYS C 188 10.70 13.08 -49.26
C LYS C 188 10.16 13.13 -50.68
N ASN C 189 10.61 14.12 -51.44
CA ASN C 189 10.23 14.24 -52.86
C ASN C 189 10.44 12.96 -53.65
N ASP C 190 11.54 12.26 -53.41
CA ASP C 190 11.84 11.08 -54.20
C ASP C 190 10.97 9.88 -53.81
N LEU C 191 10.66 9.75 -52.54
CA LEU C 191 9.90 8.59 -52.09
C LEU C 191 8.41 8.83 -52.32
N TYR C 192 7.96 10.05 -52.09
CA TYR C 192 6.55 10.37 -52.20
C TYR C 192 6.42 11.60 -53.11
N GLY C 193 5.28 12.25 -53.09
CA GLY C 193 5.19 13.46 -53.92
C GLY C 193 6.08 14.64 -53.54
N THR C 194 5.74 15.79 -54.11
CA THR C 194 6.20 17.07 -53.62
C THR C 194 5.00 17.76 -52.95
N GLN C 195 4.14 16.94 -52.36
CA GLN C 195 2.80 17.35 -52.01
C GLN C 195 2.70 17.24 -50.51
N SER C 196 1.72 17.90 -49.90
CA SER C 196 1.50 17.73 -48.47
C SER C 196 1.11 16.30 -48.17
N LEU C 197 1.82 15.69 -47.23
CA LEU C 197 1.55 14.32 -46.85
C LEU C 197 0.66 14.32 -45.66
N SER C 198 -0.18 13.30 -45.60
CA SER C 198 -1.11 13.18 -44.54
C SER C 198 -1.55 11.74 -44.51
N ILE C 199 -1.61 11.21 -43.30
CA ILE C 199 -2.00 9.85 -43.07
C ILE C 199 -3.02 9.90 -41.96
N SER C 200 -4.21 9.35 -42.19
CA SER C 200 -5.18 9.23 -41.12
C SER C 200 -5.55 7.76 -40.90
N VAL C 201 -5.80 7.42 -39.64
CA VAL C 201 -6.09 6.06 -39.27
C VAL C 201 -7.30 6.11 -38.40
N GLY C 202 -8.27 5.25 -38.68
CA GLY C 202 -9.58 5.35 -38.08
C GLY C 202 -10.29 4.02 -38.03
N SER C 203 -10.87 3.73 -36.88
CA SER C 203 -11.68 2.55 -36.68
C SER C 203 -12.96 3.07 -36.10
N SER C 204 -13.71 2.25 -35.39
CA SER C 204 -14.90 2.77 -34.73
C SER C 204 -14.55 3.33 -33.33
N THR C 205 -13.46 2.83 -32.75
CA THR C 205 -13.04 3.14 -31.38
C THR C 205 -11.68 3.83 -31.32
N TYR C 206 -11.15 4.25 -32.46
CA TYR C 206 -9.78 4.80 -32.54
C TYR C 206 -9.69 5.68 -33.75
N GLN C 207 -8.93 6.76 -33.61
CA GLN C 207 -8.90 7.77 -34.63
C GLN C 207 -7.69 8.65 -34.35
N ASN C 208 -6.87 8.83 -35.38
CA ASN C 208 -5.65 9.58 -35.23
C ASN C 208 -5.13 9.99 -36.58
N ASN C 209 -4.40 11.10 -36.61
CA ASN C 209 -3.80 11.63 -37.84
C ASN C 209 -2.29 11.90 -37.68
N PHE C 210 -1.55 11.71 -38.76
CA PHE C 210 -0.08 11.82 -38.72
C PHE C 210 0.42 12.57 -39.94
N VAL C 211 1.57 13.18 -39.74
CA VAL C 211 2.19 13.95 -40.76
C VAL C 211 3.65 13.59 -40.74
N PRO C 212 4.16 12.96 -41.81
CA PRO C 212 5.61 12.77 -41.81
C PRO C 212 6.35 14.07 -41.78
N VAL C 213 7.40 14.12 -40.98
CA VAL C 213 8.14 15.33 -40.92
C VAL C 213 9.63 15.25 -41.28
N VAL C 214 10.00 16.15 -42.17
CA VAL C 214 11.32 16.19 -42.74
C VAL C 214 12.26 17.02 -41.87
N GLY C 215 13.52 16.61 -41.78
CA GLY C 215 14.52 17.43 -41.12
C GLY C 215 15.86 16.77 -40.99
N ALA C 216 16.90 17.55 -40.76
CA ALA C 216 18.24 16.94 -40.65
C ALA C 216 18.46 16.46 -39.23
N ARG C 217 19.06 15.27 -39.12
CA ARG C 217 19.23 14.59 -37.83
C ARG C 217 20.51 13.76 -37.90
N PRO C 218 21.09 13.47 -36.75
CA PRO C 218 22.12 12.49 -36.69
C PRO C 218 21.81 11.18 -37.44
N GLN C 219 22.85 10.54 -37.97
CA GLN C 219 22.80 9.17 -38.42
C GLN C 219 22.73 8.16 -37.30
N VAL C 220 21.77 7.23 -37.40
CA VAL C 220 21.71 5.99 -36.66
C VAL C 220 21.27 4.95 -37.69
N ASN C 221 22.05 3.97 -38.08
CA ASN C 221 23.34 3.77 -37.63
C ASN C 221 24.39 4.24 -38.64
N GLY C 222 24.14 4.32 -39.96
CA GLY C 222 22.92 4.08 -40.72
C GLY C 222 22.32 5.34 -41.35
N GLN C 223 21.11 5.66 -40.91
CA GLN C 223 20.25 6.58 -41.61
C GLN C 223 20.00 7.82 -40.79
N SER C 224 19.66 8.91 -41.45
CA SER C 224 19.23 10.06 -40.73
C SER C 224 17.67 10.15 -40.75
N GLY C 225 17.01 9.30 -41.51
CA GLY C 225 15.56 9.26 -41.44
C GLY C 225 15.15 8.39 -40.28
N ARG C 226 13.85 8.40 -39.98
CA ARG C 226 13.30 7.67 -38.85
C ARG C 226 11.96 7.08 -39.15
N ILE C 227 11.55 6.11 -38.34
CA ILE C 227 10.19 5.60 -38.36
C ILE C 227 9.58 5.60 -37.00
N ASP C 228 8.38 6.17 -36.89
CA ASP C 228 7.68 6.09 -35.65
C ASP C 228 6.54 5.09 -35.79
N PHE C 229 6.64 4.05 -34.97
CA PHE C 229 5.58 3.06 -34.88
C PHE C 229 4.43 3.45 -33.93
N HIS C 230 3.21 3.16 -34.36
CA HIS C 230 1.98 3.41 -33.59
C HIS C 230 1.14 2.14 -33.67
N TRP C 231 0.32 1.89 -32.66
CA TRP C 231 -0.48 0.68 -32.62
C TRP C 231 -1.83 0.85 -31.91
N THR C 232 -2.79 -0.02 -32.22
CA THR C 232 -4.02 -0.17 -31.43
C THR C 232 -4.45 -1.59 -31.45
N MET C 233 -5.46 -1.84 -30.65
CA MET C 233 -6.24 -3.06 -30.72
C MET C 233 -7.44 -2.84 -31.64
N VAL C 234 -7.68 -3.76 -32.56
CA VAL C 234 -8.92 -3.76 -33.36
C VAL C 234 -9.87 -4.76 -32.77
N GLN C 235 -11.07 -4.30 -32.41
CA GLN C 235 -12.04 -5.18 -31.79
C GLN C 235 -12.60 -6.17 -32.80
N PRO C 236 -13.12 -7.31 -32.32
CA PRO C 236 -13.74 -8.30 -33.24
C PRO C 236 -14.90 -7.65 -34.00
N GLY C 237 -14.91 -7.82 -35.32
CA GLY C 237 -15.96 -7.25 -36.13
C GLY C 237 -15.71 -5.84 -36.58
N ASP C 238 -14.66 -5.20 -36.06
CA ASP C 238 -14.39 -3.80 -36.40
C ASP C 238 -13.48 -3.70 -37.61
N ASN C 239 -13.53 -2.56 -38.28
CA ASN C 239 -12.67 -2.28 -39.43
C ASN C 239 -11.76 -1.12 -39.08
N ILE C 240 -10.53 -1.15 -39.59
CA ILE C 240 -9.59 -0.06 -39.41
C ILE C 240 -9.10 0.36 -40.74
N THR C 241 -9.24 1.65 -41.04
CA THR C 241 -8.92 2.16 -42.35
C THR C 241 -7.73 3.12 -42.30
N PHE C 242 -6.89 3.01 -43.31
CA PHE C 242 -5.75 3.85 -43.45
C PHE C 242 -5.96 4.67 -44.69
N SER C 243 -5.88 6.00 -44.53
CA SER C 243 -5.99 6.93 -45.65
C SER C 243 -4.70 7.67 -45.72
N HIS C 244 -4.05 7.58 -46.86
CA HIS C 244 -2.69 8.02 -46.95
C HIS C 244 -2.28 8.36 -48.37
N ASN C 245 -1.28 9.22 -48.48
CA ASN C 245 -0.79 9.65 -49.74
C ASN C 245 0.73 9.74 -49.71
N GLY C 246 1.36 8.86 -48.93
CA GLY C 246 2.81 8.86 -48.78
C GLY C 246 3.28 9.04 -47.35
N GLY C 247 4.19 8.18 -46.89
CA GLY C 247 4.70 8.25 -45.53
C GLY C 247 4.29 7.09 -44.65
N LEU C 248 3.20 6.41 -45.00
CA LEU C 248 2.77 5.26 -44.24
C LEU C 248 3.71 4.09 -44.47
N ILE C 249 4.02 3.41 -43.37
CA ILE C 249 4.70 2.11 -43.36
C ILE C 249 3.61 1.14 -42.96
N ALA C 250 3.07 0.42 -43.94
CA ALA C 250 1.81 -0.27 -43.76
C ALA C 250 2.01 -1.65 -43.17
N PRO C 251 1.04 -2.14 -42.40
CA PRO C 251 1.10 -3.51 -41.93
C PRO C 251 0.76 -4.52 -43.02
N SER C 252 1.57 -5.55 -43.14
CA SER C 252 1.21 -6.72 -43.93
C SER C 252 0.61 -7.83 -43.04
N ARG C 253 1.06 -7.97 -41.80
CA ARG C 253 0.44 -8.90 -40.83
C ARG C 253 0.12 -8.22 -39.52
N VAL C 254 -0.99 -8.61 -38.89
CA VAL C 254 -1.31 -8.15 -37.53
C VAL C 254 -1.06 -9.28 -36.55
N SER C 255 -1.18 -8.98 -35.26
CA SER C 255 -0.81 -9.98 -34.25
C SER C 255 -1.99 -10.25 -33.34
N LYS C 256 -2.16 -11.52 -32.96
CA LYS C 256 -3.07 -11.88 -31.92
C LYS C 256 -2.27 -12.40 -30.75
N LEU C 257 -2.40 -11.75 -29.58
CA LEU C 257 -1.75 -12.19 -28.36
C LEU C 257 -2.68 -13.20 -27.73
N LYS C 258 -2.15 -14.31 -27.21
CA LYS C 258 -3.00 -15.47 -27.01
C LYS C 258 -3.56 -15.71 -25.61
N GLY C 259 -2.74 -15.68 -24.57
CA GLY C 259 -3.30 -15.98 -23.27
C GLY C 259 -2.52 -15.27 -22.22
N ARG C 260 -1.94 -16.04 -21.30
CA ARG C 260 -1.18 -15.49 -20.19
C ARG C 260 0.15 -16.16 -20.07
N GLY C 261 1.12 -15.38 -19.63
CA GLY C 261 2.46 -15.86 -19.46
C GLY C 261 3.20 -14.92 -18.57
N LEU C 262 4.27 -15.42 -17.99
CA LEU C 262 5.10 -14.67 -17.11
C LEU C 262 6.27 -14.12 -17.88
N GLY C 263 6.44 -12.81 -17.84
CA GLY C 263 7.58 -12.18 -18.52
C GLY C 263 8.73 -11.87 -17.60
N ILE C 264 9.90 -12.33 -17.97
CA ILE C 264 11.08 -12.16 -17.13
C ILE C 264 12.10 -11.34 -17.86
N GLN C 265 12.62 -10.32 -17.21
CA GLN C 265 13.79 -9.58 -17.67
C GLN C 265 15.00 -9.95 -16.82
N SER C 266 16.00 -10.56 -17.45
CA SER C 266 17.16 -11.07 -16.73
C SER C 266 18.26 -11.36 -17.73
N GLY C 267 19.51 -11.24 -17.28
CA GLY C 267 20.65 -11.74 -18.03
C GLY C 267 21.12 -13.12 -17.58
N ALA C 268 20.50 -13.69 -16.56
CA ALA C 268 20.92 -15.01 -16.04
C ALA C 268 20.64 -16.11 -17.07
N SER C 269 21.47 -17.14 -17.08
CA SER C 269 21.31 -18.20 -18.07
C SER C 269 20.32 -19.23 -17.56
N VAL C 270 19.71 -19.93 -18.49
CA VAL C 270 18.60 -20.83 -18.19
C VAL C 270 19.11 -22.15 -17.65
N ASP C 271 18.34 -22.74 -16.74
CA ASP C 271 18.62 -24.06 -16.18
C ASP C 271 17.33 -24.87 -16.18
N ASN C 272 17.33 -26.00 -16.87
CA ASN C 272 16.13 -26.84 -16.98
C ASN C 272 15.96 -27.91 -15.93
N ASP C 273 16.76 -27.89 -14.87
CA ASP C 273 16.68 -28.91 -13.81
C ASP C 273 16.14 -28.44 -12.48
N CYS C 274 16.02 -27.13 -12.29
CA CYS C 274 15.38 -26.61 -11.09
C CYS C 274 14.06 -25.97 -11.50
N GLU C 275 13.14 -25.88 -10.54
CA GLU C 275 11.81 -25.28 -10.75
C GLU C 275 11.74 -24.08 -9.88
N SER C 276 10.89 -23.13 -10.22
CA SER C 276 10.79 -21.92 -9.41
C SER C 276 9.55 -21.21 -9.79
N LYS C 277 9.01 -20.45 -8.86
CA LYS C 277 7.88 -19.63 -9.14
C LYS C 277 8.20 -18.15 -9.00
N CYS C 278 9.48 -17.84 -8.75
CA CYS C 278 9.87 -16.48 -8.46
C CYS C 278 11.18 -16.17 -9.17
N PHE C 279 11.24 -15.00 -9.79
CA PHE C 279 12.39 -14.58 -10.61
C PHE C 279 12.65 -13.10 -10.44
N TRP C 280 13.89 -12.71 -10.70
CA TRP C 280 14.30 -11.30 -10.72
C TRP C 280 15.48 -11.17 -11.65
N LYS C 281 16.00 -9.97 -11.81
CA LYS C 281 17.11 -9.73 -12.75
C LYS C 281 18.30 -10.70 -12.46
N GLY C 282 18.63 -10.85 -11.19
CA GLY C 282 19.72 -11.73 -10.77
C GLY C 282 19.47 -13.23 -10.80
N GLY C 283 18.29 -13.64 -11.22
CA GLY C 283 18.03 -15.07 -11.40
C GLY C 283 16.73 -15.52 -10.77
N SER C 284 16.83 -16.51 -9.90
CA SER C 284 15.65 -17.23 -9.46
C SER C 284 15.69 -17.49 -7.94
N ILE C 285 14.53 -17.41 -7.29
CA ILE C 285 14.45 -17.44 -5.84
C ILE C 285 13.50 -18.52 -5.42
N ASN C 286 13.99 -19.51 -4.69
CA ASN C 286 13.16 -20.64 -4.36
C ASN C 286 13.24 -21.03 -2.88
N THR C 287 12.22 -20.68 -2.14
CA THR C 287 12.28 -20.74 -0.70
C THR C 287 10.88 -20.86 -0.11
N LYS C 288 10.81 -21.42 1.07
CA LYS C 288 9.52 -21.51 1.74
C LYS C 288 9.33 -20.39 2.72
N LEU C 289 10.36 -19.58 2.88
CA LEU C 289 10.30 -18.47 3.82
C LEU C 289 9.38 -17.38 3.32
N PRO C 290 8.70 -16.70 4.23
CA PRO C 290 7.70 -15.71 3.80
C PRO C 290 8.30 -14.41 3.23
N PHE C 291 9.56 -14.10 3.56
CA PHE C 291 10.21 -12.85 3.15
C PHE C 291 11.54 -13.09 2.48
N GLN C 292 12.00 -12.09 1.72
CA GLN C 292 13.28 -12.19 1.02
C GLN C 292 13.95 -10.83 0.98
N ASN C 293 15.24 -10.88 0.68
CA ASN C 293 16.25 -9.82 0.91
C ASN C 293 16.79 -9.20 -0.37
N LEU C 294 16.40 -9.77 -1.49
CA LEU C 294 17.19 -9.68 -2.69
C LEU C 294 16.77 -8.58 -3.64
N SER C 295 15.48 -8.33 -3.77
CA SER C 295 15.02 -7.30 -4.67
C SER C 295 13.54 -6.99 -4.50
N PRO C 296 13.17 -5.71 -4.61
CA PRO C 296 11.76 -5.36 -4.68
C PRO C 296 11.21 -5.68 -6.04
N ARG C 297 12.08 -5.68 -7.06
CA ARG C 297 11.66 -5.89 -8.45
C ARG C 297 11.75 -7.41 -8.72
N THR C 298 10.66 -8.12 -8.47
CA THR C 298 10.57 -9.58 -8.75
C THR C 298 9.27 -9.91 -9.46
N VAL C 299 9.21 -11.09 -10.07
CA VAL C 299 8.01 -11.52 -10.80
C VAL C 299 7.64 -12.97 -10.50
N GLY C 300 6.35 -13.26 -10.52
CA GLY C 300 5.85 -14.57 -10.17
C GLY C 300 5.23 -14.62 -8.79
N GLN C 301 5.38 -15.75 -8.11
CA GLN C 301 4.88 -15.92 -6.75
C GLN C 301 6.04 -15.85 -5.78
N CYS C 302 6.21 -14.67 -5.21
CA CYS C 302 7.45 -14.32 -4.54
C CYS C 302 7.21 -14.03 -3.07
N PRO C 303 8.21 -14.33 -2.24
CA PRO C 303 8.10 -13.83 -0.89
C PRO C 303 8.24 -12.29 -0.94
N LYS C 304 7.76 -11.62 0.09
CA LYS C 304 7.72 -10.18 0.10
C LYS C 304 9.09 -9.64 0.40
N TYR C 305 9.46 -8.57 -0.30
CA TYR C 305 10.78 -7.95 -0.11
C TYR C 305 10.79 -7.18 1.20
N VAL C 306 11.87 -7.31 1.96
CA VAL C 306 12.06 -6.52 3.20
C VAL C 306 13.45 -5.92 3.26
N ASN C 307 13.62 -4.90 4.07
CA ASN C 307 14.89 -4.27 4.31
C ASN C 307 15.61 -4.77 5.54
N LYS C 308 15.59 -6.05 5.82
CA LYS C 308 16.32 -6.56 6.94
C LYS C 308 17.31 -7.57 6.42
N LYS C 309 18.52 -7.59 6.96
CA LYS C 309 19.47 -8.65 6.66
C LYS C 309 18.97 -9.95 7.26
N SER C 310 18.40 -9.90 8.45
CA SER C 310 18.05 -11.11 9.16
C SER C 310 16.92 -10.87 10.15
N LEU C 311 16.04 -11.85 10.29
CA LEU C 311 14.99 -11.83 11.30
C LEU C 311 14.82 -13.24 11.83
N LEU C 312 15.32 -13.47 13.03
CA LEU C 312 15.31 -14.80 13.61
C LEU C 312 14.04 -15.06 14.35
N LEU C 313 13.40 -16.20 14.05
CA LEU C 313 12.24 -16.67 14.82
C LEU C 313 12.68 -17.73 15.84
N ALA C 314 12.39 -17.48 17.10
CA ALA C 314 12.76 -18.38 18.17
C ALA C 314 12.09 -19.73 17.98
N THR C 315 12.85 -20.80 18.08
CA THR C 315 12.31 -22.14 18.02
C THR C 315 12.68 -22.92 19.24
N GLY C 316 12.99 -22.20 20.30
CA GLY C 316 13.25 -22.81 21.59
C GLY C 316 12.91 -21.83 22.70
N MET C 317 13.11 -22.28 23.94
CA MET C 317 12.81 -21.46 25.11
C MET C 317 13.95 -20.51 25.42
N ARG C 318 13.76 -19.71 26.44
CA ARG C 318 14.78 -18.80 26.90
C ARG C 318 15.95 -19.64 27.37
N ASN C 319 17.17 -19.20 27.08
CA ASN C 319 18.35 -20.00 27.40
C ASN C 319 19.04 -19.54 28.67
N VAL C 320 19.03 -20.36 29.70
CA VAL C 320 19.63 -20.02 31.00
C VAL C 320 20.69 -21.07 31.33
N PRO C 321 21.98 -20.80 31.01
CA PRO C 321 23.06 -21.77 31.20
C PRO C 321 23.53 -21.96 32.66
N GLU C 322 24.37 -22.97 32.92
CA GLU C 322 24.76 -23.36 34.31
C GLU C 322 25.90 -22.52 34.88
N GLY D 1 9.82 -15.29 33.82
CA GLY D 1 9.09 -14.29 32.95
C GLY D 1 7.63 -14.21 33.33
N LEU D 2 6.72 -14.39 32.37
CA LEU D 2 5.28 -14.28 32.64
C LEU D 2 4.78 -15.28 33.67
N PHE D 3 5.22 -16.52 33.53
CA PHE D 3 4.79 -17.58 34.44
C PHE D 3 5.82 -17.86 35.54
N GLY D 4 6.89 -17.08 35.58
CA GLY D 4 7.77 -17.05 36.73
C GLY D 4 8.65 -18.25 36.99
N ALA D 5 8.75 -19.17 36.04
CA ALA D 5 9.48 -20.42 36.23
C ALA D 5 10.83 -20.35 35.52
N ILE D 6 10.81 -20.39 34.19
CA ILE D 6 12.03 -20.21 33.40
C ILE D 6 12.53 -18.79 33.59
N ALA D 7 13.81 -18.71 33.96
CA ALA D 7 14.46 -17.49 34.42
C ALA D 7 13.69 -16.81 35.56
N GLY D 8 13.01 -17.63 36.36
CA GLY D 8 12.25 -17.18 37.52
C GLY D 8 12.77 -17.93 38.72
N PHE D 9 11.94 -18.82 39.27
CA PHE D 9 12.30 -19.53 40.48
C PHE D 9 13.20 -20.75 40.23
N ILE D 10 13.18 -21.26 39.01
CA ILE D 10 14.20 -22.20 38.58
C ILE D 10 15.37 -21.35 38.09
N GLU D 11 16.49 -21.44 38.80
CA GLU D 11 17.61 -20.52 38.56
C GLU D 11 18.40 -20.80 37.30
N ASN D 12 18.41 -22.01 36.78
CA ASN D 12 19.05 -22.25 35.49
C ASN D 12 18.67 -23.57 34.83
N GLY D 13 19.03 -23.68 33.55
CA GLY D 13 18.82 -24.88 32.77
C GLY D 13 19.82 -25.96 33.04
N TRP D 14 19.51 -27.16 32.53
CA TRP D 14 20.41 -28.30 32.60
C TRP D 14 20.97 -28.56 31.19
N GLU D 15 22.28 -28.45 31.02
CA GLU D 15 22.89 -28.75 29.71
C GLU D 15 23.05 -30.24 29.52
N GLY D 16 23.15 -31.00 30.62
CA GLY D 16 23.19 -32.46 30.53
C GLY D 16 21.90 -33.07 30.00
N MET D 17 20.78 -32.38 30.13
CA MET D 17 19.53 -32.90 29.61
C MET D 17 19.43 -32.71 28.10
N VAL D 18 19.50 -33.83 27.39
CA VAL D 18 19.45 -33.83 25.92
C VAL D 18 18.37 -34.75 25.37
N ASP D 19 17.65 -35.44 26.27
CA ASP D 19 16.58 -36.38 25.91
C ASP D 19 15.27 -35.58 25.65
N GLY D 20 15.16 -34.38 26.24
CA GLY D 20 13.96 -33.56 26.11
C GLY D 20 14.16 -32.12 26.56
N TRP D 21 13.05 -31.39 26.69
CA TRP D 21 13.10 -29.97 27.03
C TRP D 21 12.89 -29.69 28.49
N TYR D 22 12.00 -30.47 29.08
CA TYR D 22 11.75 -30.40 30.50
C TYR D 22 11.97 -31.79 31.07
N GLY D 23 12.17 -31.88 32.37
CA GLY D 23 12.51 -33.16 32.95
C GLY D 23 12.68 -33.19 34.46
N PHE D 24 13.06 -34.37 34.94
CA PHE D 24 13.18 -34.64 36.36
C PHE D 24 14.60 -34.94 36.69
N ARG D 25 14.90 -34.76 37.97
CA ARG D 25 16.22 -35.05 38.48
C ARG D 25 16.08 -35.30 39.98
N HIS D 26 16.59 -36.43 40.45
CA HIS D 26 16.29 -36.86 41.82
C HIS D 26 17.53 -37.17 42.65
N GLN D 27 17.31 -37.29 43.95
CA GLN D 27 18.35 -37.72 44.85
C GLN D 27 17.71 -38.41 46.06
N ASN D 28 18.09 -39.68 46.27
CA ASN D 28 17.58 -40.49 47.36
C ASN D 28 18.71 -41.37 47.89
N ALA D 29 18.40 -42.26 48.82
CA ALA D 29 19.39 -43.18 49.41
C ALA D 29 20.22 -43.95 48.37
N GLN D 30 19.65 -44.27 47.22
CA GLN D 30 20.36 -45.05 46.20
C GLN D 30 21.19 -44.21 45.23
N GLY D 31 21.15 -42.88 45.38
CA GLY D 31 21.93 -41.97 44.54
C GLY D 31 21.08 -40.95 43.79
N THR D 32 21.61 -40.48 42.66
CA THR D 32 20.94 -39.47 41.83
C THR D 32 20.50 -40.04 40.47
N GLY D 33 19.59 -39.35 39.81
CA GLY D 33 19.16 -39.72 38.45
C GLY D 33 18.65 -38.52 37.67
N GLN D 34 18.53 -38.67 36.35
CA GLN D 34 17.97 -37.64 35.48
C GLN D 34 17.06 -38.27 34.42
N ALA D 35 15.93 -37.63 34.12
CA ALA D 35 15.03 -38.14 33.09
C ALA D 35 14.09 -37.06 32.54
N ALA D 36 13.82 -37.13 31.24
CA ALA D 36 12.99 -36.13 30.57
C ALA D 36 11.52 -36.47 30.64
N ASP D 37 10.68 -35.44 30.62
CA ASP D 37 9.23 -35.59 30.55
C ASP D 37 8.80 -35.53 29.11
N TYR D 38 8.12 -36.59 28.65
CA TYR D 38 7.63 -36.66 27.28
C TYR D 38 6.49 -35.69 27.04
N LYS D 39 5.48 -35.71 27.89
CA LYS D 39 4.24 -35.01 27.60
C LYS D 39 4.50 -33.50 27.47
N SER D 40 5.26 -32.94 28.40
CA SER D 40 5.50 -31.50 28.42
C SER D 40 6.44 -31.06 27.29
N THR D 41 7.43 -31.88 27.00
CA THR D 41 8.35 -31.59 25.92
C THR D 41 7.61 -31.61 24.59
N GLN D 42 6.72 -32.58 24.43
CA GLN D 42 5.97 -32.71 23.20
C GLN D 42 4.99 -31.57 23.04
N ALA D 43 4.37 -31.18 24.15
CA ALA D 43 3.43 -30.05 24.15
C ALA D 43 4.11 -28.79 23.63
N ALA D 44 5.32 -28.53 24.09
CA ALA D 44 6.06 -27.33 23.65
C ALA D 44 6.50 -27.42 22.21
N ILE D 45 7.05 -28.56 21.82
CA ILE D 45 7.54 -28.71 20.45
C ILE D 45 6.43 -28.58 19.42
N ASP D 46 5.26 -29.14 19.73
CA ASP D 46 4.14 -29.16 18.78
C ASP D 46 3.63 -27.78 18.46
N GLN D 47 3.67 -26.88 19.43
CA GLN D 47 3.21 -25.53 19.21
C GLN D 47 4.22 -24.67 18.45
N ILE D 48 5.51 -24.92 18.67
CA ILE D 48 6.53 -24.32 17.81
C ILE D 48 6.37 -24.83 16.36
N THR D 49 6.14 -26.13 16.19
CA THR D 49 5.91 -26.64 14.85
C THR D 49 4.68 -26.02 14.19
N GLY D 50 3.62 -25.81 14.98
CA GLY D 50 2.43 -25.20 14.50
C GLY D 50 2.72 -23.83 13.95
N LYS D 51 3.46 -23.02 14.73
CA LYS D 51 3.88 -21.70 14.32
C LYS D 51 4.66 -21.76 13.05
N LEU D 52 5.61 -22.69 12.97
CA LEU D 52 6.44 -22.81 11.76
C LEU D 52 5.60 -23.21 10.55
N ASN D 53 4.63 -24.10 10.74
CA ASN D 53 3.77 -24.45 9.62
C ASN D 53 2.88 -23.31 9.16
N ARG D 54 2.65 -22.27 9.95
CA ARG D 54 1.86 -21.15 9.45
C ARG D 54 2.70 -20.15 8.68
N LEU D 55 3.97 -19.97 9.05
CA LEU D 55 4.79 -18.94 8.43
C LEU D 55 5.51 -19.41 7.19
N ILE D 56 5.90 -20.68 7.20
CA ILE D 56 6.60 -21.27 6.07
C ILE D 56 5.47 -21.54 5.06
N GLU D 57 5.74 -22.17 3.91
CA GLU D 57 4.72 -22.87 3.12
C GLU D 57 3.52 -22.05 2.62
N LYS D 58 3.52 -20.74 2.85
CA LYS D 58 2.39 -19.89 2.46
C LYS D 58 2.32 -19.86 0.92
N THR D 59 1.14 -19.74 0.36
CA THR D 59 0.98 -19.56 -1.08
C THR D 59 0.90 -18.08 -1.44
N ASN D 60 1.74 -17.68 -2.38
CA ASN D 60 1.85 -16.28 -2.78
C ASN D 60 0.98 -16.00 -4.03
N THR D 61 0.74 -14.71 -4.29
CA THR D 61 -0.03 -14.32 -5.48
C THR D 61 0.94 -13.89 -6.58
N GLU D 62 0.51 -13.96 -7.83
CA GLU D 62 1.40 -13.71 -8.96
C GLU D 62 1.51 -12.21 -9.25
N PHE D 63 2.71 -11.70 -9.46
CA PHE D 63 2.93 -10.31 -9.84
C PHE D 63 3.72 -10.25 -11.13
N GLU D 64 3.42 -9.27 -11.96
CA GLU D 64 4.19 -8.96 -13.16
C GLU D 64 5.06 -7.73 -12.92
N SER D 65 6.09 -7.58 -13.73
CA SER D 65 6.90 -6.37 -13.72
C SER D 65 6.03 -5.21 -14.14
N ILE D 66 6.07 -4.14 -13.37
CA ILE D 66 5.50 -2.86 -13.79
C ILE D 66 6.61 -1.87 -14.13
N GLU D 67 7.86 -2.24 -13.83
CA GLU D 67 9.06 -1.50 -14.23
C GLU D 67 9.71 -2.20 -15.39
N SER D 68 10.64 -1.53 -16.06
CA SER D 68 11.53 -2.20 -16.99
C SER D 68 12.90 -2.16 -16.37
N GLU D 69 13.60 -3.29 -16.35
CA GLU D 69 14.99 -3.33 -15.89
C GLU D 69 15.95 -2.69 -16.88
N PHE D 70 15.53 -2.52 -18.12
CA PHE D 70 16.46 -2.23 -19.22
C PHE D 70 16.23 -0.90 -19.91
N SER D 71 14.97 -0.51 -20.08
CA SER D 71 14.59 0.73 -20.73
C SER D 71 14.01 1.75 -19.75
N GLU D 72 14.75 2.83 -19.47
CA GLU D 72 14.23 4.15 -18.97
C GLU D 72 12.73 4.38 -19.19
N ILE D 73 11.97 4.56 -18.12
CA ILE D 73 10.55 4.85 -18.32
C ILE D 73 10.30 6.30 -17.95
N GLU D 74 9.20 6.85 -18.44
CA GLU D 74 8.78 8.20 -18.09
C GLU D 74 8.99 8.50 -16.59
N HIS D 75 9.58 9.66 -16.32
CA HIS D 75 10.11 10.02 -15.03
C HIS D 75 8.98 10.21 -14.01
N GLN D 76 7.89 10.77 -14.48
CA GLN D 76 6.70 11.00 -13.62
C GLN D 76 6.07 9.71 -13.09
N ILE D 77 5.84 8.78 -14.01
CA ILE D 77 5.25 7.46 -13.70
C ILE D 77 6.26 6.61 -12.92
N GLY D 78 7.55 6.77 -13.22
CA GLY D 78 8.60 6.12 -12.45
C GLY D 78 8.55 6.55 -11.00
N ASN D 79 8.40 7.85 -10.75
CA ASN D 79 8.45 8.34 -9.38
C ASN D 79 7.27 7.81 -8.61
N ILE D 80 6.13 7.69 -9.28
CA ILE D 80 4.94 7.18 -8.63
C ILE D 80 5.15 5.70 -8.26
N ILE D 81 5.81 4.96 -9.15
CA ILE D 81 6.11 3.57 -8.82
C ILE D 81 7.11 3.48 -7.67
N ASN D 82 8.23 4.20 -7.74
CA ASN D 82 9.20 4.11 -6.66
C ASN D 82 8.55 4.39 -5.33
N TRP D 83 7.68 5.39 -5.33
CA TRP D 83 7.01 5.79 -4.12
C TRP D 83 6.15 4.66 -3.56
N THR D 84 5.33 4.12 -4.43
CA THR D 84 4.44 3.06 -4.04
C THR D 84 5.24 1.83 -3.56
N LYS D 85 6.33 1.49 -4.24
CA LYS D 85 7.10 0.34 -3.85
C LYS D 85 7.81 0.54 -2.55
N ASP D 86 8.41 1.69 -2.34
CA ASP D 86 9.07 1.97 -1.06
C ASP D 86 8.07 2.02 0.07
N SER D 87 6.88 2.50 -0.25
CA SER D 87 5.80 2.56 0.69
C SER D 87 5.34 1.19 1.14
N ILE D 88 5.37 0.25 0.22
CA ILE D 88 5.01 -1.12 0.51
C ILE D 88 6.10 -1.93 1.18
N THR D 89 7.35 -1.69 0.80
CA THR D 89 8.47 -2.26 1.52
C THR D 89 8.45 -1.86 2.99
N ASP D 90 8.19 -0.58 3.29
CA ASP D 90 8.08 -0.14 4.66
C ASP D 90 7.04 -0.91 5.40
N ILE D 91 5.92 -1.12 4.75
CA ILE D 91 4.87 -1.92 5.37
C ILE D 91 5.32 -3.35 5.66
N TRP D 92 5.93 -4.01 4.69
CA TRP D 92 6.27 -5.40 4.93
C TRP D 92 7.41 -5.55 5.91
N THR D 93 8.33 -4.61 5.94
CA THR D 93 9.48 -4.81 6.84
C THR D 93 8.98 -4.59 8.26
N TYR D 94 8.13 -3.58 8.45
CA TYR D 94 7.51 -3.36 9.74
C TYR D 94 6.71 -4.59 10.22
N GLN D 95 5.90 -5.16 9.36
CA GLN D 95 5.08 -6.30 9.75
C GLN D 95 5.87 -7.50 10.09
N ALA D 96 6.94 -7.70 9.36
CA ALA D 96 7.80 -8.83 9.61
C ALA D 96 8.45 -8.64 10.97
N GLU D 97 8.97 -7.46 11.19
CA GLU D 97 9.55 -7.10 12.44
C GLU D 97 8.57 -7.32 13.61
N LEU D 98 7.31 -6.95 13.40
CA LEU D 98 6.28 -7.13 14.42
C LEU D 98 5.88 -8.58 14.61
N LEU D 99 5.70 -9.28 13.51
CA LEU D 99 5.34 -10.67 13.54
C LEU D 99 6.31 -11.46 14.39
N VAL D 100 7.59 -11.34 14.06
CA VAL D 100 8.61 -12.12 14.73
C VAL D 100 8.73 -11.76 16.20
N ALA D 101 8.72 -10.48 16.48
CA ALA D 101 8.80 -9.97 17.83
C ALA D 101 7.73 -10.57 18.68
N MET D 102 6.50 -10.58 18.20
CA MET D 102 5.40 -10.99 19.04
C MET D 102 5.31 -12.50 19.13
N GLU D 103 5.65 -13.21 18.04
CA GLU D 103 5.67 -14.68 18.03
C GLU D 103 6.74 -15.16 18.98
N ASN D 104 7.84 -14.43 19.03
CA ASN D 104 8.94 -14.77 19.93
C ASN D 104 8.59 -14.54 21.37
N GLN D 105 7.97 -13.40 21.66
CA GLN D 105 7.43 -13.15 22.97
C GLN D 105 6.51 -14.29 23.40
N HIS D 106 5.68 -14.75 22.49
CA HIS D 106 4.74 -15.82 22.78
C HIS D 106 5.43 -17.17 22.96
N THR D 107 6.34 -17.53 22.05
CA THR D 107 7.12 -18.77 22.17
C THR D 107 7.82 -18.87 23.54
N ILE D 108 8.50 -17.82 23.91
CA ILE D 108 9.19 -17.80 25.18
C ILE D 108 8.25 -17.98 26.34
N ASP D 109 7.13 -17.28 26.30
CA ASP D 109 6.15 -17.34 27.39
C ASP D 109 5.38 -18.65 27.43
N MET D 110 5.16 -19.24 26.25
CA MET D 110 4.61 -20.59 26.13
C MET D 110 5.49 -21.61 26.84
N ALA D 111 6.79 -21.52 26.56
CA ALA D 111 7.74 -22.51 27.05
C ALA D 111 7.80 -22.46 28.57
N ASP D 112 7.78 -21.24 29.11
CA ASP D 112 7.70 -20.98 30.54
C ASP D 112 6.45 -21.68 31.13
N SER D 113 5.33 -21.55 30.43
CA SER D 113 4.06 -22.08 30.86
C SER D 113 4.08 -23.59 30.97
N GLU D 114 4.69 -24.26 30.01
CA GLU D 114 4.74 -25.70 30.04
C GLU D 114 5.58 -26.16 31.23
N MET D 115 6.64 -25.42 31.54
CA MET D 115 7.47 -25.73 32.70
C MET D 115 6.67 -25.57 33.99
N LEU D 116 5.93 -24.47 34.11
CA LEU D 116 5.03 -24.33 35.24
C LEU D 116 4.01 -25.49 35.32
N ASN D 117 3.39 -25.85 34.19
CA ASN D 117 2.37 -26.92 34.20
C ASN D 117 2.92 -28.26 34.68
N LEU D 118 4.16 -28.53 34.35
CA LEU D 118 4.82 -29.74 34.86
C LEU D 118 5.04 -29.67 36.37
N TYR D 119 5.50 -28.51 36.86
CA TYR D 119 5.61 -28.27 38.30
C TYR D 119 4.31 -28.52 38.97
N GLU D 120 3.25 -27.91 38.46
CA GLU D 120 1.96 -27.99 39.15
C GLU D 120 1.43 -29.42 39.17
N ARG D 121 1.74 -30.17 38.11
CA ARG D 121 1.31 -31.53 38.00
C ARG D 121 1.85 -32.36 39.14
N VAL D 122 3.17 -32.28 39.31
CA VAL D 122 3.88 -33.05 40.32
C VAL D 122 3.48 -32.60 41.73
N ARG D 123 3.28 -31.30 41.92
CA ARG D 123 2.88 -30.81 43.22
C ARG D 123 1.59 -31.46 43.64
N LYS D 124 0.62 -31.49 42.74
CA LYS D 124 -0.68 -32.07 43.06
C LYS D 124 -0.60 -33.58 43.28
N GLN D 125 0.34 -34.25 42.61
CA GLN D 125 0.48 -35.70 42.74
C GLN D 125 0.93 -36.07 44.12
N LEU D 126 1.89 -35.32 44.64
CA LEU D 126 2.46 -35.59 45.95
C LEU D 126 1.58 -35.16 47.10
N ARG D 127 0.46 -34.45 46.84
CA ARG D 127 -0.50 -34.11 47.90
C ARG D 127 0.25 -33.53 49.11
N GLN D 128 0.07 -34.10 50.29
CA GLN D 128 0.60 -33.59 51.53
C GLN D 128 1.89 -34.28 51.90
N ASN D 129 2.44 -35.04 50.97
CA ASN D 129 3.58 -35.90 51.26
C ASN D 129 4.89 -35.23 50.94
N ALA D 130 4.84 -33.98 50.48
CA ALA D 130 6.04 -33.27 50.10
C ALA D 130 5.89 -31.78 50.32
N GLU D 131 7.00 -31.05 50.23
CA GLU D 131 6.97 -29.60 50.41
C GLU D 131 7.84 -28.94 49.36
N GLU D 132 7.42 -27.77 48.91
CA GLU D 132 8.15 -27.09 47.87
C GLU D 132 9.33 -26.34 48.49
N ASP D 133 10.48 -26.56 47.89
CA ASP D 133 11.72 -25.92 48.29
C ASP D 133 11.74 -24.43 47.93
N GLY D 134 11.13 -24.05 46.82
CA GLY D 134 11.10 -22.65 46.39
C GLY D 134 12.00 -22.40 45.19
N LYS D 135 12.83 -23.37 44.83
CA LYS D 135 13.72 -23.23 43.68
C LYS D 135 13.47 -24.33 42.62
N GLY D 136 12.30 -24.97 42.70
CA GLY D 136 11.88 -25.94 41.72
C GLY D 136 11.83 -27.35 42.22
N CYS D 137 12.31 -27.59 43.45
CA CYS D 137 12.35 -28.93 44.01
C CYS D 137 11.27 -29.21 45.01
N PHE D 138 10.97 -30.49 45.15
CA PHE D 138 10.07 -30.98 46.17
C PHE D 138 10.86 -31.85 47.13
N GLU D 139 10.75 -31.60 48.42
CA GLU D 139 11.37 -32.47 49.41
C GLU D 139 10.31 -33.44 49.86
N ILE D 140 10.64 -34.71 49.79
CA ILE D 140 9.72 -35.79 50.06
C ILE D 140 9.95 -36.29 51.50
N TYR D 141 8.89 -36.27 52.31
CA TYR D 141 8.99 -36.58 53.73
C TYR D 141 8.74 -38.07 54.00
N HIS D 142 9.01 -38.91 53.02
CA HIS D 142 9.03 -40.33 53.19
C HIS D 142 10.20 -40.85 52.38
N LYS D 143 10.55 -42.11 52.57
CA LYS D 143 11.70 -42.68 51.88
C LYS D 143 11.25 -43.12 50.51
N CYS D 144 11.81 -42.48 49.48
CA CYS D 144 11.33 -42.69 48.13
C CYS D 144 12.44 -43.29 47.26
N ASP D 145 12.44 -44.62 47.19
CA ASP D 145 13.36 -45.39 46.34
C ASP D 145 13.10 -45.19 44.81
N ASP D 146 13.95 -45.80 43.98
CA ASP D 146 13.88 -45.62 42.51
C ASP D 146 12.54 -45.97 41.86
N ASN D 147 11.84 -46.98 42.37
CA ASN D 147 10.50 -47.31 41.87
C ASN D 147 9.47 -46.25 42.22
N CYS D 148 9.58 -45.71 43.43
CA CYS D 148 8.74 -44.60 43.87
C CYS D 148 8.97 -43.37 42.97
N MET D 149 10.23 -43.06 42.69
CA MET D 149 10.57 -41.93 41.78
C MET D 149 9.99 -42.10 40.36
N GLU D 150 10.03 -43.32 39.84
CA GLU D 150 9.41 -43.64 38.57
C GLU D 150 7.89 -43.48 38.66
N SER D 151 7.29 -43.84 39.79
CA SER D 151 5.83 -43.75 39.92
C SER D 151 5.38 -42.30 39.76
N ILE D 152 6.19 -41.39 40.27
CA ILE D 152 5.95 -39.95 40.15
C ILE D 152 6.07 -39.50 38.70
N ARG D 153 7.12 -39.98 38.03
CA ARG D 153 7.35 -39.67 36.63
C ARG D 153 6.31 -40.25 35.66
N ASN D 154 5.69 -41.41 35.98
CA ASN D 154 4.63 -42.02 35.16
C ASN D 154 3.21 -41.81 35.65
N ASN D 155 2.99 -40.81 36.50
CA ASN D 155 1.69 -40.59 37.13
C ASN D 155 1.00 -41.85 37.68
N THR D 156 1.74 -42.66 38.43
CA THR D 156 1.13 -43.80 39.13
C THR D 156 1.30 -43.74 40.66
N TYR D 157 2.02 -42.73 41.13
CA TYR D 157 2.26 -42.53 42.56
C TYR D 157 0.95 -42.39 43.34
N ASP D 158 0.74 -43.25 44.33
CA ASP D 158 -0.41 -43.13 45.20
C ASP D 158 -0.01 -42.50 46.53
N HIS D 159 -0.44 -41.25 46.75
CA HIS D 159 -0.09 -40.54 47.97
C HIS D 159 -0.59 -41.27 49.23
N THR D 160 -1.72 -41.94 49.11
CA THR D 160 -2.38 -42.56 50.27
C THR D 160 -1.46 -43.62 50.90
N GLN D 161 -0.73 -44.31 50.04
CA GLN D 161 0.26 -45.32 50.44
C GLN D 161 1.40 -44.84 51.34
N TYR D 162 1.75 -43.55 51.23
CA TYR D 162 2.85 -42.98 52.01
C TYR D 162 2.39 -41.85 52.94
N ARG D 163 1.10 -41.61 53.03
CA ARG D 163 0.60 -40.43 53.70
C ARG D 163 0.89 -40.46 55.18
N GLU D 164 0.51 -41.55 55.84
CA GLU D 164 0.71 -41.61 57.29
C GLU D 164 2.17 -41.34 57.73
N GLU D 165 3.13 -41.79 56.94
CA GLU D 165 4.54 -41.66 57.30
C GLU D 165 5.03 -40.21 57.01
N ALA D 166 4.67 -39.73 55.84
CA ALA D 166 4.97 -38.40 55.43
C ALA D 166 4.53 -37.40 56.49
N LEU D 167 3.26 -37.46 56.87
CA LEU D 167 2.73 -36.52 57.87
C LEU D 167 3.50 -36.64 59.18
N LEU D 168 3.82 -37.86 59.59
CA LEU D 168 4.60 -38.09 60.81
C LEU D 168 5.96 -37.40 60.79
N ASN D 169 6.65 -37.45 59.65
CA ASN D 169 7.95 -36.79 59.51
C ASN D 169 7.83 -35.26 59.32
N ARG D 170 6.70 -34.80 58.79
CA ARG D 170 6.42 -33.38 58.75
C ARG D 170 6.17 -32.84 60.16
N LEU D 171 5.73 -33.70 61.09
CA LEU D 171 5.35 -33.31 62.47
C LEU D 171 6.29 -33.77 63.61
N ASN D 172 7.43 -33.12 63.75
CA ASN D 172 8.24 -33.28 64.98
C ASN D 172 9.40 -32.29 65.07
N GLY E 4 -2.19 -14.10 64.53
CA GLY E 4 -0.90 -14.11 63.80
C GLY E 4 -0.49 -12.73 63.27
N ASP E 5 0.82 -12.49 63.14
CA ASP E 5 1.36 -11.29 62.52
C ASP E 5 1.15 -11.41 61.04
N LYS E 6 1.09 -10.27 60.35
CA LYS E 6 0.57 -10.24 58.98
C LYS E 6 1.57 -9.60 58.03
N ILE E 7 1.77 -10.20 56.86
CA ILE E 7 2.42 -9.49 55.79
C ILE E 7 1.51 -9.55 54.58
N CYS E 8 1.30 -8.38 53.96
CA CYS E 8 0.38 -8.20 52.85
C CYS E 8 1.10 -7.70 51.61
N LEU E 9 0.74 -8.23 50.45
CA LEU E 9 1.32 -7.78 49.19
C LEU E 9 0.39 -6.87 48.42
N GLY E 10 0.94 -5.86 47.75
CA GLY E 10 0.15 -4.92 46.99
C GLY E 10 0.94 -4.17 45.95
N HIS E 11 0.20 -3.49 45.07
CA HIS E 11 0.77 -2.68 44.02
C HIS E 11 0.34 -1.25 44.22
N HIS E 12 0.91 -0.35 43.43
CA HIS E 12 0.59 1.04 43.58
C HIS E 12 -0.63 1.42 42.75
N ALA E 13 -1.16 2.59 43.03
CA ALA E 13 -2.22 3.19 42.23
C ALA E 13 -2.05 4.70 42.27
N VAL E 14 -2.83 5.38 41.46
CA VAL E 14 -2.86 6.83 41.46
C VAL E 14 -4.32 7.32 41.40
N SER E 15 -4.56 8.50 41.95
CA SER E 15 -5.83 9.20 41.80
C SER E 15 -5.92 9.82 40.40
N ASN E 16 -4.74 10.14 39.88
CA ASN E 16 -4.43 10.79 38.60
C ASN E 16 -4.49 9.77 37.38
N GLY E 17 -5.62 9.07 37.18
CA GLY E 17 -5.69 7.94 36.20
C GLY E 17 -5.79 8.27 34.70
N THR E 18 -5.35 7.37 33.83
CA THR E 18 -5.34 7.64 32.37
C THR E 18 -6.02 6.54 31.61
N ILE E 19 -6.70 6.90 30.53
CA ILE E 19 -7.48 5.96 29.78
C ILE E 19 -6.83 5.56 28.44
N VAL E 20 -6.80 4.27 28.17
CA VAL E 20 -6.20 3.74 26.96
C VAL E 20 -7.08 2.61 26.45
N LYS E 21 -6.69 2.09 25.30
CA LYS E 21 -7.44 1.06 24.62
C LYS E 21 -6.65 -0.23 24.64
N THR E 22 -7.36 -1.33 24.78
CA THR E 22 -6.76 -2.66 24.69
C THR E 22 -7.58 -3.48 23.70
N LEU E 23 -7.30 -4.79 23.64
CA LEU E 23 -7.95 -5.66 22.69
C LEU E 23 -9.36 -5.92 23.11
N THR E 24 -9.57 -5.76 24.41
CA THR E 24 -10.79 -6.13 25.08
C THR E 24 -11.63 -4.95 25.43
N ASN E 25 -10.98 -3.84 25.69
CA ASN E 25 -11.62 -2.74 26.35
C ASN E 25 -11.17 -1.44 25.71
N GLU E 26 -12.12 -0.55 25.45
CA GLU E 26 -11.79 0.74 24.86
C GLU E 26 -11.50 1.83 25.89
N LYS E 27 -11.80 1.54 27.15
CA LYS E 27 -11.53 2.43 28.25
C LYS E 27 -10.84 1.76 29.44
N GLU E 28 -9.53 1.54 29.41
CA GLU E 28 -8.83 0.97 30.58
C GLU E 28 -8.05 2.04 31.29
N GLU E 29 -8.30 2.20 32.59
CA GLU E 29 -7.50 3.11 33.40
C GLU E 29 -6.17 2.44 33.56
N VAL E 30 -5.10 3.17 33.28
CA VAL E 30 -3.79 2.75 33.69
C VAL E 30 -3.18 3.89 34.45
N THR E 31 -2.08 3.60 35.12
CA THR E 31 -1.42 4.57 35.97
C THR E 31 -0.76 5.68 35.14
N ASN E 32 -0.20 5.34 33.99
CA ASN E 32 0.40 6.34 33.12
C ASN E 32 0.34 5.89 31.65
N ALA E 33 0.58 6.81 30.73
CA ALA E 33 0.61 6.46 29.33
C ALA E 33 1.27 7.57 28.55
N THR E 34 1.70 7.26 27.34
CA THR E 34 2.42 8.20 26.52
C THR E 34 1.89 8.24 25.07
N GLU E 35 1.91 9.43 24.47
CA GLU E 35 1.44 9.62 23.11
C GLU E 35 2.38 9.01 22.05
N THR E 36 1.81 8.35 21.04
CA THR E 36 2.59 7.77 19.91
C THR E 36 2.38 8.49 18.57
N VAL E 37 1.36 9.33 18.50
CA VAL E 37 1.08 10.13 17.31
C VAL E 37 1.49 11.58 17.52
N GLU E 38 2.50 12.02 16.78
CA GLU E 38 2.90 13.41 16.75
C GLU E 38 1.81 14.30 16.16
N SER E 39 1.48 15.38 16.85
CA SER E 39 0.52 16.36 16.34
C SER E 39 1.07 17.80 16.17
N LYS E 40 2.28 18.06 16.63
CA LYS E 40 2.84 19.41 16.59
C LYS E 40 3.83 19.47 15.43
N SER E 41 3.78 20.58 14.72
CA SER E 41 4.69 20.87 13.62
C SER E 41 5.26 22.25 13.88
N LEU E 42 6.45 22.52 13.34
CA LEU E 42 6.98 23.88 13.37
C LEU E 42 6.57 24.64 12.10
N ASP E 43 6.03 25.85 12.29
CA ASP E 43 5.57 26.73 11.19
C ASP E 43 6.74 27.38 10.37
N LYS E 44 7.90 26.70 10.35
CA LYS E 44 9.09 27.18 9.64
C LYS E 44 9.80 26.01 8.91
N LEU E 45 10.73 26.32 8.02
CA LEU E 45 11.52 25.28 7.34
C LEU E 45 12.88 25.21 7.97
N CYS E 46 13.11 24.16 8.76
CA CYS E 46 14.37 23.98 9.49
C CYS E 46 15.54 23.59 8.58
N MET E 47 16.34 24.57 8.19
CA MET E 47 17.41 24.34 7.23
C MET E 47 18.82 24.23 7.82
N LYS E 48 18.99 24.17 9.14
CA LYS E 48 20.36 24.06 9.69
C LYS E 48 21.15 22.96 9.00
N SER E 49 22.40 23.27 8.74
CA SER E 49 23.34 22.35 8.11
C SER E 49 22.80 21.68 6.83
N ARG E 50 22.17 22.47 5.97
CA ARG E 50 21.85 22.06 4.59
C ARG E 50 22.23 23.19 3.63
N ASN E 51 22.83 22.83 2.49
CA ASN E 51 22.98 23.75 1.35
C ASN E 51 21.67 23.97 0.64
N TYR E 52 20.87 24.86 1.16
CA TYR E 52 19.57 25.05 0.57
C TYR E 52 19.62 26.17 -0.43
N LYS E 53 18.58 26.19 -1.25
CA LYS E 53 18.35 27.24 -2.16
C LYS E 53 16.89 27.58 -2.02
N ASP E 54 16.61 28.81 -1.62
CA ASP E 54 15.26 29.30 -1.57
C ASP E 54 14.99 30.08 -2.84
N LEU E 55 14.07 29.60 -3.67
CA LEU E 55 13.82 30.26 -4.97
C LEU E 55 12.99 31.54 -4.87
N GLY E 56 12.34 31.79 -3.73
CA GLY E 56 11.54 32.99 -3.56
C GLY E 56 10.51 33.05 -4.65
N SER E 57 10.61 34.08 -5.47
CA SER E 57 9.65 34.30 -6.54
C SER E 57 9.99 33.50 -7.79
N CYS E 58 11.16 32.88 -7.83
CA CYS E 58 11.56 32.11 -9.02
C CYS E 58 10.91 30.71 -9.07
N HIS E 59 10.36 30.36 -10.21
CA HIS E 59 9.86 28.99 -10.46
C HIS E 59 10.99 28.18 -11.09
N PRO E 60 11.19 26.93 -10.61
CA PRO E 60 12.22 26.05 -11.13
C PRO E 60 12.43 26.09 -12.64
N ILE E 61 11.36 26.15 -13.43
CA ILE E 61 11.48 26.24 -14.86
C ILE E 61 12.14 27.51 -15.34
N GLY E 62 11.86 28.61 -14.69
CA GLY E 62 12.55 29.85 -15.01
C GLY E 62 14.06 29.78 -14.85
N MET E 63 14.56 28.83 -14.06
CA MET E 63 15.99 28.68 -13.88
C MET E 63 16.69 28.17 -15.14
N VAL E 64 15.92 27.52 -15.99
CA VAL E 64 16.42 26.79 -17.11
C VAL E 64 16.30 27.59 -18.40
N ILE E 65 15.30 28.46 -18.46
CA ILE E 65 15.15 29.42 -19.55
C ILE E 65 15.71 30.82 -19.24
N GLY E 66 15.85 31.16 -17.98
CA GLY E 66 16.43 32.45 -17.63
C GLY E 66 15.43 33.58 -17.62
N THR E 67 14.35 33.44 -16.85
CA THR E 67 13.43 34.54 -16.58
C THR E 67 14.12 35.52 -15.62
N PRO E 68 13.86 36.83 -15.79
CA PRO E 68 14.40 37.85 -14.86
C PRO E 68 14.29 37.49 -13.38
N ALA E 69 13.09 37.14 -12.92
CA ALA E 69 12.90 36.67 -11.55
C ALA E 69 13.90 35.58 -11.10
N CYS E 70 14.50 34.86 -12.05
CA CYS E 70 15.38 33.75 -11.71
C CYS E 70 16.87 34.03 -11.89
N ASP E 71 17.26 35.29 -12.11
CA ASP E 71 18.67 35.65 -12.37
C ASP E 71 19.68 35.18 -11.31
N LEU E 72 19.26 35.15 -10.04
CA LEU E 72 20.13 34.69 -8.97
C LEU E 72 20.28 33.17 -8.95
N HIS E 73 19.42 32.47 -9.68
CA HIS E 73 19.34 31.03 -9.58
C HIS E 73 19.60 30.29 -10.93
N LEU E 74 20.38 30.90 -11.83
CA LEU E 74 20.63 30.27 -13.12
C LEU E 74 21.65 29.18 -13.03
N THR E 75 22.48 29.24 -11.99
CA THR E 75 23.44 28.16 -11.69
C THR E 75 23.52 27.99 -10.18
N GLY E 76 24.16 26.91 -9.76
CA GLY E 76 24.29 26.62 -8.35
C GLY E 76 24.39 25.15 -8.04
N THR E 77 24.76 24.85 -6.80
CA THR E 77 24.63 23.53 -6.24
C THR E 77 23.88 23.65 -4.91
N TRP E 78 23.13 22.61 -4.56
CA TRP E 78 22.32 22.62 -3.36
C TRP E 78 21.98 21.20 -3.03
N ASP E 79 21.68 20.92 -1.77
CA ASP E 79 21.10 19.61 -1.43
C ASP E 79 19.60 19.73 -1.17
N THR E 80 19.06 20.94 -1.20
CA THR E 80 17.66 21.20 -0.86
C THR E 80 17.18 22.38 -1.69
N LEU E 81 16.07 22.22 -2.42
CA LEU E 81 15.47 23.28 -3.20
C LEU E 81 14.09 23.62 -2.67
N ILE E 82 13.81 24.90 -2.50
CA ILE E 82 12.53 25.34 -1.99
C ILE E 82 11.76 26.16 -3.03
N GLU E 83 10.56 25.68 -3.38
CA GLU E 83 9.60 26.35 -4.27
C GLU E 83 8.53 27.04 -3.46
N ARG E 84 8.08 28.23 -3.89
CA ARG E 84 6.92 28.93 -3.31
C ARG E 84 5.78 28.98 -4.31
N ASP E 85 4.58 29.36 -3.84
CA ASP E 85 3.32 29.13 -4.57
C ASP E 85 2.98 30.02 -5.78
N ASN E 86 3.35 31.28 -5.79
CA ASN E 86 3.06 32.04 -7.01
C ASN E 86 4.33 32.55 -7.60
N SER E 87 5.24 31.60 -7.76
CA SER E 87 6.53 31.88 -8.32
C SER E 87 6.33 32.10 -9.80
N ILE E 88 7.25 32.83 -10.40
CA ILE E 88 7.15 33.26 -11.79
C ILE E 88 8.03 32.36 -12.64
N ALA E 89 7.46 31.84 -13.72
CA ALA E 89 8.21 31.03 -14.68
C ALA E 89 8.41 31.77 -15.99
N TYR E 90 7.39 32.50 -16.43
CA TYR E 90 7.38 33.13 -17.73
C TYR E 90 7.28 34.64 -17.64
N CYS E 91 8.02 35.33 -18.49
CA CYS E 91 7.83 36.76 -18.67
C CYS E 91 6.95 36.97 -19.93
N TYR E 92 7.44 36.62 -21.12
CA TYR E 92 6.60 36.58 -22.31
C TYR E 92 5.74 35.34 -22.17
N PRO E 93 4.44 35.50 -22.30
CA PRO E 93 3.52 34.41 -21.99
C PRO E 93 3.73 33.15 -22.84
N GLY E 94 3.59 32.01 -22.21
CA GLY E 94 3.74 30.76 -22.88
C GLY E 94 3.53 29.61 -21.93
N ALA E 95 3.92 28.44 -22.42
CA ALA E 95 3.74 27.21 -21.69
C ALA E 95 4.82 26.25 -22.17
N THR E 96 5.25 25.33 -21.31
CA THR E 96 6.18 24.31 -21.77
C THR E 96 5.44 22.95 -21.81
N VAL E 97 5.75 22.18 -22.81
CA VAL E 97 5.24 20.85 -22.95
C VAL E 97 5.89 19.99 -21.87
N ASN E 98 5.11 19.11 -21.24
CA ASN E 98 5.54 18.32 -20.09
C ASN E 98 6.24 19.19 -19.05
N GLU E 99 5.60 20.31 -18.74
CA GLU E 99 6.05 21.20 -17.68
C GLU E 99 6.29 20.46 -16.35
N GLU E 100 5.39 19.55 -16.01
CA GLU E 100 5.46 18.91 -14.71
C GLU E 100 6.70 18.01 -14.59
N ALA E 101 6.96 17.21 -15.61
CA ALA E 101 8.14 16.38 -15.60
C ALA E 101 9.37 17.25 -15.46
N LEU E 102 9.38 18.35 -16.20
CA LEU E 102 10.53 19.23 -16.15
C LEU E 102 10.67 19.83 -14.75
N ARG E 103 9.56 20.31 -14.19
CA ARG E 103 9.60 20.84 -12.83
C ARG E 103 10.17 19.81 -11.86
N GLN E 104 9.76 18.56 -12.01
CA GLN E 104 10.21 17.50 -11.10
C GLN E 104 11.71 17.18 -11.25
N LYS E 105 12.19 17.04 -12.49
CA LYS E 105 13.61 16.76 -12.71
C LYS E 105 14.48 17.79 -12.02
N ILE E 106 14.10 19.07 -12.11
CA ILE E 106 14.87 20.11 -11.43
C ILE E 106 14.79 20.01 -9.90
N MET E 107 13.60 19.81 -9.34
CA MET E 107 13.46 19.72 -7.87
C MET E 107 14.16 18.50 -7.25
N GLU E 108 14.56 17.56 -8.09
CA GLU E 108 15.17 16.36 -7.63
C GLU E 108 16.70 16.42 -7.92
N SER E 109 17.22 17.59 -8.33
CA SER E 109 18.51 17.67 -9.01
C SER E 109 19.73 18.00 -8.18
N GLY E 110 19.58 18.71 -7.07
CA GLY E 110 20.82 19.12 -6.38
C GLY E 110 21.87 19.96 -7.15
N GLY E 111 21.49 20.65 -8.22
CA GLY E 111 22.35 21.67 -8.79
C GLY E 111 22.25 21.75 -10.29
N ILE E 112 22.55 22.93 -10.84
CA ILE E 112 22.50 23.13 -12.26
C ILE E 112 23.69 23.93 -12.79
N ASP E 113 24.29 23.46 -13.86
CA ASP E 113 25.30 24.22 -14.58
C ASP E 113 24.84 24.53 -16.01
N LYS E 114 25.24 25.69 -16.51
CA LYS E 114 24.88 26.17 -17.84
C LYS E 114 26.04 26.09 -18.81
N ILE E 115 25.85 25.42 -19.93
CA ILE E 115 26.88 25.20 -20.93
C ILE E 115 26.43 25.91 -22.19
N SER E 116 27.34 26.63 -22.83
CA SER E 116 26.97 27.43 -23.99
C SER E 116 26.77 26.58 -25.25
N THR E 117 25.79 26.94 -26.09
CA THR E 117 25.51 26.19 -27.33
C THR E 117 26.46 26.60 -28.46
N GLY E 118 27.00 27.82 -28.38
CA GLY E 118 27.87 28.32 -29.45
C GLY E 118 27.19 28.59 -30.77
N PHE E 119 25.86 28.65 -30.82
CA PHE E 119 25.15 28.95 -32.08
C PHE E 119 25.45 30.38 -32.52
N THR E 120 25.90 30.53 -33.76
CA THR E 120 26.08 31.84 -34.36
C THR E 120 25.15 31.94 -35.56
N TYR E 121 24.80 33.16 -35.94
CA TYR E 121 23.71 33.35 -36.88
C TYR E 121 24.08 34.09 -38.13
N GLY E 122 24.94 35.09 -38.03
CA GLY E 122 25.35 35.83 -39.21
C GLY E 122 24.30 36.87 -39.56
N SER E 123 24.70 37.86 -40.36
CA SER E 123 23.85 39.03 -40.60
C SER E 123 22.59 38.64 -41.35
N SER E 124 21.70 39.60 -41.53
CA SER E 124 20.27 39.35 -41.90
C SER E 124 19.43 38.72 -40.78
N ILE E 125 20.09 38.10 -39.79
CA ILE E 125 19.44 37.74 -38.58
C ILE E 125 19.86 38.71 -37.48
N ASN E 126 18.89 39.33 -36.83
CA ASN E 126 19.12 39.99 -35.54
C ASN E 126 18.71 39.02 -34.43
N SER E 127 19.72 38.57 -33.70
CA SER E 127 19.54 37.54 -32.69
C SER E 127 19.37 38.09 -31.28
N ALA E 128 19.02 39.37 -31.14
CA ALA E 128 18.88 40.00 -29.83
C ALA E 128 17.53 40.69 -29.71
N GLY E 129 16.48 40.05 -30.19
CA GLY E 129 15.13 40.54 -29.99
C GLY E 129 14.80 40.68 -28.52
N THR E 130 14.12 41.77 -28.17
CA THR E 130 13.68 42.00 -26.79
C THR E 130 12.21 42.43 -26.76
N THR E 131 11.63 42.44 -25.56
CA THR E 131 10.22 42.80 -25.37
C THR E 131 10.04 43.47 -24.00
N LYS E 132 9.03 44.32 -23.88
CA LYS E 132 8.67 44.88 -22.58
C LYS E 132 8.11 43.88 -21.60
N ALA E 133 7.75 42.69 -22.07
CA ALA E 133 7.28 41.66 -21.16
C ALA E 133 8.38 41.08 -20.28
N CYS E 134 9.64 41.16 -20.71
CA CYS E 134 10.78 40.60 -19.96
C CYS E 134 11.74 41.72 -19.64
N MET E 135 11.42 42.52 -18.62
CA MET E 135 12.24 43.70 -18.26
C MET E 135 13.39 43.31 -17.34
N ARG E 136 14.55 43.94 -17.53
CA ARG E 136 15.65 43.84 -16.56
C ARG E 136 16.05 45.22 -16.03
N ASN E 137 17.08 45.86 -16.59
CA ASN E 137 17.53 47.17 -16.10
C ASN E 137 18.67 47.66 -16.95
N GLY E 138 18.48 48.71 -17.74
CA GLY E 138 17.18 49.26 -18.08
C GLY E 138 16.62 48.60 -19.32
N GLY E 139 15.30 48.69 -19.46
CA GLY E 139 14.66 48.41 -20.73
C GLY E 139 14.32 46.97 -21.03
N ASN E 140 13.87 46.78 -22.25
CA ASN E 140 13.43 45.49 -22.72
C ASN E 140 14.55 44.48 -22.70
N SER E 141 14.20 43.22 -22.42
CA SER E 141 15.14 42.13 -22.40
C SER E 141 14.44 40.88 -22.92
N PHE E 142 15.07 39.75 -22.69
CA PHE E 142 14.51 38.45 -23.02
C PHE E 142 15.08 37.40 -22.10
N TYR E 143 14.50 36.22 -22.15
CA TYR E 143 15.02 35.09 -21.39
C TYR E 143 16.56 34.99 -21.56
N ALA E 144 17.29 34.87 -20.46
CA ALA E 144 18.74 34.81 -20.52
C ALA E 144 19.34 33.63 -21.26
N GLU E 145 18.61 32.51 -21.33
CA GLU E 145 19.15 31.28 -21.91
C GLU E 145 18.69 31.04 -23.34
N LEU E 146 17.89 31.95 -23.86
CA LEU E 146 17.39 31.86 -25.19
C LEU E 146 17.58 33.17 -25.96
N LYS E 147 17.41 33.08 -27.26
CA LYS E 147 17.52 34.23 -28.14
C LYS E 147 16.32 34.29 -29.05
N TRP E 148 15.66 35.44 -29.05
CA TRP E 148 14.59 35.67 -30.00
C TRP E 148 15.18 36.16 -31.33
N LEU E 149 15.36 35.22 -32.27
CA LEU E 149 15.89 35.51 -33.59
C LEU E 149 14.78 36.11 -34.45
N VAL E 150 15.16 37.10 -35.25
CA VAL E 150 14.27 37.97 -35.98
C VAL E 150 15.01 38.45 -37.23
N SER E 151 14.30 38.69 -38.33
CA SER E 151 14.91 39.31 -39.49
C SER E 151 15.50 40.65 -39.06
N LYS E 152 16.77 40.88 -39.45
CA LYS E 152 17.44 42.14 -39.15
C LYS E 152 16.71 43.34 -39.76
N SER E 153 16.11 43.16 -40.93
CA SER E 153 15.29 44.22 -41.54
C SER E 153 13.79 43.90 -41.36
N LYS E 154 13.01 44.90 -40.98
CA LYS E 154 11.61 44.72 -40.61
C LYS E 154 10.77 43.80 -41.51
N GLY E 155 10.64 44.10 -42.79
CA GLY E 155 9.79 43.25 -43.62
C GLY E 155 10.45 42.00 -44.19
N GLN E 156 11.77 41.88 -44.04
CA GLN E 156 12.62 40.92 -44.76
C GLN E 156 12.28 39.47 -44.43
N ASN E 157 12.34 38.58 -45.42
CA ASN E 157 12.23 37.16 -45.14
C ASN E 157 13.40 36.70 -44.31
N PHE E 158 13.09 35.81 -43.37
CA PHE E 158 14.08 35.27 -42.47
C PHE E 158 14.80 34.14 -43.20
N PRO E 159 16.15 34.11 -43.13
CA PRO E 159 16.93 33.10 -43.85
C PRO E 159 16.74 31.68 -43.32
N GLN E 160 16.66 30.71 -44.22
CA GLN E 160 16.79 29.34 -43.87
C GLN E 160 18.13 29.14 -43.18
N THR E 161 18.10 28.54 -41.99
CA THR E 161 19.25 28.48 -41.13
C THR E 161 19.32 27.12 -40.50
N THR E 162 20.51 26.71 -40.11
CA THR E 162 20.71 25.42 -39.48
C THR E 162 21.78 25.55 -38.41
N ASN E 163 21.46 25.03 -37.23
CA ASN E 163 22.39 25.05 -36.13
C ASN E 163 22.29 23.71 -35.51
N THR E 164 23.43 23.11 -35.17
CA THR E 164 23.40 21.88 -34.41
C THR E 164 24.31 22.02 -33.20
N TYR E 165 23.87 21.49 -32.06
CA TYR E 165 24.62 21.52 -30.80
C TYR E 165 25.11 20.13 -30.56
N ARG E 166 26.35 20.00 -30.10
CA ARG E 166 26.98 18.72 -29.85
C ARG E 166 27.34 18.58 -28.38
N ASN E 167 26.83 17.54 -27.74
CA ASN E 167 27.16 17.24 -26.35
C ASN E 167 28.51 16.54 -26.31
N THR E 168 29.53 17.23 -25.83
CA THR E 168 30.86 16.66 -25.69
C THR E 168 31.17 16.32 -24.24
N ASP E 169 30.20 16.49 -23.36
CA ASP E 169 30.33 16.05 -21.97
C ASP E 169 30.00 14.56 -21.90
N SER E 170 30.19 13.99 -20.71
CA SER E 170 29.84 12.61 -20.46
C SER E 170 28.53 12.49 -19.67
N ALA E 171 27.77 13.59 -19.57
CA ALA E 171 26.46 13.58 -18.94
C ALA E 171 25.46 14.19 -19.91
N GLU E 172 24.22 13.69 -19.85
CA GLU E 172 23.14 14.25 -20.67
C GLU E 172 22.86 15.71 -20.31
N HIS E 173 22.54 16.50 -21.33
CA HIS E 173 22.25 17.91 -21.16
C HIS E 173 20.82 18.19 -21.55
N LEU E 174 20.22 19.16 -20.89
CA LEU E 174 18.85 19.52 -21.14
C LEU E 174 18.81 20.75 -22.05
N ILE E 175 18.14 20.66 -23.20
CA ILE E 175 17.99 21.80 -24.10
C ILE E 175 16.52 22.19 -24.15
N ILE E 176 16.28 23.47 -24.03
CA ILE E 176 14.96 24.01 -24.16
C ILE E 176 14.98 24.93 -25.35
N TRP E 177 13.86 25.04 -26.02
CA TRP E 177 13.75 26.01 -27.06
C TRP E 177 12.33 26.42 -27.07
N GLY E 178 12.03 27.46 -27.82
CA GLY E 178 10.68 28.00 -27.88
C GLY E 178 10.26 28.12 -29.31
N ILE E 179 8.97 28.27 -29.51
CA ILE E 179 8.42 28.54 -30.83
C ILE E 179 7.45 29.68 -30.67
N HIS E 180 7.66 30.75 -31.42
CA HIS E 180 6.84 31.93 -31.28
C HIS E 180 5.57 31.84 -32.10
N HIS E 181 4.42 31.95 -31.43
CA HIS E 181 3.12 32.03 -32.08
C HIS E 181 2.70 33.48 -32.01
N PRO E 182 2.90 34.23 -33.10
CA PRO E 182 2.60 35.64 -33.08
C PRO E 182 1.10 35.95 -33.10
N SER E 183 0.78 37.18 -32.70
CA SER E 183 -0.60 37.61 -32.53
C SER E 183 -1.29 38.05 -33.82
N SER E 184 -0.54 38.56 -34.79
CA SER E 184 -1.11 39.06 -36.05
C SER E 184 -0.28 38.65 -37.21
N THR E 185 -0.91 38.51 -38.36
CA THR E 185 -0.19 38.32 -39.61
C THR E 185 0.75 39.50 -39.84
N GLN E 186 0.39 40.66 -39.33
CA GLN E 186 1.28 41.80 -39.42
C GLN E 186 2.56 41.60 -38.61
N GLU E 187 2.39 41.20 -37.36
CA GLU E 187 3.54 40.91 -36.50
C GLU E 187 4.43 39.79 -37.09
N LYS E 188 3.81 38.73 -37.60
CA LYS E 188 4.60 37.67 -38.23
C LYS E 188 5.44 38.25 -39.38
N ASN E 189 4.77 38.97 -40.29
CA ASN E 189 5.45 39.61 -41.41
C ASN E 189 6.63 40.49 -40.99
N ASP E 190 6.47 41.22 -39.90
CA ASP E 190 7.52 42.12 -39.47
C ASP E 190 8.71 41.43 -38.80
N LEU E 191 8.44 40.35 -38.08
CA LEU E 191 9.54 39.63 -37.44
C LEU E 191 10.24 38.68 -38.42
N TYR E 192 9.48 38.04 -39.27
CA TYR E 192 10.03 36.99 -40.14
C TYR E 192 9.58 37.32 -41.55
N GLY E 193 9.66 36.37 -42.45
CA GLY E 193 9.14 36.67 -43.78
C GLY E 193 7.64 36.94 -43.94
N THR E 194 7.21 36.89 -45.20
CA THR E 194 5.81 36.70 -45.53
C THR E 194 5.64 35.27 -46.08
N GLN E 195 6.44 34.36 -45.56
CA GLN E 195 6.70 33.08 -46.19
C GLN E 195 6.22 32.02 -45.23
N SER E 196 6.01 30.81 -45.72
CA SER E 196 5.64 29.73 -44.82
C SER E 196 6.77 29.48 -43.84
N LEU E 197 6.44 29.45 -42.55
CA LEU E 197 7.43 29.17 -41.53
C LEU E 197 7.41 27.71 -41.15
N SER E 198 8.57 27.20 -40.79
CA SER E 198 8.71 25.80 -40.48
C SER E 198 9.99 25.66 -39.71
N ILE E 199 9.94 24.85 -38.66
CA ILE E 199 11.06 24.61 -37.80
C ILE E 199 11.09 23.10 -37.55
N SER E 200 12.23 22.46 -37.80
CA SER E 200 12.41 21.05 -37.43
C SER E 200 13.57 20.88 -36.46
N VAL E 201 13.43 19.92 -35.56
CA VAL E 201 14.43 19.66 -34.55
C VAL E 201 14.65 18.17 -34.55
N GLY E 202 15.92 17.75 -34.50
CA GLY E 202 16.25 16.34 -34.62
C GLY E 202 17.56 15.97 -33.98
N SER E 203 17.53 14.87 -33.22
CA SER E 203 18.69 14.27 -32.61
C SER E 203 18.65 12.78 -32.95
N SER E 204 19.33 11.93 -32.19
CA SER E 204 19.32 10.52 -32.53
C SER E 204 18.15 9.88 -31.82
N THR E 205 17.72 10.53 -30.75
CA THR E 205 16.70 10.05 -29.82
C THR E 205 15.41 10.87 -29.86
N TYR E 206 15.36 11.87 -30.72
CA TYR E 206 14.29 12.87 -30.72
C TYR E 206 14.15 13.54 -32.06
N GLN E 207 12.94 13.88 -32.40
CA GLN E 207 12.67 14.33 -33.73
C GLN E 207 11.26 14.89 -33.76
N ASN E 208 11.13 16.11 -34.27
CA ASN E 208 9.85 16.82 -34.24
C ASN E 208 9.88 18.01 -35.14
N ASN E 209 8.70 18.45 -35.58
CA ASN E 209 8.52 19.63 -36.40
C ASN E 209 7.46 20.58 -35.86
N PHE E 210 7.63 21.86 -36.12
CA PHE E 210 6.79 22.88 -35.55
C PHE E 210 6.46 23.95 -36.57
N VAL E 211 5.31 24.56 -36.39
CA VAL E 211 4.82 25.58 -37.29
C VAL E 211 4.27 26.72 -36.48
N PRO E 212 4.89 27.91 -36.57
CA PRO E 212 4.31 28.99 -35.76
C PRO E 212 2.94 29.35 -36.28
N VAL E 213 2.00 29.58 -35.38
CA VAL E 213 0.60 29.81 -35.72
C VAL E 213 0.15 31.19 -35.28
N VAL E 214 -0.32 31.97 -36.22
CA VAL E 214 -0.76 33.32 -35.99
C VAL E 214 -2.20 33.33 -35.48
N GLY E 215 -2.48 34.20 -34.52
CA GLY E 215 -3.80 34.24 -33.89
C GLY E 215 -3.84 35.09 -32.63
N ALA E 216 -5.05 35.54 -32.29
CA ALA E 216 -5.25 36.42 -31.15
C ALA E 216 -5.65 35.64 -29.92
N ARG E 217 -5.02 36.00 -28.80
CA ARG E 217 -5.30 35.38 -27.50
C ARG E 217 -5.20 36.47 -26.44
N PRO E 218 -5.85 36.28 -25.29
CA PRO E 218 -5.89 37.34 -24.30
C PRO E 218 -4.51 37.89 -23.99
N GLN E 219 -4.43 39.20 -23.77
CA GLN E 219 -3.18 39.79 -23.40
C GLN E 219 -2.74 39.26 -22.04
N VAL E 220 -1.52 38.77 -22.00
CA VAL E 220 -0.82 38.41 -20.77
C VAL E 220 0.54 39.04 -20.99
N ASN E 221 0.81 40.23 -20.45
CA ASN E 221 -0.24 41.23 -20.11
C ASN E 221 0.05 42.72 -20.43
N GLY E 222 1.06 43.07 -21.23
CA GLY E 222 1.87 42.17 -22.00
C GLY E 222 1.26 41.95 -23.37
N GLN E 223 1.36 40.71 -23.83
CA GLN E 223 1.27 40.40 -25.22
C GLN E 223 0.20 39.38 -25.50
N SER E 224 -0.19 39.34 -26.75
CA SER E 224 -1.23 38.45 -27.19
C SER E 224 -0.59 37.32 -28.03
N GLY E 225 0.72 37.40 -28.24
CA GLY E 225 1.45 36.28 -28.83
C GLY E 225 1.79 35.30 -27.73
N ARG E 226 2.39 34.18 -28.12
CA ARG E 226 2.77 33.14 -27.17
C ARG E 226 4.04 32.45 -27.58
N ILE E 227 4.67 31.79 -26.64
CA ILE E 227 5.79 30.90 -26.92
C ILE E 227 5.48 29.49 -26.40
N ASP E 228 5.67 28.48 -27.23
CA ASP E 228 5.59 27.08 -26.80
C ASP E 228 7.02 26.60 -26.51
N PHE E 229 7.38 26.32 -25.26
CA PHE E 229 8.67 25.72 -24.97
C PHE E 229 8.62 24.20 -25.10
N HIS E 230 9.69 23.65 -25.69
CA HIS E 230 9.86 22.23 -25.87
C HIS E 230 11.28 21.87 -25.39
N TRP E 231 11.50 20.65 -24.89
CA TRP E 231 12.81 20.25 -24.37
C TRP E 231 13.11 18.78 -24.58
N THR E 232 14.40 18.44 -24.62
CA THR E 232 14.84 17.06 -24.50
C THR E 232 16.15 17.00 -23.79
N MET E 233 16.53 15.77 -23.49
CA MET E 233 17.86 15.45 -23.07
C MET E 233 18.68 15.10 -24.31
N VAL E 234 19.86 15.70 -24.42
CA VAL E 234 20.84 15.32 -25.43
C VAL E 234 21.85 14.40 -24.80
N GLN E 235 21.93 13.19 -25.33
CA GLN E 235 22.82 12.20 -24.77
C GLN E 235 24.28 12.60 -25.03
N PRO E 236 25.21 12.12 -24.19
CA PRO E 236 26.63 12.38 -24.44
C PRO E 236 27.05 11.90 -25.82
N GLY E 237 27.73 12.76 -26.58
CA GLY E 237 28.17 12.39 -27.90
C GLY E 237 27.15 12.64 -29.00
N ASP E 238 25.91 12.97 -28.65
CA ASP E 238 24.84 13.12 -29.64
C ASP E 238 24.79 14.56 -30.17
N ASN E 239 24.24 14.73 -31.36
CA ASN E 239 24.05 16.05 -31.96
C ASN E 239 22.56 16.34 -31.96
N ILE E 240 22.19 17.61 -31.77
CA ILE E 240 20.81 18.05 -32.00
C ILE E 240 20.80 19.20 -32.99
N THR E 241 20.04 19.08 -34.06
CA THR E 241 20.02 20.08 -35.12
C THR E 241 18.70 20.79 -35.19
N PHE E 242 18.78 22.09 -35.44
CA PHE E 242 17.63 22.95 -35.62
C PHE E 242 17.62 23.50 -37.04
N SER E 243 16.54 23.28 -37.76
CA SER E 243 16.37 23.80 -39.11
C SER E 243 15.18 24.69 -39.07
N HIS E 244 15.38 25.93 -39.49
CA HIS E 244 14.37 26.93 -39.27
C HIS E 244 14.48 28.11 -40.23
N ASN E 245 13.37 28.81 -40.41
CA ASN E 245 13.31 29.98 -41.27
C ASN E 245 12.44 31.07 -40.67
N GLY E 246 12.42 31.13 -39.34
CA GLY E 246 11.64 32.13 -38.63
C GLY E 246 10.65 31.49 -37.67
N GLY E 247 10.64 31.97 -36.42
CA GLY E 247 9.75 31.41 -35.40
C GLY E 247 10.46 30.68 -34.28
N LEU E 248 11.68 30.23 -34.52
CA LEU E 248 12.45 29.58 -33.46
C LEU E 248 12.91 30.60 -32.43
N ILE E 249 12.77 30.21 -31.18
CA ILE E 249 13.39 30.88 -30.05
C ILE E 249 14.51 29.97 -29.63
N ALA E 250 15.73 30.33 -30.01
CA ALA E 250 16.86 29.38 -29.98
C ALA E 250 17.52 29.35 -28.61
N PRO E 251 18.08 28.19 -28.22
CA PRO E 251 18.89 28.14 -27.02
C PRO E 251 20.25 28.76 -27.20
N SER E 252 20.65 29.59 -26.25
CA SER E 252 22.03 30.04 -26.18
C SER E 252 22.81 29.20 -25.18
N ARG E 253 22.18 28.78 -24.09
CA ARG E 253 22.82 27.88 -23.12
C ARG E 253 21.94 26.69 -22.85
N VAL E 254 22.56 25.53 -22.63
CA VAL E 254 21.82 24.34 -22.17
C VAL E 254 22.12 24.12 -20.70
N SER E 255 21.45 23.16 -20.10
CA SER E 255 21.60 22.92 -18.67
C SER E 255 22.07 21.52 -18.40
N LYS E 256 22.92 21.39 -17.39
CA LYS E 256 23.25 20.10 -16.86
C LYS E 256 22.75 20.05 -15.42
N LEU E 257 21.87 19.11 -15.13
CA LEU E 257 21.39 18.86 -13.77
C LEU E 257 22.41 17.94 -13.08
N LYS E 258 22.77 18.20 -11.81
CA LYS E 258 24.01 17.62 -11.27
C LYS E 258 23.95 16.39 -10.39
N GLY E 259 23.09 16.32 -9.39
CA GLY E 259 23.08 15.10 -8.56
C GLY E 259 21.71 14.87 -7.98
N ARG E 260 21.62 14.89 -6.66
CA ARG E 260 20.35 14.68 -5.97
C ARG E 260 20.13 15.70 -4.89
N GLY E 261 18.85 16.02 -4.67
CA GLY E 261 18.48 17.00 -3.67
C GLY E 261 17.05 16.78 -3.28
N LEU E 262 16.68 17.31 -2.13
CA LEU E 262 15.33 17.24 -1.62
C LEU E 262 14.61 18.51 -2.08
N GLY E 263 13.51 18.35 -2.81
CA GLY E 263 12.71 19.47 -3.27
C GLY E 263 11.53 19.67 -2.32
N ILE E 264 11.41 20.89 -1.80
CA ILE E 264 10.35 21.22 -0.87
C ILE E 264 9.47 22.28 -1.51
N GLN E 265 8.16 22.06 -1.47
CA GLN E 265 7.18 23.04 -1.78
C GLN E 265 6.51 23.47 -0.50
N SER E 266 6.66 24.73 -0.15
CA SER E 266 6.14 25.28 1.10
C SER E 266 6.15 26.79 1.02
N GLY E 267 5.22 27.42 1.72
CA GLY E 267 5.25 28.87 1.92
C GLY E 267 5.91 29.28 3.23
N ALA E 268 6.27 28.31 4.07
CA ALA E 268 6.84 28.62 5.39
C ALA E 268 8.20 29.29 5.25
N SER E 269 8.54 30.18 6.18
CA SER E 269 9.80 30.88 6.07
C SER E 269 10.91 30.05 6.66
N VAL E 270 12.12 30.31 6.21
CA VAL E 270 13.28 29.52 6.56
C VAL E 270 13.83 29.88 7.94
N ASP E 271 14.35 28.88 8.64
CA ASP E 271 15.00 29.08 9.93
C ASP E 271 16.31 28.28 9.94
N ASN E 272 17.41 28.98 10.14
CA ASN E 272 18.73 28.35 10.12
C ASN E 272 19.26 27.86 11.44
N ASP E 273 18.42 27.77 12.46
CA ASP E 273 18.90 27.26 13.72
C ASP E 273 18.17 26.05 14.33
N CYS E 274 17.22 25.50 13.57
CA CYS E 274 16.73 24.14 13.85
C CYS E 274 17.08 23.25 12.68
N GLU E 275 17.11 21.95 12.94
CA GLU E 275 17.44 20.98 11.93
C GLU E 275 16.23 20.02 11.80
N SER E 276 16.09 19.35 10.66
CA SER E 276 14.93 18.50 10.43
C SER E 276 15.17 17.65 9.24
N LYS E 277 14.52 16.49 9.21
CA LYS E 277 14.59 15.59 8.08
C LYS E 277 13.25 15.41 7.43
N CYS E 278 12.24 16.12 7.91
CA CYS E 278 10.88 15.94 7.44
C CYS E 278 10.22 17.29 7.25
N PHE E 279 9.56 17.45 6.11
CA PHE E 279 8.97 18.73 5.73
C PHE E 279 7.64 18.49 5.06
N TRP E 280 6.79 19.51 5.11
CA TRP E 280 5.51 19.51 4.39
C TRP E 280 5.15 20.96 4.07
N LYS E 281 4.00 21.19 3.45
CA LYS E 281 3.61 22.54 3.05
C LYS E 281 3.62 23.47 4.27
N GLY E 282 3.07 23.00 5.37
CA GLY E 282 2.97 23.77 6.60
C GLY E 282 4.26 23.90 7.39
N GLY E 283 5.36 23.35 6.91
CA GLY E 283 6.64 23.61 7.56
C GLY E 283 7.41 22.34 7.81
N SER E 284 7.81 22.15 9.05
CA SER E 284 8.81 21.14 9.35
C SER E 284 8.40 20.32 10.56
N ILE E 285 8.72 19.02 10.55
CA ILE E 285 8.23 18.09 11.58
C ILE E 285 9.39 17.36 12.18
N ASN E 286 9.61 17.52 13.49
CA ASN E 286 10.79 16.93 14.10
C ASN E 286 10.51 16.16 15.37
N THR E 287 10.49 14.84 15.28
CA THR E 287 9.93 14.01 16.36
C THR E 287 10.50 12.62 16.34
N LYS E 288 10.53 11.97 17.48
CA LYS E 288 10.95 10.59 17.53
C LYS E 288 9.78 9.60 17.48
N LEU E 289 8.55 10.11 17.50
CA LEU E 289 7.40 9.25 17.48
C LEU E 289 7.24 8.63 16.11
N PRO E 290 6.75 7.38 16.08
CA PRO E 290 6.67 6.66 14.81
C PRO E 290 5.58 7.18 13.85
N PHE E 291 4.54 7.85 14.37
CA PHE E 291 3.42 8.35 13.56
C PHE E 291 3.18 9.84 13.74
N GLN E 292 2.51 10.43 12.76
CA GLN E 292 2.19 11.84 12.81
C GLN E 292 0.80 12.07 12.22
N ASN E 293 0.29 13.27 12.50
CA ASN E 293 -1.12 13.65 12.41
C ASN E 293 -1.34 14.70 11.35
N LEU E 294 -0.26 15.20 10.75
CA LEU E 294 -0.26 16.51 10.12
C LEU E 294 -0.50 16.51 8.61
N SER E 295 0.03 15.53 7.91
CA SER E 295 -0.19 15.46 6.47
C SER E 295 0.27 14.14 5.89
N PRO E 296 -0.51 13.59 4.96
CA PRO E 296 0.02 12.53 4.12
C PRO E 296 1.08 13.04 3.12
N ARG E 297 1.00 14.32 2.74
CA ARG E 297 1.93 14.88 1.77
C ARG E 297 3.15 15.48 2.48
N THR E 298 4.18 14.67 2.66
CA THR E 298 5.44 15.10 3.31
C THR E 298 6.65 14.59 2.54
N VAL E 299 7.82 15.18 2.79
CA VAL E 299 9.03 14.85 2.03
C VAL E 299 10.22 14.76 2.96
N GLY E 300 11.14 13.87 2.64
CA GLY E 300 12.24 13.56 3.53
C GLY E 300 12.04 12.25 4.29
N GLN E 301 12.54 12.20 5.53
CA GLN E 301 12.44 11.02 6.39
C GLN E 301 11.41 11.26 7.50
N CYS E 302 10.21 10.77 7.28
CA CYS E 302 9.02 11.21 7.99
C CYS E 302 8.33 10.09 8.74
N PRO E 303 7.72 10.42 9.89
CA PRO E 303 6.86 9.40 10.47
C PRO E 303 5.68 9.17 9.54
N LYS E 304 5.01 8.04 9.70
CA LYS E 304 3.90 7.71 8.84
C LYS E 304 2.64 8.47 9.25
N TYR E 305 1.88 8.94 8.25
CA TYR E 305 0.67 9.69 8.51
C TYR E 305 -0.44 8.74 8.97
N VAL E 306 -1.20 9.15 9.98
CA VAL E 306 -2.34 8.39 10.45
C VAL E 306 -3.54 9.27 10.66
N ASN E 307 -4.73 8.67 10.65
CA ASN E 307 -5.97 9.38 10.90
C ASN E 307 -6.44 9.34 12.33
N LYS E 308 -5.56 9.45 13.30
CA LYS E 308 -6.01 9.46 14.66
C LYS E 308 -5.56 10.78 15.24
N LYS E 309 -6.39 11.38 16.10
CA LYS E 309 -5.95 12.52 16.92
C LYS E 309 -4.90 12.03 17.94
N SER E 310 -5.10 10.86 18.52
CA SER E 310 -4.29 10.40 19.64
C SER E 310 -4.29 8.87 19.79
N LEU E 311 -3.15 8.31 20.15
CA LEU E 311 -3.03 6.90 20.45
C LEU E 311 -2.09 6.75 21.60
N LEU E 312 -2.66 6.47 22.76
CA LEU E 312 -1.90 6.38 23.99
C LEU E 312 -1.37 5.00 24.21
N LEU E 313 -0.07 4.90 24.47
CA LEU E 313 0.57 3.62 24.85
C LEU E 313 0.72 3.60 26.36
N ALA E 314 0.19 2.57 26.96
CA ALA E 314 0.28 2.37 28.41
C ALA E 314 1.70 2.20 28.88
N THR E 315 2.08 2.94 29.92
CA THR E 315 3.41 2.85 30.48
C THR E 315 3.31 2.56 31.96
N GLY E 316 2.18 2.03 32.36
CA GLY E 316 1.96 1.59 33.70
C GLY E 316 0.93 0.47 33.72
N MET E 317 0.66 -0.03 34.92
CA MET E 317 -0.25 -1.14 35.11
C MET E 317 -1.69 -0.63 35.15
N ARG E 318 -2.62 -1.57 35.29
CA ARG E 318 -4.03 -1.24 35.43
C ARG E 318 -4.20 -0.46 36.72
N ASN E 319 -5.02 0.59 36.70
CA ASN E 319 -5.13 1.46 37.86
C ASN E 319 -6.35 1.13 38.67
N VAL E 320 -6.15 0.65 39.89
CA VAL E 320 -7.25 0.30 40.79
C VAL E 320 -7.12 1.14 42.09
N PRO E 321 -7.80 2.30 42.17
CA PRO E 321 -7.70 3.20 43.36
C PRO E 321 -8.43 2.71 44.62
N GLU E 322 -8.19 3.34 45.77
CA GLU E 322 -8.70 2.84 47.08
C GLU E 322 -10.12 3.28 47.42
N GLY F 1 -7.08 -9.96 36.32
CA GLY F 1 -7.15 -10.18 34.83
C GLY F 1 -6.65 -11.57 34.46
N LEU F 2 -5.67 -11.63 33.55
CA LEU F 2 -5.13 -12.93 33.12
C LEU F 2 -4.55 -13.74 34.25
N PHE F 3 -3.73 -13.09 35.08
CA PHE F 3 -3.06 -13.78 36.19
C PHE F 3 -3.78 -13.59 37.51
N GLY F 4 -4.93 -12.95 37.48
CA GLY F 4 -5.86 -12.97 38.62
C GLY F 4 -5.45 -12.24 39.88
N ALA F 5 -4.41 -11.40 39.81
CA ALA F 5 -3.87 -10.69 40.98
C ALA F 5 -4.30 -9.23 41.01
N ILE F 6 -3.75 -8.43 40.10
CA ILE F 6 -4.19 -7.05 39.92
C ILE F 6 -5.63 -7.06 39.38
N ALA F 7 -6.49 -6.31 40.09
CA ALA F 7 -7.94 -6.33 39.93
C ALA F 7 -8.51 -7.75 39.98
N GLY F 8 -7.86 -8.60 40.77
CA GLY F 8 -8.28 -9.95 40.99
C GLY F 8 -8.42 -10.12 42.50
N PHE F 9 -7.54 -10.93 43.11
CA PHE F 9 -7.68 -11.26 44.52
C PHE F 9 -7.10 -10.17 45.41
N ILE F 10 -6.21 -9.35 44.86
CA ILE F 10 -5.80 -8.11 45.53
C ILE F 10 -6.85 -7.10 45.10
N GLU F 11 -7.62 -6.63 46.07
CA GLU F 11 -8.79 -5.82 45.75
C GLU F 11 -8.47 -4.44 45.23
N ASN F 12 -7.36 -3.84 45.64
CA ASN F 12 -7.01 -2.54 45.11
C ASN F 12 -5.56 -2.17 45.33
N GLY F 13 -5.15 -1.11 44.64
CA GLY F 13 -3.81 -0.56 44.73
C GLY F 13 -3.65 0.29 45.96
N TRP F 14 -2.40 0.57 46.30
CA TRP F 14 -2.04 1.47 47.38
C TRP F 14 -1.59 2.79 46.77
N GLU F 15 -2.29 3.88 47.07
CA GLU F 15 -1.86 5.19 46.55
C GLU F 15 -0.71 5.76 47.35
N GLY F 16 -0.59 5.35 48.62
CA GLY F 16 0.53 5.74 49.43
C GLY F 16 1.86 5.18 48.97
N MET F 17 1.85 4.08 48.23
CA MET F 17 3.10 3.54 47.72
C MET F 17 3.60 4.32 46.53
N VAL F 18 4.69 5.03 46.72
CA VAL F 18 5.29 5.85 45.66
C VAL F 18 6.77 5.53 45.43
N ASP F 19 7.32 4.58 46.20
CA ASP F 19 8.73 4.19 46.06
C ASP F 19 8.88 3.20 44.92
N GLY F 20 7.81 2.47 44.62
CA GLY F 20 7.85 1.42 43.63
C GLY F 20 6.47 0.99 43.17
N TRP F 21 6.43 -0.07 42.39
CA TRP F 21 5.21 -0.50 41.77
C TRP F 21 4.52 -1.60 42.52
N TYR F 22 5.33 -2.49 43.06
CA TYR F 22 4.82 -3.53 43.89
C TYR F 22 5.51 -3.36 45.22
N GLY F 23 4.98 -3.96 46.25
CA GLY F 23 5.55 -3.82 47.56
C GLY F 23 4.80 -4.54 48.66
N PHE F 24 5.33 -4.38 49.87
CA PHE F 24 4.90 -5.11 51.04
C PHE F 24 4.38 -4.16 52.08
N ARG F 25 3.61 -4.71 53.00
CA ARG F 25 3.01 -3.95 54.06
C ARG F 25 2.72 -4.90 55.22
N HIS F 26 3.20 -4.59 56.42
CA HIS F 26 3.19 -5.56 57.51
C HIS F 26 2.60 -5.06 58.82
N GLN F 27 2.35 -5.98 59.72
CA GLN F 27 1.90 -5.66 61.03
C GLN F 27 2.32 -6.74 61.98
N ASN F 28 3.07 -6.33 63.01
CA ASN F 28 3.55 -7.22 64.03
C ASN F 28 3.53 -6.47 65.34
N ALA F 29 4.03 -7.10 66.41
CA ALA F 29 4.02 -6.49 67.76
C ALA F 29 4.64 -5.09 67.79
N GLN F 30 5.62 -4.81 66.93
CA GLN F 30 6.28 -3.49 66.93
C GLN F 30 5.59 -2.43 66.06
N GLY F 31 4.50 -2.79 65.41
CA GLY F 31 3.71 -1.83 64.67
C GLY F 31 3.56 -2.23 63.24
N THR F 32 3.32 -1.22 62.39
CA THR F 32 3.09 -1.43 60.98
C THR F 32 4.19 -0.81 60.14
N GLY F 33 4.32 -1.26 58.89
CA GLY F 33 5.32 -0.74 57.95
C GLY F 33 4.87 -0.90 56.49
N GLN F 34 5.55 -0.18 55.60
CA GLN F 34 5.35 -0.32 54.17
C GLN F 34 6.69 -0.33 53.48
N ALA F 35 6.86 -1.15 52.46
CA ALA F 35 8.10 -1.16 51.70
C ALA F 35 7.94 -1.70 50.28
N ALA F 36 8.65 -1.11 49.34
CA ALA F 36 8.55 -1.50 47.92
C ALA F 36 9.51 -2.65 47.60
N ASP F 37 9.16 -3.48 46.62
CA ASP F 37 10.03 -4.52 46.12
C ASP F 37 10.78 -3.97 44.92
N TYR F 38 12.11 -3.98 45.00
CA TYR F 38 12.97 -3.53 43.92
C TYR F 38 12.91 -4.47 42.71
N LYS F 39 13.07 -5.79 42.92
CA LYS F 39 13.32 -6.65 41.76
C LYS F 39 12.09 -6.66 40.85
N SER F 40 10.90 -6.78 41.44
CA SER F 40 9.67 -6.89 40.67
C SER F 40 9.31 -5.58 39.98
N THR F 41 9.54 -4.48 40.68
CA THR F 41 9.30 -3.18 40.10
C THR F 41 10.22 -2.94 38.91
N GLN F 42 11.49 -3.31 39.07
CA GLN F 42 12.46 -3.10 38.01
C GLN F 42 12.16 -3.99 36.82
N ALA F 43 11.75 -5.23 37.09
CA ALA F 43 11.36 -6.18 36.06
C ALA F 43 10.24 -5.60 35.19
N ALA F 44 9.23 -5.01 35.82
CA ALA F 44 8.15 -4.41 35.07
C ALA F 44 8.59 -3.17 34.29
N ILE F 45 9.33 -2.27 34.94
CA ILE F 45 9.74 -1.03 34.29
C ILE F 45 10.64 -1.27 33.06
N ASP F 46 11.52 -2.26 33.17
CA ASP F 46 12.47 -2.53 32.10
C ASP F 46 11.77 -2.99 30.83
N GLN F 47 10.68 -3.73 30.98
CA GLN F 47 9.96 -4.23 29.83
C GLN F 47 9.09 -3.18 29.20
N ILE F 48 8.58 -2.25 29.99
CA ILE F 48 7.99 -1.02 29.41
C ILE F 48 9.04 -0.17 28.68
N THR F 49 10.22 -0.03 29.25
CA THR F 49 11.27 0.73 28.57
C THR F 49 11.69 0.04 27.28
N GLY F 50 11.71 -1.29 27.29
CA GLY F 50 11.97 -2.06 26.08
C GLY F 50 11.00 -1.73 24.97
N LYS F 51 9.70 -1.74 25.32
CA LYS F 51 8.63 -1.40 24.40
C LYS F 51 8.83 -0.01 23.87
N LEU F 52 9.09 0.94 24.75
CA LEU F 52 9.30 2.33 24.32
C LEU F 52 10.51 2.47 23.42
N ASN F 53 11.59 1.77 23.71
CA ASN F 53 12.73 1.87 22.86
C ASN F 53 12.48 1.32 21.46
N ARG F 54 11.52 0.44 21.28
CA ARG F 54 11.27 -0.08 19.95
C ARG F 54 10.40 0.87 19.12
N LEU F 55 9.49 1.59 19.76
CA LEU F 55 8.54 2.41 19.01
C LEU F 55 9.11 3.78 18.74
N ILE F 56 9.95 4.26 19.65
CA ILE F 56 10.76 5.45 19.41
C ILE F 56 12.05 4.99 18.69
N GLU F 57 12.74 5.92 18.03
CA GLU F 57 14.09 5.68 17.46
C GLU F 57 14.21 4.94 16.13
N LYS F 58 13.12 4.48 15.54
CA LYS F 58 13.22 3.77 14.26
C LYS F 58 13.74 4.75 13.20
N THR F 59 14.50 4.25 12.23
CA THR F 59 14.97 5.09 11.11
C THR F 59 14.00 5.02 9.94
N ASN F 60 13.60 6.19 9.43
CA ASN F 60 12.64 6.28 8.33
C ASN F 60 13.35 6.31 6.98
N THR F 61 12.59 5.99 5.93
CA THR F 61 13.16 5.96 4.59
C THR F 61 12.82 7.29 3.91
N GLU F 62 13.60 7.65 2.88
CA GLU F 62 13.48 8.94 2.23
C GLU F 62 12.32 8.90 1.26
N PHE F 63 11.50 9.95 1.24
CA PHE F 63 10.50 10.12 0.19
C PHE F 63 10.58 11.49 -0.45
N GLU F 64 10.30 11.54 -1.75
CA GLU F 64 10.18 12.77 -2.52
C GLU F 64 8.71 13.04 -2.84
N SER F 65 8.44 14.30 -3.20
CA SER F 65 7.14 14.69 -3.67
C SER F 65 6.86 13.99 -4.99
N ILE F 66 5.69 13.37 -5.09
CA ILE F 66 5.17 12.88 -6.37
C ILE F 66 4.01 13.76 -6.87
N GLU F 67 3.54 14.68 -6.03
CA GLU F 67 2.53 15.69 -6.38
C GLU F 67 3.16 17.06 -6.50
N SER F 68 2.41 18.04 -6.99
CA SER F 68 2.71 19.42 -6.77
C SER F 68 1.66 19.95 -5.81
N GLU F 69 2.09 20.64 -4.77
CA GLU F 69 1.18 21.36 -3.89
C GLU F 69 0.55 22.58 -4.53
N PHE F 70 1.16 23.12 -5.58
CA PHE F 70 0.84 24.48 -6.05
C PHE F 70 0.28 24.54 -7.45
N SER F 71 0.83 23.74 -8.35
CA SER F 71 0.40 23.70 -9.73
C SER F 71 -0.32 22.38 -9.76
N GLU F 72 -1.48 22.37 -9.13
CA GLU F 72 -2.26 21.18 -9.09
C GLU F 72 -2.46 20.66 -10.53
N ILE F 73 -2.33 19.37 -10.67
CA ILE F 73 -2.10 18.76 -11.94
C ILE F 73 -3.36 18.10 -12.40
N GLU F 74 -3.39 17.86 -13.70
CA GLU F 74 -3.91 16.66 -14.31
C GLU F 74 -4.71 15.70 -13.40
N HIS F 75 -5.75 15.08 -13.95
CA HIS F 75 -6.73 14.44 -13.09
C HIS F 75 -6.71 12.91 -12.90
N GLN F 76 -6.45 12.17 -13.96
CA GLN F 76 -6.47 10.69 -13.93
C GLN F 76 -5.37 10.12 -13.03
N ILE F 77 -4.16 10.62 -13.22
CA ILE F 77 -2.98 10.24 -12.44
C ILE F 77 -3.08 10.76 -11.01
N GLY F 78 -3.68 11.93 -10.84
CA GLY F 78 -3.98 12.43 -9.51
C GLY F 78 -4.88 11.49 -8.73
N ASN F 79 -5.94 11.01 -9.37
CA ASN F 79 -6.90 10.14 -8.66
C ASN F 79 -6.25 8.82 -8.26
N ILE F 80 -5.33 8.35 -9.08
CA ILE F 80 -4.59 7.15 -8.75
C ILE F 80 -3.65 7.38 -7.55
N ILE F 81 -3.02 8.53 -7.47
CA ILE F 81 -2.20 8.86 -6.32
C ILE F 81 -3.08 9.01 -5.08
N ASN F 82 -4.17 9.77 -5.16
CA ASN F 82 -5.02 9.96 -3.96
C ASN F 82 -5.46 8.61 -3.41
N TRP F 83 -5.82 7.73 -4.32
CA TRP F 83 -6.32 6.43 -3.97
C TRP F 83 -5.26 5.65 -3.24
N THR F 84 -4.07 5.61 -3.82
CA THR F 84 -2.97 4.88 -3.27
C THR F 84 -2.58 5.45 -1.92
N LYS F 85 -2.52 6.78 -1.81
CA LYS F 85 -2.14 7.39 -0.54
C LYS F 85 -3.22 7.16 0.54
N ASP F 86 -4.50 7.28 0.24
CA ASP F 86 -5.56 6.96 1.23
C ASP F 86 -5.57 5.49 1.62
N SER F 87 -5.27 4.64 0.65
CA SER F 87 -5.21 3.22 0.90
C SER F 87 -4.10 2.89 1.89
N ILE F 88 -3.00 3.62 1.80
CA ILE F 88 -1.87 3.43 2.69
C ILE F 88 -2.12 4.03 4.07
N THR F 89 -2.77 5.17 4.09
CA THR F 89 -3.13 5.78 5.35
C THR F 89 -4.01 4.84 6.13
N ASP F 90 -4.98 4.21 5.48
CA ASP F 90 -5.82 3.21 6.15
C ASP F 90 -5.01 2.11 6.75
N ILE F 91 -4.06 1.63 6.00
CA ILE F 91 -3.14 0.62 6.51
C ILE F 91 -2.34 1.08 7.73
N TRP F 92 -1.72 2.27 7.66
CA TRP F 92 -0.93 2.70 8.83
C TRP F 92 -1.79 3.06 10.04
N THR F 93 -2.98 3.60 9.82
CA THR F 93 -3.77 3.99 10.99
C THR F 93 -4.25 2.72 11.66
N TYR F 94 -4.64 1.73 10.86
CA TYR F 94 -5.08 0.45 11.41
C TYR F 94 -3.97 -0.21 12.21
N GLN F 95 -2.76 -0.23 11.65
CA GLN F 95 -1.62 -0.88 12.29
C GLN F 95 -1.27 -0.21 13.57
N ALA F 96 -1.36 1.10 13.58
CA ALA F 96 -1.06 1.85 14.77
C ALA F 96 -2.09 1.48 15.83
N GLU F 97 -3.35 1.54 15.44
CA GLU F 97 -4.42 1.21 16.36
C GLU F 97 -4.27 -0.22 16.91
N LEU F 98 -3.85 -1.16 16.07
CA LEU F 98 -3.59 -2.52 16.52
C LEU F 98 -2.37 -2.67 17.40
N LEU F 99 -1.28 -2.04 16.99
CA LEU F 99 -0.03 -2.04 17.74
C LEU F 99 -0.24 -1.60 19.17
N VAL F 100 -0.85 -0.43 19.34
CA VAL F 100 -1.06 0.11 20.66
C VAL F 100 -2.02 -0.74 21.51
N ALA F 101 -3.12 -1.15 20.90
CA ALA F 101 -4.10 -2.02 21.56
C ALA F 101 -3.43 -3.25 22.12
N MET F 102 -2.61 -3.91 21.32
CA MET F 102 -2.10 -5.19 21.74
C MET F 102 -0.94 -5.03 22.70
N GLU F 103 -0.12 -3.99 22.52
CA GLU F 103 0.97 -3.70 23.41
C GLU F 103 0.41 -3.38 24.79
N ASN F 104 -0.72 -2.68 24.80
CA ASN F 104 -1.34 -2.31 26.03
C ASN F 104 -1.91 -3.48 26.74
N GLN F 105 -2.59 -4.34 26.00
CA GLN F 105 -3.08 -5.59 26.55
C GLN F 105 -1.95 -6.34 27.20
N HIS F 106 -0.80 -6.37 26.53
CA HIS F 106 0.37 -7.10 27.02
C HIS F 106 0.97 -6.42 28.25
N THR F 107 1.17 -5.09 28.21
CA THR F 107 1.68 -4.33 29.35
C THR F 107 0.83 -4.62 30.61
N ILE F 108 -0.48 -4.50 30.49
CA ILE F 108 -1.36 -4.73 31.60
C ILE F 108 -1.25 -6.14 32.17
N ASP F 109 -1.21 -7.11 31.29
CA ASP F 109 -1.11 -8.50 31.70
C ASP F 109 0.26 -8.86 32.24
N MET F 110 1.30 -8.23 31.68
CA MET F 110 2.68 -8.35 32.19
C MET F 110 2.76 -7.85 33.62
N ALA F 111 2.15 -6.70 33.88
CA ALA F 111 2.22 -6.10 35.21
C ALA F 111 1.51 -6.96 36.26
N ASP F 112 0.37 -7.55 35.87
CA ASP F 112 -0.36 -8.55 36.67
C ASP F 112 0.53 -9.76 37.02
N SER F 113 1.25 -10.24 36.02
CA SER F 113 2.15 -11.36 36.17
C SER F 113 3.27 -11.10 37.19
N GLU F 114 3.88 -9.92 37.14
CA GLU F 114 5.00 -9.67 38.02
C GLU F 114 4.45 -9.61 39.46
N MET F 115 3.24 -9.11 39.63
CA MET F 115 2.59 -9.13 40.94
C MET F 115 2.35 -10.57 41.43
N LEU F 116 1.82 -11.44 40.56
CA LEU F 116 1.66 -12.84 40.93
C LEU F 116 3.01 -13.47 41.27
N ASN F 117 4.02 -13.22 40.45
CA ASN F 117 5.34 -13.83 40.71
C ASN F 117 5.86 -13.46 42.09
N LEU F 118 5.60 -12.23 42.50
CA LEU F 118 6.07 -11.74 43.79
C LEU F 118 5.32 -12.46 44.90
N TYR F 119 4.01 -12.59 44.76
CA TYR F 119 3.23 -13.43 45.65
C TYR F 119 3.77 -14.83 45.77
N GLU F 120 4.01 -15.48 44.62
CA GLU F 120 4.41 -16.89 44.64
C GLU F 120 5.75 -17.06 45.31
N ARG F 121 6.62 -16.08 45.12
CA ARG F 121 7.98 -16.10 45.67
C ARG F 121 7.89 -16.22 47.19
N VAL F 122 7.10 -15.33 47.75
CA VAL F 122 6.96 -15.24 49.18
C VAL F 122 6.23 -16.44 49.73
N ARG F 123 5.21 -16.91 49.02
CA ARG F 123 4.51 -18.10 49.49
C ARG F 123 5.43 -19.29 49.67
N LYS F 124 6.28 -19.53 48.68
CA LYS F 124 7.19 -20.65 48.74
C LYS F 124 8.24 -20.44 49.83
N GLN F 125 8.59 -19.19 50.08
CA GLN F 125 9.63 -18.89 51.05
C GLN F 125 9.18 -19.21 52.47
N LEU F 126 7.92 -18.90 52.77
CA LEU F 126 7.33 -19.19 54.09
C LEU F 126 6.99 -20.64 54.33
N ARG F 127 7.08 -21.49 53.29
CA ARG F 127 6.94 -22.91 53.49
C ARG F 127 5.68 -23.18 54.31
N GLN F 128 5.85 -23.92 55.40
CA GLN F 128 4.75 -24.47 56.16
C GLN F 128 4.38 -23.55 57.30
N ASN F 129 4.99 -22.38 57.28
CA ASN F 129 5.06 -21.54 58.43
C ASN F 129 4.08 -20.33 58.36
N ALA F 130 3.22 -20.34 57.32
CA ALA F 130 2.20 -19.29 57.11
C ALA F 130 1.01 -19.84 56.35
N GLU F 131 -0.06 -19.05 56.27
CA GLU F 131 -1.24 -19.42 55.52
C GLU F 131 -1.75 -18.24 54.72
N GLU F 132 -2.29 -18.51 53.53
CA GLU F 132 -2.76 -17.46 52.67
C GLU F 132 -4.16 -17.03 53.11
N ASP F 133 -4.32 -15.72 53.25
CA ASP F 133 -5.55 -15.06 53.63
C ASP F 133 -6.59 -15.13 52.50
N GLY F 134 -6.15 -14.98 51.24
CA GLY F 134 -7.06 -14.98 50.09
C GLY F 134 -7.22 -13.59 49.53
N LYS F 135 -6.67 -12.62 50.25
CA LYS F 135 -6.75 -11.23 49.91
C LYS F 135 -5.38 -10.65 49.49
N GLY F 136 -4.36 -11.48 49.44
CA GLY F 136 -3.02 -11.01 49.14
C GLY F 136 -2.09 -11.02 50.34
N CYS F 137 -2.62 -11.38 51.50
CA CYS F 137 -1.83 -11.47 52.72
C CYS F 137 -1.50 -12.89 53.16
N PHE F 138 -0.41 -12.98 53.93
CA PHE F 138 0.00 -14.20 54.57
C PHE F 138 -0.09 -13.99 56.09
N GLU F 139 -0.76 -14.89 56.81
CA GLU F 139 -0.79 -14.87 58.28
C GLU F 139 0.31 -15.81 58.78
N ILE F 140 1.20 -15.26 59.61
CA ILE F 140 2.44 -15.91 60.03
C ILE F 140 2.25 -16.48 61.42
N TYR F 141 2.44 -17.78 61.55
CA TYR F 141 2.02 -18.49 62.75
C TYR F 141 3.18 -18.58 63.75
N HIS F 142 4.09 -17.63 63.63
CA HIS F 142 5.15 -17.45 64.59
C HIS F 142 5.32 -15.94 64.77
N LYS F 143 6.05 -15.53 65.78
CA LYS F 143 6.26 -14.11 66.09
C LYS F 143 7.37 -13.54 65.17
N CYS F 144 7.02 -12.62 64.27
CA CYS F 144 7.94 -12.18 63.21
C CYS F 144 8.26 -10.66 63.36
N ASP F 145 9.36 -10.37 64.04
CA ASP F 145 9.87 -8.99 64.22
C ASP F 145 10.37 -8.33 62.95
N ASP F 146 10.77 -7.06 63.03
CA ASP F 146 11.15 -6.24 61.83
C ASP F 146 12.30 -6.83 60.99
N ASN F 147 13.26 -7.48 61.62
CA ASN F 147 14.29 -8.18 60.89
C ASN F 147 13.78 -9.42 60.14
N CYS F 148 12.87 -10.16 60.77
CA CYS F 148 12.23 -11.31 60.15
C CYS F 148 11.42 -10.84 58.93
N MET F 149 10.71 -9.74 59.07
CA MET F 149 9.98 -9.14 57.93
C MET F 149 10.89 -8.73 56.77
N GLU F 150 12.06 -8.19 57.09
CA GLU F 150 13.07 -7.89 56.09
C GLU F 150 13.57 -9.16 55.41
N SER F 151 13.73 -10.24 56.17
CA SER F 151 14.25 -11.48 55.57
C SER F 151 13.36 -11.92 54.44
N ILE F 152 12.06 -11.74 54.67
CA ILE F 152 11.04 -12.13 53.71
C ILE F 152 11.12 -11.26 52.47
N ARG F 153 11.29 -9.96 52.69
CA ARG F 153 11.45 -9.01 51.61
C ARG F 153 12.72 -9.14 50.76
N ASN F 154 13.86 -9.62 51.29
CA ASN F 154 15.02 -9.95 50.42
C ASN F 154 15.34 -11.45 50.19
N ASN F 155 14.30 -12.28 50.25
CA ASN F 155 14.43 -13.74 50.13
C ASN F 155 15.57 -14.40 50.94
N THR F 156 15.68 -14.06 52.22
CA THR F 156 16.68 -14.71 53.07
C THR F 156 16.05 -15.40 54.25
N TYR F 157 14.74 -15.31 54.35
CA TYR F 157 13.98 -15.94 55.40
C TYR F 157 14.24 -17.42 55.47
N ASP F 158 14.66 -17.92 56.63
CA ASP F 158 14.98 -19.33 56.85
C ASP F 158 13.78 -20.13 57.42
N HIS F 159 13.17 -20.99 56.61
CA HIS F 159 11.99 -21.76 57.05
C HIS F 159 12.30 -22.62 58.28
N THR F 160 13.53 -23.16 58.33
CA THR F 160 13.91 -24.16 59.34
C THR F 160 13.77 -23.58 60.73
N GLN F 161 14.18 -22.34 60.79
CA GLN F 161 14.34 -21.64 62.01
C GLN F 161 13.11 -21.35 62.80
N TYR F 162 11.95 -21.31 62.15
CA TYR F 162 10.68 -21.07 62.84
C TYR F 162 9.67 -22.20 62.66
N ARG F 163 10.09 -23.31 62.06
CA ARG F 163 9.16 -24.36 61.65
C ARG F 163 8.48 -24.98 62.87
N GLU F 164 9.30 -25.40 63.85
CA GLU F 164 8.90 -26.03 65.14
C GLU F 164 7.57 -25.61 65.73
N GLU F 165 7.29 -24.31 65.61
CA GLU F 165 6.35 -23.61 66.43
C GLU F 165 5.26 -23.10 65.53
N ALA F 166 5.65 -22.63 64.35
CA ALA F 166 4.70 -22.32 63.35
C ALA F 166 3.73 -23.49 63.31
N LEU F 167 4.27 -24.71 63.13
CA LEU F 167 3.44 -25.90 63.03
C LEU F 167 2.60 -26.00 64.29
N LEU F 168 3.22 -25.75 65.42
CA LEU F 168 2.54 -25.86 66.69
C LEU F 168 1.30 -24.98 66.79
N ASN F 169 1.40 -23.76 66.29
CA ASN F 169 0.27 -22.83 66.29
C ASN F 169 -0.71 -23.05 65.17
N ARG F 170 -0.27 -23.68 64.09
CA ARG F 170 -1.19 -24.17 63.06
C ARG F 170 -1.97 -25.36 63.60
N LEU F 171 -1.42 -26.10 64.58
CA LEU F 171 -2.12 -27.25 65.12
C LEU F 171 -3.10 -26.73 66.12
N ASN F 172 -4.16 -26.11 65.62
CA ASN F 172 -5.26 -25.68 66.46
C ASN F 172 -6.43 -25.17 65.61
#